data_6IUM
#
_entry.id   6IUM
#
_cell.length_a   91.260
_cell.length_b   103.154
_cell.length_c   97.693
_cell.angle_alpha   90.000
_cell.angle_beta   107.020
_cell.angle_gamma   90.000
#
_symmetry.space_group_name_H-M   'P 1 21 1'
#
loop_
_entity.id
_entity.type
_entity.pdbx_description
1 polymer 'Enoyl-CoA hydratase/Delta(3)-cis-delta(2)-trans-enoyl-CoA isomerase'
2 non-polymer GLYCEROL
3 non-polymer 'PHOSPHATE ION'
4 water water
#
_entity_poly.entity_id   1
_entity_poly.type   'polypeptide(L)'
_entity_poly.pdbx_seq_one_letter_code
;MTAQYQVQDGVAVITLDNPPVNGLGHSTRLGIVEGMTRALDDAAVKAIVITGAGKAFSGGADIREFNTPKAMQEPTLHSV
IRVLEGSSKPVVAAVHSVAMGGGLELALGCNYRVASKGAQIALPEVKLGLLPGAGGTQRLPRVIGLEAAANMIVSGTPVL
SEKFAGTKLFDEIVDGDVLPAAVKFAQNVGAATGPHPKVRDLKVRHENPEGYLGFARNTVAAMAKNFPAPLKCLEAVAGS
LKPFEQGLKQEREGFLYLVTTPESRALRHAFFGERAASKIPDVPEGTPTRKIEKVAVIGAGTMGGGISMNFLNAGIPVTI
LETKQEALDRGVGIIRKNYENSAKKGKLTQEKVEQRMGLLSTTLSYDDLKDADLIIEAVFEEMGVKETVFKKLDEVAKQG
AILASNTSTLDVNKIASFTKRPQDVVGMHFFSPANVMKLLEVVRGEKTGKDVLATVMQVGKKIKKTAVVSGVCDGFIGNR
MIEQYSRQAGYLLDEGALPEQVDKAIEKFGFAMGPFRMGDLAGNDIGWAIRKRRAVDKPEIQYSKTADLLCEMGRFGQKT
GAGWYDYKAGDRKPYPNQQVNDMIVQHSKDLGITRRKISDEEIVERLVFALVNEGARILEEGIASKASDIDMVYLTGYGF
PLFRGGPMLYADQVGLYNVALSMKRYAKGYHGEAWQVAPLLQKLADEGKGFNGLEHHHHHH
;
_entity_poly.pdbx_strand_id   B,A
#
# COMPACT_ATOMS: atom_id res chain seq x y z
N THR A 2 8.02 -33.10 -11.78
CA THR A 2 7.19 -34.30 -12.11
C THR A 2 6.18 -33.97 -13.17
N ALA A 3 5.52 -35.02 -13.62
CA ALA A 3 4.37 -34.93 -14.43
C ALA A 3 3.34 -35.90 -13.89
N GLN A 4 2.12 -35.44 -13.62
CA GLN A 4 1.01 -36.31 -13.19
C GLN A 4 0.38 -36.97 -14.39
N TYR A 5 -0.23 -38.12 -14.19
CA TYR A 5 -0.86 -38.86 -15.27
C TYR A 5 -2.28 -39.24 -14.87
N GLN A 6 -3.25 -39.00 -15.73
CA GLN A 6 -4.61 -39.48 -15.45
C GLN A 6 -5.41 -39.61 -16.71
N VAL A 7 -6.10 -40.74 -16.82
CA VAL A 7 -6.98 -40.98 -17.97
C VAL A 7 -8.38 -40.51 -17.57
N GLN A 8 -9.12 -39.97 -18.54
CA GLN A 8 -10.55 -39.58 -18.36
C GLN A 8 -11.12 -39.58 -19.75
N ASP A 9 -12.07 -40.48 -19.98
CA ASP A 9 -12.86 -40.49 -21.20
C ASP A 9 -12.06 -40.68 -22.48
N GLY A 10 -11.10 -41.59 -22.37
CA GLY A 10 -10.26 -41.99 -23.47
C GLY A 10 -9.13 -40.99 -23.78
N VAL A 11 -8.86 -40.06 -22.87
CA VAL A 11 -7.79 -39.05 -23.04
C VAL A 11 -6.80 -39.15 -21.91
N ALA A 12 -5.55 -39.44 -22.24
CA ALA A 12 -4.54 -39.41 -21.18
C ALA A 12 -4.13 -37.96 -21.02
N VAL A 13 -4.21 -37.48 -19.80
CA VAL A 13 -3.81 -36.10 -19.46
C VAL A 13 -2.53 -36.18 -18.65
N ILE A 14 -1.46 -35.58 -19.19
CA ILE A 14 -0.18 -35.49 -18.54
C ILE A 14 -0.03 -34.08 -18.09
N THR A 15 0.20 -33.88 -16.80
CA THR A 15 0.28 -32.56 -16.26
C THR A 15 1.65 -32.28 -15.68
N LEU A 16 2.37 -31.32 -16.29
CA LEU A 16 3.65 -30.84 -15.78
C LEU A 16 3.36 -30.22 -14.45
N ASP A 17 4.15 -30.59 -13.46
CA ASP A 17 3.90 -30.11 -12.09
C ASP A 17 5.23 -29.94 -11.35
N ASN A 18 5.77 -28.73 -11.45
CA ASN A 18 7.05 -28.41 -10.84
C ASN A 18 7.02 -26.91 -10.57
N PRO A 19 6.32 -26.48 -9.51
CA PRO A 19 6.14 -25.07 -9.22
C PRO A 19 7.46 -24.40 -9.06
N PRO A 20 7.60 -23.10 -9.32
CA PRO A 20 6.52 -22.18 -9.64
C PRO A 20 6.11 -22.10 -11.12
N VAL A 21 6.96 -22.54 -12.04
CA VAL A 21 6.64 -22.35 -13.46
C VAL A 21 6.69 -23.62 -14.32
N ASN A 22 6.63 -24.78 -13.66
CA ASN A 22 6.77 -26.06 -14.33
C ASN A 22 7.98 -26.10 -15.23
N GLY A 23 9.08 -25.65 -14.68
CA GLY A 23 10.35 -25.86 -15.27
C GLY A 23 10.59 -27.31 -15.72
N LEU A 24 11.21 -27.40 -16.89
CA LEU A 24 11.46 -28.64 -17.55
C LEU A 24 12.77 -29.28 -17.00
N GLY A 25 12.81 -29.50 -15.68
CA GLY A 25 13.96 -30.20 -15.00
C GLY A 25 13.91 -31.70 -15.28
N HIS A 26 14.93 -32.48 -14.86
CA HIS A 26 15.00 -33.94 -15.20
C HIS A 26 13.73 -34.73 -14.82
N SER A 27 13.30 -34.57 -13.59
CA SER A 27 12.13 -35.32 -13.13
C SER A 27 10.90 -35.00 -13.96
N THR A 28 10.77 -33.75 -14.44
CA THR A 28 9.60 -33.36 -15.24
C THR A 28 9.67 -33.96 -16.63
N ARG A 29 10.83 -33.88 -17.23
CA ARG A 29 11.06 -34.47 -18.53
C ARG A 29 10.84 -36.00 -18.49
N LEU A 30 11.36 -36.64 -17.43
CA LEU A 30 11.18 -38.08 -17.22
C LEU A 30 9.68 -38.39 -17.05
N GLY A 31 8.97 -37.61 -16.23
CA GLY A 31 7.49 -37.76 -16.13
C GLY A 31 6.76 -37.67 -17.46
N ILE A 32 7.16 -36.76 -18.32
CA ILE A 32 6.48 -36.65 -19.59
C ILE A 32 6.65 -37.94 -20.38
N VAL A 33 7.89 -38.51 -20.34
CA VAL A 33 8.16 -39.70 -21.15
C VAL A 33 7.40 -40.93 -20.58
N GLU A 34 7.37 -41.04 -19.27
CA GLU A 34 6.71 -42.17 -18.61
C GLU A 34 5.23 -42.12 -18.94
N GLY A 35 4.64 -40.93 -18.87
CA GLY A 35 3.25 -40.69 -19.17
C GLY A 35 2.97 -41.07 -20.59
N MET A 36 3.83 -40.65 -21.51
CA MET A 36 3.64 -41.04 -22.91
C MET A 36 3.66 -42.58 -23.11
N THR A 37 4.57 -43.27 -22.40
CA THR A 37 4.72 -44.72 -22.52
C THR A 37 3.40 -45.38 -22.02
N ARG A 38 2.92 -44.97 -20.84
CA ARG A 38 1.64 -45.47 -20.28
C ARG A 38 0.46 -45.22 -21.20
N ALA A 39 0.39 -44.02 -21.78
CA ALA A 39 -0.71 -43.68 -22.68
C ALA A 39 -0.68 -44.51 -23.96
N LEU A 40 0.51 -44.77 -24.50
CA LEU A 40 0.62 -45.53 -25.75
C LEU A 40 0.27 -47.04 -25.56
N ASP A 41 0.49 -47.55 -24.36
CA ASP A 41 0.22 -48.97 -24.04
C ASP A 41 -1.30 -49.24 -23.77
N ASP A 42 -2.01 -48.20 -23.34
CA ASP A 42 -3.38 -48.33 -22.88
C ASP A 42 -4.29 -48.23 -24.05
N ALA A 43 -4.83 -49.36 -24.47
CA ALA A 43 -5.72 -49.39 -25.64
C ALA A 43 -6.97 -48.50 -25.50
N ALA A 44 -7.43 -48.26 -24.26
CA ALA A 44 -8.55 -47.35 -24.00
C ALA A 44 -8.21 -45.85 -24.27
N VAL A 45 -6.92 -45.51 -24.20
CA VAL A 45 -6.46 -44.16 -24.45
C VAL A 45 -6.41 -43.95 -25.96
N LYS A 46 -7.20 -42.99 -26.42
CA LYS A 46 -7.28 -42.63 -27.83
C LYS A 46 -6.44 -41.40 -28.23
N ALA A 47 -6.12 -40.55 -27.25
CA ALA A 47 -5.38 -39.31 -27.46
C ALA A 47 -4.79 -38.82 -26.16
N ILE A 48 -3.88 -37.84 -26.28
CA ILE A 48 -3.10 -37.40 -25.17
C ILE A 48 -3.17 -35.85 -25.11
N VAL A 49 -3.31 -35.33 -23.91
CA VAL A 49 -3.25 -33.90 -23.61
C VAL A 49 -2.06 -33.69 -22.67
N ILE A 50 -1.21 -32.72 -23.02
CA ILE A 50 -0.18 -32.25 -22.12
C ILE A 50 -0.58 -30.84 -21.66
N THR A 51 -0.60 -30.64 -20.33
CA THR A 51 -0.86 -29.33 -19.80
C THR A 51 0.07 -29.05 -18.60
N GLY A 52 -0.11 -27.91 -17.97
CA GLY A 52 0.64 -27.57 -16.79
C GLY A 52 -0.22 -27.26 -15.57
N ALA A 53 0.32 -27.57 -14.40
CA ALA A 53 -0.32 -27.27 -13.11
C ALA A 53 -0.07 -25.85 -12.70
N GLY A 54 -0.99 -25.37 -11.87
CA GLY A 54 -0.89 -24.01 -11.33
C GLY A 54 -0.84 -22.82 -12.35
N LYS A 55 0.21 -22.02 -12.25
CA LYS A 55 0.28 -20.77 -12.97
C LYS A 55 1.07 -20.77 -14.33
N ALA A 56 1.28 -21.94 -14.91
CA ALA A 56 2.02 -22.08 -16.19
C ALA A 56 1.64 -23.34 -16.97
N PHE A 57 1.81 -23.30 -18.30
CA PHE A 57 2.02 -24.53 -19.08
C PHE A 57 3.43 -24.87 -18.65
N SER A 58 4.44 -24.09 -19.08
CA SER A 58 5.81 -24.23 -18.66
C SER A 58 6.59 -23.01 -19.04
N GLY A 59 7.38 -22.54 -18.10
CA GLY A 59 8.31 -21.41 -18.37
C GLY A 59 9.66 -21.85 -18.96
N GLY A 60 9.80 -23.12 -19.29
CA GLY A 60 11.01 -23.63 -19.93
C GLY A 60 12.00 -24.25 -18.98
N ALA A 61 13.29 -23.99 -19.19
CA ALA A 61 14.36 -24.56 -18.39
C ALA A 61 14.18 -24.31 -16.92
N ASP A 62 14.46 -25.32 -16.09
CA ASP A 62 14.42 -25.13 -14.65
C ASP A 62 15.73 -24.46 -14.19
N ILE A 63 15.64 -23.23 -13.72
CA ILE A 63 16.90 -22.54 -13.29
C ILE A 63 17.66 -23.20 -12.14
N ARG A 64 16.97 -23.94 -11.29
CA ARG A 64 17.62 -24.63 -10.19
C ARG A 64 18.54 -25.71 -10.67
N GLU A 65 18.33 -26.18 -11.90
CA GLU A 65 19.13 -27.22 -12.48
C GLU A 65 20.24 -26.66 -13.35
N PHE A 66 20.03 -25.48 -13.98
CA PHE A 66 21.06 -24.75 -14.76
C PHE A 66 22.32 -25.02 -13.93
N ASN A 67 23.35 -25.62 -14.54
CA ASN A 67 24.61 -25.91 -13.81
C ASN A 67 24.70 -27.26 -12.98
N THR A 68 23.73 -28.17 -13.06
CA THR A 68 23.87 -29.54 -12.51
C THR A 68 24.22 -30.48 -13.66
N PRO A 69 24.71 -31.69 -13.32
CA PRO A 69 24.67 -32.78 -14.29
C PRO A 69 23.23 -33.00 -14.81
N LYS A 70 22.25 -32.98 -13.89
CA LYS A 70 20.80 -33.07 -14.21
C LYS A 70 20.26 -32.20 -15.40
N ALA A 71 20.89 -31.05 -15.71
CA ALA A 71 20.42 -30.23 -16.85
C ALA A 71 20.57 -30.94 -18.17
N MET A 72 21.55 -31.82 -18.27
CA MET A 72 21.88 -32.51 -19.52
C MET A 72 21.55 -34.01 -19.52
N GLN A 73 20.96 -34.47 -18.43
CA GLN A 73 20.65 -35.88 -18.30
C GLN A 73 19.44 -36.28 -19.14
N GLU A 74 19.61 -37.37 -19.88
CA GLU A 74 18.51 -37.90 -20.69
C GLU A 74 17.35 -38.38 -19.80
N PRO A 75 16.09 -38.19 -20.21
CA PRO A 75 15.73 -37.59 -21.48
C PRO A 75 15.79 -36.07 -21.46
N THR A 76 16.49 -35.53 -22.46
CA THR A 76 16.56 -34.09 -22.70
C THR A 76 15.29 -33.65 -23.38
N LEU A 77 15.14 -32.33 -23.51
CA LEU A 77 13.97 -31.83 -24.16
C LEU A 77 13.96 -32.30 -25.57
N HIS A 78 15.15 -32.43 -26.19
CA HIS A 78 15.22 -32.89 -27.58
C HIS A 78 14.58 -34.32 -27.69
N SER A 79 14.89 -35.16 -26.70
CA SER A 79 14.48 -36.61 -26.69
C SER A 79 13.00 -36.69 -26.29
N VAL A 80 12.60 -35.86 -25.34
CA VAL A 80 11.13 -35.61 -25.12
C VAL A 80 10.35 -35.31 -26.39
N ILE A 81 10.79 -34.33 -27.17
CA ILE A 81 10.08 -33.98 -28.36
C ILE A 81 10.05 -35.13 -29.41
N ARG A 82 11.16 -35.85 -29.51
CA ARG A 82 11.27 -36.99 -30.46
C ARG A 82 10.17 -38.03 -30.11
N VAL A 83 10.00 -38.28 -28.83
CA VAL A 83 8.92 -39.16 -28.33
C VAL A 83 7.55 -38.64 -28.70
N LEU A 84 7.33 -37.34 -28.52
CA LEU A 84 6.01 -36.76 -28.88
C LEU A 84 5.79 -36.88 -30.35
N GLU A 85 6.78 -36.49 -31.18
CA GLU A 85 6.65 -36.63 -32.61
C GLU A 85 6.41 -38.08 -33.10
N GLY A 86 6.96 -39.05 -32.39
CA GLY A 86 6.78 -40.44 -32.77
C GLY A 86 5.48 -41.05 -32.31
N SER A 87 4.66 -40.34 -31.52
CA SER A 87 3.41 -40.90 -31.01
C SER A 87 2.38 -41.22 -32.10
N SER A 88 1.86 -42.46 -32.09
CA SER A 88 0.80 -42.83 -33.01
C SER A 88 -0.52 -42.24 -32.51
N LYS A 89 -0.65 -41.98 -31.21
CA LYS A 89 -1.82 -41.30 -30.70
C LYS A 89 -1.63 -39.75 -30.72
N PRO A 90 -2.64 -39.00 -31.18
CA PRO A 90 -2.55 -37.54 -31.25
C PRO A 90 -2.25 -36.89 -29.88
N VAL A 91 -1.34 -35.92 -29.89
CA VAL A 91 -0.91 -35.22 -28.70
C VAL A 91 -1.35 -33.78 -28.87
N VAL A 92 -2.11 -33.32 -27.90
CA VAL A 92 -2.67 -32.00 -27.87
C VAL A 92 -2.06 -31.21 -26.68
N ALA A 93 -1.32 -30.12 -26.93
CA ALA A 93 -0.84 -29.28 -25.85
C ALA A 93 -1.97 -28.31 -25.48
N ALA A 94 -2.20 -28.23 -24.18
CA ALA A 94 -3.24 -27.39 -23.58
C ALA A 94 -2.57 -26.26 -22.79
N VAL A 95 -2.36 -25.17 -23.54
CA VAL A 95 -1.55 -24.09 -23.10
C VAL A 95 -2.37 -22.98 -22.40
N HIS A 96 -1.95 -22.60 -21.20
CA HIS A 96 -2.50 -21.42 -20.50
C HIS A 96 -1.35 -20.74 -19.75
N SER A 97 -1.59 -19.46 -19.44
CA SER A 97 -0.83 -18.62 -18.54
C SER A 97 0.54 -18.25 -18.98
N VAL A 98 1.42 -19.26 -19.15
CA VAL A 98 2.81 -19.05 -19.53
C VAL A 98 3.29 -20.23 -20.36
N ALA A 99 3.88 -19.93 -21.54
CA ALA A 99 4.59 -20.91 -22.35
C ALA A 99 5.77 -20.21 -23.03
N MET A 100 6.89 -20.39 -22.42
CA MET A 100 8.08 -19.71 -22.75
C MET A 100 9.28 -20.66 -22.86
N GLY A 101 10.20 -20.31 -23.74
CA GLY A 101 11.43 -21.07 -23.94
C GLY A 101 11.15 -22.52 -24.24
N GLY A 102 11.81 -23.40 -23.50
CA GLY A 102 11.63 -24.85 -23.71
C GLY A 102 10.17 -25.24 -23.58
N GLY A 103 9.40 -24.48 -22.79
CA GLY A 103 7.94 -24.74 -22.66
C GLY A 103 7.21 -24.57 -24.00
N LEU A 104 7.52 -23.48 -24.69
CA LEU A 104 6.94 -23.27 -25.99
C LEU A 104 7.46 -24.33 -26.97
N GLU A 105 8.76 -24.65 -26.86
CA GLU A 105 9.39 -25.66 -27.72
C GLU A 105 8.69 -27.03 -27.55
N LEU A 106 8.27 -27.32 -26.32
CA LEU A 106 7.56 -28.55 -26.07
C LEU A 106 6.20 -28.58 -26.71
N ALA A 107 5.45 -27.48 -26.61
CA ALA A 107 4.14 -27.37 -27.24
C ALA A 107 4.23 -27.48 -28.72
N LEU A 108 5.29 -26.92 -29.30
CA LEU A 108 5.46 -26.99 -30.75
C LEU A 108 5.76 -28.40 -31.27
N GLY A 109 6.31 -29.26 -30.42
CA GLY A 109 6.58 -30.67 -30.71
C GLY A 109 5.34 -31.57 -30.66
N CYS A 110 4.17 -31.02 -30.27
CA CYS A 110 2.90 -31.79 -30.24
C CYS A 110 2.21 -31.70 -31.59
N ASN A 111 1.28 -32.62 -31.87
CA ASN A 111 0.46 -32.60 -33.06
C ASN A 111 -0.44 -31.37 -33.16
N TYR A 112 -1.04 -31.06 -32.03
CA TYR A 112 -1.98 -29.95 -31.96
C TYR A 112 -1.76 -29.10 -30.71
N ARG A 113 -2.21 -27.87 -30.79
CA ARG A 113 -2.12 -26.95 -29.66
C ARG A 113 -3.45 -26.21 -29.45
N VAL A 114 -3.88 -26.16 -28.20
CA VAL A 114 -5.10 -25.43 -27.82
C VAL A 114 -4.67 -24.51 -26.75
N ALA A 115 -5.09 -23.26 -26.82
CA ALA A 115 -4.68 -22.24 -25.89
C ALA A 115 -5.92 -21.50 -25.33
N SER A 116 -5.82 -21.13 -24.07
CA SER A 116 -6.69 -20.09 -23.54
C SER A 116 -6.03 -18.76 -23.73
N LYS A 117 -6.86 -17.70 -23.71
CA LYS A 117 -6.39 -16.32 -23.84
C LYS A 117 -5.68 -15.88 -22.61
N GLY A 118 -4.93 -14.80 -22.73
CA GLY A 118 -4.16 -14.24 -21.66
C GLY A 118 -2.88 -15.05 -21.36
N ALA A 119 -2.42 -15.97 -22.22
CA ALA A 119 -1.19 -16.77 -21.94
C ALA A 119 0.00 -16.02 -22.52
N GLN A 120 0.99 -15.82 -21.70
CA GLN A 120 2.25 -15.19 -22.15
C GLN A 120 3.09 -16.23 -23.00
N ILE A 121 3.29 -15.92 -24.28
CA ILE A 121 4.08 -16.82 -25.24
C ILE A 121 5.38 -16.14 -25.57
N ALA A 122 6.53 -16.82 -25.37
CA ALA A 122 7.84 -16.18 -25.61
C ALA A 122 8.91 -17.21 -25.88
N LEU A 123 9.95 -16.76 -26.57
CA LEU A 123 11.23 -17.49 -26.63
C LEU A 123 12.31 -16.49 -26.21
N PRO A 124 12.58 -16.37 -24.87
CA PRO A 124 13.47 -15.33 -24.35
C PRO A 124 14.96 -15.71 -24.18
N GLU A 125 15.39 -16.80 -24.80
CA GLU A 125 16.77 -17.25 -24.74
C GLU A 125 17.84 -16.20 -25.05
N VAL A 126 17.57 -15.35 -26.02
CA VAL A 126 18.45 -14.24 -26.41
C VAL A 126 18.85 -13.39 -25.21
N LYS A 127 17.94 -13.25 -24.25
CA LYS A 127 18.22 -12.47 -23.03
C LYS A 127 19.33 -13.05 -22.18
N LEU A 128 19.61 -14.35 -22.22
CA LEU A 128 20.78 -14.85 -21.54
C LEU A 128 21.90 -15.11 -22.53
N GLY A 129 21.80 -14.54 -23.73
CA GLY A 129 22.87 -14.71 -24.68
C GLY A 129 22.89 -16.01 -25.51
N LEU A 130 21.78 -16.72 -25.51
CA LEU A 130 21.61 -17.97 -26.17
C LEU A 130 20.57 -17.86 -27.26
N LEU A 131 20.15 -19.00 -27.80
CA LEU A 131 19.05 -19.08 -28.75
C LEU A 131 18.21 -20.27 -28.37
N PRO A 132 16.98 -20.33 -28.86
CA PRO A 132 16.10 -21.47 -28.54
C PRO A 132 16.68 -22.73 -29.20
N GLY A 133 17.17 -23.65 -28.40
CA GLY A 133 18.06 -24.69 -28.97
C GLY A 133 17.38 -26.09 -29.03
N ALA A 134 16.04 -26.13 -28.85
CA ALA A 134 15.27 -27.41 -29.01
C ALA A 134 14.16 -27.33 -30.08
N GLY A 135 14.47 -26.67 -31.18
CA GLY A 135 13.62 -26.56 -32.35
C GLY A 135 12.81 -25.34 -32.50
N GLY A 136 12.81 -24.45 -31.51
CA GLY A 136 11.95 -23.30 -31.58
C GLY A 136 12.19 -22.40 -32.76
N THR A 137 13.49 -22.24 -33.11
CA THR A 137 13.82 -21.44 -34.27
C THR A 137 13.37 -22.08 -35.61
N GLN A 138 13.13 -23.38 -35.63
CA GLN A 138 12.70 -24.09 -36.87
C GLN A 138 11.17 -24.30 -36.91
N ARG A 139 10.60 -24.55 -35.73
CA ARG A 139 9.13 -24.78 -35.68
C ARG A 139 8.33 -23.50 -35.62
N LEU A 140 8.81 -22.44 -34.95
CA LEU A 140 7.97 -21.25 -34.80
C LEU A 140 7.71 -20.51 -36.09
N PRO A 141 8.74 -20.34 -36.93
CA PRO A 141 8.40 -19.73 -38.22
C PRO A 141 7.49 -20.60 -39.09
N ARG A 142 7.45 -21.90 -38.87
CA ARG A 142 6.56 -22.72 -39.63
C ARG A 142 5.08 -22.47 -39.25
N VAL A 143 4.84 -21.93 -38.06
CA VAL A 143 3.47 -21.66 -37.66
C VAL A 143 3.09 -20.18 -37.63
N ILE A 144 4.03 -19.26 -37.51
CA ILE A 144 3.68 -17.85 -37.58
C ILE A 144 4.36 -17.03 -38.66
N GLY A 145 5.17 -17.63 -39.53
CA GLY A 145 5.80 -16.89 -40.64
C GLY A 145 7.21 -16.50 -40.22
N LEU A 146 8.08 -16.41 -41.19
CA LEU A 146 9.44 -15.98 -41.00
C LEU A 146 9.65 -14.68 -40.18
N GLU A 147 8.93 -13.62 -40.56
CA GLU A 147 9.17 -12.33 -39.97
C GLU A 147 8.70 -12.24 -38.52
N ALA A 148 7.51 -12.76 -38.24
CA ALA A 148 6.96 -12.76 -36.90
C ALA A 148 7.81 -13.62 -35.91
N ALA A 149 8.34 -14.77 -36.36
CA ALA A 149 9.19 -15.61 -35.52
C ALA A 149 10.51 -14.92 -35.27
N ALA A 150 11.07 -14.31 -36.30
CA ALA A 150 12.32 -13.58 -36.18
C ALA A 150 12.18 -12.51 -35.11
N ASN A 151 11.06 -11.81 -35.16
CA ASN A 151 10.85 -10.74 -34.24
C ASN A 151 10.77 -11.24 -32.80
N MET A 152 9.97 -12.29 -32.57
CA MET A 152 9.84 -12.86 -31.24
C MET A 152 11.18 -13.39 -30.73
N ILE A 153 11.93 -14.05 -31.60
CA ILE A 153 13.15 -14.74 -31.14
C ILE A 153 14.31 -13.78 -30.91
N VAL A 154 14.48 -12.80 -31.80
CA VAL A 154 15.54 -11.81 -31.65
C VAL A 154 15.27 -10.89 -30.45
N SER A 155 13.98 -10.54 -30.23
CA SER A 155 13.61 -9.58 -29.15
C SER A 155 13.50 -10.30 -27.83
N GLY A 156 13.04 -11.55 -27.85
CA GLY A 156 12.85 -12.24 -26.63
C GLY A 156 11.59 -11.80 -25.90
N THR A 157 10.75 -11.00 -26.52
CA THR A 157 9.59 -10.36 -25.87
C THR A 157 8.34 -11.25 -25.87
N PRO A 158 7.58 -11.27 -24.78
CA PRO A 158 6.37 -12.08 -24.80
C PRO A 158 5.19 -11.52 -25.64
N VAL A 159 4.27 -12.39 -26.06
CA VAL A 159 3.09 -12.03 -26.84
C VAL A 159 1.94 -12.80 -26.29
N LEU A 160 0.81 -12.11 -26.07
CA LEU A 160 -0.37 -12.80 -25.51
C LEU A 160 -0.97 -13.73 -26.52
N SER A 161 -1.50 -14.84 -26.04
CA SER A 161 -1.95 -15.90 -26.88
C SER A 161 -3.04 -15.53 -27.86
N GLU A 162 -3.97 -14.65 -27.46
CA GLU A 162 -5.07 -14.21 -28.37
C GLU A 162 -4.60 -13.50 -29.63
N LYS A 163 -3.42 -12.91 -29.59
CA LYS A 163 -2.86 -12.25 -30.76
C LYS A 163 -2.35 -13.19 -31.85
N PHE A 164 -2.36 -14.51 -31.61
CA PHE A 164 -1.98 -15.47 -32.63
C PHE A 164 -3.17 -15.99 -33.46
N ALA A 165 -4.34 -15.40 -33.24
CA ALA A 165 -5.53 -15.74 -33.98
C ALA A 165 -5.23 -15.57 -35.45
N GLY A 166 -5.58 -16.49 -36.31
CA GLY A 166 -5.23 -16.31 -37.71
C GLY A 166 -3.85 -16.88 -38.13
N THR A 167 -2.98 -17.24 -37.19
CA THR A 167 -1.76 -18.02 -37.52
C THR A 167 -2.02 -19.48 -37.27
N LYS A 168 -1.05 -20.34 -37.51
CA LYS A 168 -1.17 -21.78 -37.19
C LYS A 168 -0.62 -22.19 -35.86
N LEU A 169 -0.23 -21.25 -34.99
CA LEU A 169 0.39 -21.63 -33.75
C LEU A 169 -0.57 -22.46 -32.94
N PHE A 170 -1.78 -21.96 -32.81
CA PHE A 170 -2.88 -22.65 -32.11
C PHE A 170 -4.01 -23.10 -33.04
N ASP A 171 -4.43 -24.32 -32.84
CA ASP A 171 -5.53 -24.93 -33.58
C ASP A 171 -6.88 -24.41 -33.05
N GLU A 172 -6.91 -24.08 -31.78
CA GLU A 172 -8.09 -23.44 -31.23
C GLU A 172 -7.63 -22.55 -30.06
N ILE A 173 -8.18 -21.33 -29.99
CA ILE A 173 -8.01 -20.37 -28.88
C ILE A 173 -9.39 -20.22 -28.16
N VAL A 174 -9.46 -20.47 -26.85
CA VAL A 174 -10.74 -20.32 -26.06
C VAL A 174 -10.63 -19.27 -24.97
N ASP A 175 -11.76 -18.70 -24.56
CA ASP A 175 -11.72 -17.54 -23.60
C ASP A 175 -11.42 -17.89 -22.16
N GLY A 176 -11.98 -19.03 -21.76
CA GLY A 176 -11.83 -19.53 -20.38
C GLY A 176 -10.87 -20.70 -20.24
N ASP A 177 -11.35 -21.77 -19.62
CA ASP A 177 -10.47 -22.82 -19.13
C ASP A 177 -9.92 -23.68 -20.24
N VAL A 178 -8.62 -23.91 -20.31
CA VAL A 178 -8.14 -24.60 -21.51
C VAL A 178 -8.38 -26.10 -21.46
N LEU A 179 -8.30 -26.68 -20.28
CA LEU A 179 -8.27 -28.15 -20.21
C LEU A 179 -9.49 -28.82 -20.83
N PRO A 180 -10.75 -28.46 -20.38
CA PRO A 180 -11.96 -29.09 -21.02
C PRO A 180 -12.04 -28.91 -22.51
N ALA A 181 -11.62 -27.76 -23.05
CA ALA A 181 -11.68 -27.60 -24.52
C ALA A 181 -10.60 -28.49 -25.16
N ALA A 182 -9.42 -28.62 -24.51
CA ALA A 182 -8.35 -29.50 -25.07
C ALA A 182 -8.71 -31.01 -24.96
N VAL A 183 -9.33 -31.41 -23.87
CA VAL A 183 -9.80 -32.77 -23.78
C VAL A 183 -10.84 -33.08 -24.90
N LYS A 184 -11.79 -32.18 -25.06
CA LYS A 184 -12.77 -32.36 -26.10
C LYS A 184 -12.11 -32.43 -27.48
N PHE A 185 -11.18 -31.52 -27.75
CA PHE A 185 -10.42 -31.50 -29.01
C PHE A 185 -9.74 -32.84 -29.20
N ALA A 186 -9.11 -33.32 -28.15
CA ALA A 186 -8.39 -34.55 -28.22
C ALA A 186 -9.33 -35.73 -28.55
N GLN A 187 -10.55 -35.74 -27.96
CA GLN A 187 -11.56 -36.78 -28.29
C GLN A 187 -11.90 -36.81 -29.79
N ASN A 188 -12.12 -35.64 -30.38
CA ASN A 188 -12.39 -35.54 -31.78
C ASN A 188 -11.22 -36.05 -32.65
N VAL A 189 -9.97 -35.59 -32.44
CA VAL A 189 -8.83 -36.14 -33.23
C VAL A 189 -8.51 -37.61 -32.91
N GLY A 190 -8.78 -37.98 -31.68
CA GLY A 190 -8.66 -39.38 -31.23
C GLY A 190 -9.50 -40.41 -32.00
N ALA A 191 -10.55 -39.97 -32.63
CA ALA A 191 -11.45 -40.80 -33.40
C ALA A 191 -11.02 -40.82 -34.82
N ALA A 192 -10.33 -39.79 -35.29
CA ALA A 192 -9.90 -39.76 -36.69
C ALA A 192 -8.85 -40.83 -36.86
N THR A 193 -8.51 -41.18 -38.10
CA THR A 193 -7.74 -42.39 -38.36
C THR A 193 -6.31 -42.09 -38.70
N GLY A 194 -6.13 -41.38 -39.82
CA GLY A 194 -4.87 -41.28 -40.56
C GLY A 194 -3.89 -40.60 -39.67
N PRO A 195 -2.66 -40.39 -40.16
CA PRO A 195 -1.63 -39.83 -39.29
C PRO A 195 -1.91 -38.32 -38.97
N HIS A 196 -1.40 -37.86 -37.83
CA HIS A 196 -1.66 -36.51 -37.34
C HIS A 196 -0.55 -35.54 -37.71
N PRO A 197 -0.86 -34.24 -37.85
CA PRO A 197 0.21 -33.35 -38.33
C PRO A 197 1.32 -33.08 -37.29
N LYS A 198 2.44 -32.69 -37.87
CA LYS A 198 3.65 -32.34 -37.16
C LYS A 198 4.07 -31.00 -37.71
N VAL A 199 4.50 -30.11 -36.82
CA VAL A 199 4.92 -28.82 -37.32
C VAL A 199 6.09 -28.95 -38.34
N ARG A 200 6.99 -29.91 -38.08
CA ARG A 200 8.14 -30.08 -39.01
C ARG A 200 7.78 -30.32 -40.47
N ASP A 201 6.55 -30.77 -40.76
CA ASP A 201 6.11 -30.97 -42.14
C ASP A 201 5.66 -29.75 -42.85
N LEU A 202 5.47 -28.64 -42.13
CA LEU A 202 5.01 -27.42 -42.74
C LEU A 202 6.20 -26.71 -43.39
N LYS A 203 5.94 -25.80 -44.29
CA LYS A 203 7.00 -25.19 -45.00
C LYS A 203 6.92 -23.69 -44.74
N VAL A 204 8.08 -23.04 -44.54
CA VAL A 204 8.08 -21.60 -44.35
C VAL A 204 7.94 -20.96 -45.75
N ARG A 205 6.98 -20.08 -45.90
CA ARG A 205 6.77 -19.44 -47.19
C ARG A 205 7.05 -17.94 -47.13
N HIS A 206 7.87 -17.43 -48.05
CA HIS A 206 8.15 -16.00 -48.07
C HIS A 206 8.59 -15.60 -49.48
N GLU A 207 7.98 -14.54 -49.96
CA GLU A 207 8.08 -14.08 -51.34
C GLU A 207 9.47 -13.51 -51.63
N ASN A 208 10.08 -12.89 -50.63
CA ASN A 208 11.43 -12.41 -50.78
C ASN A 208 12.28 -12.53 -49.46
N PRO A 209 12.78 -13.74 -49.16
CA PRO A 209 13.50 -13.93 -47.89
C PRO A 209 14.79 -13.14 -47.79
N GLU A 210 15.62 -13.11 -48.83
CA GLU A 210 16.84 -12.27 -48.77
C GLU A 210 16.60 -10.81 -48.65
N GLY A 211 15.53 -10.37 -49.27
CA GLY A 211 15.13 -8.99 -49.16
C GLY A 211 14.88 -8.67 -47.71
N TYR A 212 14.01 -9.46 -47.10
CA TYR A 212 13.68 -9.27 -45.68
C TYR A 212 14.92 -9.36 -44.79
N LEU A 213 15.70 -10.43 -44.98
CA LEU A 213 16.75 -10.75 -44.07
C LEU A 213 17.88 -9.75 -44.17
N GLY A 214 18.14 -9.25 -45.37
CA GLY A 214 19.15 -8.21 -45.61
C GLY A 214 18.87 -6.99 -44.78
N PHE A 215 17.61 -6.56 -44.79
CA PHE A 215 17.18 -5.44 -43.97
C PHE A 215 17.26 -5.76 -42.47
N ALA A 216 16.64 -6.87 -42.09
CA ALA A 216 16.66 -7.32 -40.69
C ALA A 216 18.10 -7.46 -40.09
N ARG A 217 19.03 -8.01 -40.84
CA ARG A 217 20.45 -8.11 -40.44
C ARG A 217 21.08 -6.79 -39.99
N ASN A 218 20.80 -5.76 -40.76
CA ASN A 218 21.31 -4.41 -40.46
C ASN A 218 20.68 -3.88 -39.21
N THR A 219 19.37 -4.00 -39.11
CA THR A 219 18.68 -3.38 -37.99
C THR A 219 19.04 -4.17 -36.72
N VAL A 220 19.17 -5.49 -36.82
CA VAL A 220 19.52 -6.29 -35.66
C VAL A 220 20.94 -5.91 -35.27
N ALA A 221 21.87 -5.82 -36.21
CA ALA A 221 23.31 -5.53 -35.87
C ALA A 221 23.51 -4.21 -35.21
N ALA A 222 22.71 -3.24 -35.62
CA ALA A 222 22.68 -1.92 -35.04
C ALA A 222 22.20 -1.89 -33.61
N MET A 223 21.08 -2.57 -33.33
CA MET A 223 20.53 -2.65 -31.97
C MET A 223 21.37 -3.52 -31.03
N ALA A 224 22.17 -4.44 -31.56
CA ALA A 224 22.70 -5.49 -30.72
C ALA A 224 23.96 -5.08 -30.01
N LYS A 225 24.78 -4.19 -30.57
CA LYS A 225 25.79 -3.45 -29.79
C LYS A 225 26.58 -4.31 -28.79
N ASN A 226 27.53 -5.08 -29.30
CA ASN A 226 28.38 -5.92 -28.50
C ASN A 226 27.79 -7.24 -28.01
N PHE A 227 26.53 -7.53 -28.34
CA PHE A 227 25.94 -8.85 -28.01
C PHE A 227 25.85 -9.66 -29.32
N PRO A 228 26.54 -10.81 -29.41
CA PRO A 228 26.43 -11.70 -30.59
C PRO A 228 25.09 -12.52 -30.78
N ALA A 229 24.32 -12.71 -29.72
CA ALA A 229 23.16 -13.56 -29.79
C ALA A 229 22.08 -13.12 -30.71
N PRO A 230 21.73 -11.82 -30.71
CA PRO A 230 20.68 -11.42 -31.61
C PRO A 230 20.85 -11.82 -33.10
N LEU A 231 22.03 -11.54 -33.67
CA LEU A 231 22.26 -11.95 -35.05
C LEU A 231 22.27 -13.44 -35.26
N LYS A 232 22.82 -14.18 -34.32
CA LYS A 232 22.77 -15.62 -34.39
C LYS A 232 21.36 -16.18 -34.28
N CYS A 233 20.51 -15.56 -33.47
CA CYS A 233 19.10 -15.92 -33.43
C CYS A 233 18.47 -15.69 -34.81
N LEU A 234 18.73 -14.53 -35.40
CA LEU A 234 18.18 -14.27 -36.72
C LEU A 234 18.68 -15.26 -37.77
N GLU A 235 19.94 -15.61 -37.73
CA GLU A 235 20.50 -16.58 -38.68
C GLU A 235 19.94 -18.03 -38.45
N ALA A 236 19.69 -18.40 -37.21
CA ALA A 236 18.95 -19.63 -36.92
C ALA A 236 17.55 -19.67 -37.51
N VAL A 237 16.77 -18.63 -37.29
CA VAL A 237 15.44 -18.52 -37.84
C VAL A 237 15.46 -18.54 -39.37
N ALA A 238 16.46 -17.88 -39.98
CA ALA A 238 16.73 -18.00 -41.44
C ALA A 238 16.87 -19.45 -41.91
N GLY A 239 17.43 -20.30 -41.09
CA GLY A 239 17.54 -21.68 -41.45
C GLY A 239 16.21 -22.40 -41.64
N SER A 240 15.10 -21.82 -41.18
CA SER A 240 13.83 -22.51 -41.21
C SER A 240 13.32 -22.63 -42.65
N LEU A 241 13.87 -21.82 -43.55
CA LEU A 241 13.65 -22.01 -45.01
C LEU A 241 14.21 -23.32 -45.56
N LYS A 242 15.19 -23.91 -44.88
CA LYS A 242 15.81 -25.18 -45.30
C LYS A 242 14.98 -26.38 -44.84
N PRO A 243 15.27 -27.58 -45.40
CA PRO A 243 14.66 -28.79 -44.88
C PRO A 243 14.90 -28.93 -43.38
N PHE A 244 13.90 -29.51 -42.70
CA PHE A 244 13.80 -29.41 -41.29
C PHE A 244 15.10 -29.84 -40.67
N GLU A 245 15.63 -31.01 -41.02
CA GLU A 245 16.76 -31.55 -40.28
C GLU A 245 18.02 -30.71 -40.54
N GLN A 246 18.12 -30.07 -41.71
CA GLN A 246 19.24 -29.17 -41.99
C GLN A 246 19.15 -27.87 -41.10
N GLY A 247 17.95 -27.32 -41.00
CA GLY A 247 17.66 -26.17 -40.12
C GLY A 247 17.94 -26.45 -38.67
N LEU A 248 17.55 -27.62 -38.21
CA LEU A 248 17.76 -28.00 -36.85
C LEU A 248 19.22 -28.17 -36.51
N LYS A 249 19.99 -28.72 -37.44
CA LYS A 249 21.43 -28.85 -37.21
C LYS A 249 22.08 -27.48 -37.15
N GLN A 250 21.71 -26.58 -38.05
CA GLN A 250 22.20 -25.19 -38.03
C GLN A 250 21.78 -24.43 -36.68
N GLU A 251 20.58 -24.67 -36.18
CA GLU A 251 20.16 -24.13 -34.88
C GLU A 251 21.08 -24.61 -33.78
N ARG A 252 21.30 -25.91 -33.75
CA ARG A 252 22.14 -26.52 -32.73
C ARG A 252 23.58 -25.96 -32.73
N GLU A 253 24.10 -25.79 -33.93
CA GLU A 253 25.43 -25.21 -34.12
C GLU A 253 25.52 -23.75 -33.56
N GLY A 254 24.51 -22.97 -33.84
CA GLY A 254 24.46 -21.60 -33.39
C GLY A 254 24.29 -21.57 -31.89
N PHE A 255 23.51 -22.48 -31.33
CA PHE A 255 23.45 -22.63 -29.89
C PHE A 255 24.79 -22.91 -29.24
N LEU A 256 25.48 -23.94 -29.78
CA LEU A 256 26.73 -24.36 -29.22
C LEU A 256 27.77 -23.23 -29.41
N TYR A 257 27.75 -22.52 -30.53
CA TYR A 257 28.57 -21.31 -30.66
C TYR A 257 28.29 -20.29 -29.51
N LEU A 258 27.00 -19.92 -29.30
CA LEU A 258 26.66 -18.93 -28.30
C LEU A 258 27.00 -19.35 -26.85
N VAL A 259 26.90 -20.63 -26.58
CA VAL A 259 27.25 -21.17 -25.28
C VAL A 259 28.75 -20.86 -24.93
N THR A 260 29.61 -20.76 -25.94
CA THR A 260 31.06 -20.45 -25.79
C THR A 260 31.38 -18.98 -25.58
N THR A 261 30.42 -18.08 -25.91
CA THR A 261 30.73 -16.68 -25.93
C THR A 261 30.92 -16.14 -24.49
N PRO A 262 31.92 -15.26 -24.28
CA PRO A 262 32.00 -14.57 -23.00
C PRO A 262 30.76 -13.75 -22.67
N GLU A 263 30.04 -13.29 -23.69
CA GLU A 263 28.78 -12.53 -23.48
C GLU A 263 27.67 -13.35 -22.84
N SER A 264 27.50 -14.62 -23.23
CA SER A 264 26.48 -15.45 -22.60
C SER A 264 26.90 -15.76 -21.16
N ARG A 265 28.18 -15.92 -20.94
CA ARG A 265 28.69 -16.07 -19.58
C ARG A 265 28.40 -14.81 -18.74
N ALA A 266 28.64 -13.65 -19.32
CA ALA A 266 28.38 -12.36 -18.68
C ALA A 266 26.89 -12.17 -18.29
N LEU A 267 25.99 -12.51 -19.23
CA LEU A 267 24.55 -12.37 -18.99
C LEU A 267 24.05 -13.32 -17.92
N ARG A 268 24.53 -14.53 -17.93
CA ARG A 268 24.27 -15.45 -16.86
C ARG A 268 24.85 -15.04 -15.53
N HIS A 269 26.08 -14.52 -15.54
CA HIS A 269 26.68 -14.06 -14.30
C HIS A 269 25.80 -13.01 -13.68
N ALA A 270 25.29 -12.07 -14.48
CA ALA A 270 24.48 -10.95 -14.01
C ALA A 270 23.10 -11.43 -13.55
N PHE A 271 22.49 -12.35 -14.29
CA PHE A 271 21.23 -13.00 -13.82
C PHE A 271 21.34 -13.64 -12.44
N PHE A 272 22.31 -14.54 -12.31
CA PHE A 272 22.54 -15.21 -11.05
C PHE A 272 23.07 -14.31 -9.97
N GLY A 273 23.82 -13.27 -10.38
CA GLY A 273 24.48 -12.37 -9.42
C GLY A 273 23.43 -11.52 -8.78
N GLU A 274 22.46 -11.09 -9.58
CA GLU A 274 21.32 -10.34 -9.00
C GLU A 274 20.58 -11.09 -7.90
N ARG A 275 20.36 -12.37 -8.11
CA ARG A 275 19.70 -13.22 -7.13
C ARG A 275 20.58 -13.47 -5.91
N ALA A 276 21.87 -13.69 -6.11
CA ALA A 276 22.78 -13.94 -4.99
C ALA A 276 23.12 -12.75 -4.08
N ALA A 277 22.84 -11.53 -4.55
CA ALA A 277 23.18 -10.32 -3.83
C ALA A 277 22.42 -10.22 -2.55
N SER A 278 21.28 -10.92 -2.49
CA SER A 278 20.49 -10.95 -1.28
C SER A 278 21.00 -11.87 -0.23
N LYS A 279 21.99 -12.74 -0.52
CA LYS A 279 22.52 -13.72 0.42
C LYS A 279 23.59 -13.09 1.31
N ILE A 280 23.39 -13.24 2.62
CA ILE A 280 24.30 -12.69 3.58
C ILE A 280 24.69 -13.91 4.45
N PRO A 281 26.01 -14.27 4.46
CA PRO A 281 26.50 -15.45 5.17
C PRO A 281 25.90 -15.69 6.55
N ASP A 282 25.75 -14.67 7.40
CA ASP A 282 25.21 -14.85 8.76
C ASP A 282 23.81 -14.26 9.02
N VAL A 283 23.05 -13.97 7.96
CA VAL A 283 21.66 -13.54 8.10
C VAL A 283 20.87 -14.46 7.18
N PRO A 284 20.50 -15.64 7.70
CA PRO A 284 19.87 -16.64 6.82
C PRO A 284 18.54 -16.25 6.30
N GLU A 285 18.14 -16.92 5.24
CA GLU A 285 16.81 -16.72 4.70
C GLU A 285 15.81 -17.10 5.78
N GLY A 286 14.75 -16.34 5.85
CA GLY A 286 13.77 -16.51 6.89
C GLY A 286 14.01 -15.69 8.14
N THR A 287 15.08 -14.89 8.20
CA THR A 287 15.24 -13.97 9.26
C THR A 287 14.05 -13.02 9.17
N PRO A 288 13.32 -12.80 10.27
CA PRO A 288 12.12 -11.99 10.19
C PRO A 288 12.44 -10.54 10.03
N THR A 289 11.49 -9.82 9.46
CA THR A 289 11.72 -8.43 9.11
C THR A 289 10.71 -7.54 9.75
N ARG A 290 10.97 -6.27 9.72
CA ARG A 290 10.07 -5.29 10.26
C ARG A 290 9.17 -4.83 9.14
N LYS A 291 7.94 -4.45 9.46
CA LYS A 291 6.99 -3.94 8.51
C LYS A 291 7.32 -2.51 8.21
N ILE A 292 7.54 -2.23 6.95
CA ILE A 292 7.80 -0.91 6.51
C ILE A 292 6.62 -0.41 5.71
N GLU A 293 5.78 0.43 6.31
CA GLU A 293 4.53 0.93 5.65
C GLU A 293 4.55 2.34 5.22
N LYS A 294 5.28 3.16 5.98
CA LYS A 294 5.49 4.56 5.67
C LYS A 294 6.95 4.90 5.86
N VAL A 295 7.41 5.83 5.06
CA VAL A 295 8.81 6.22 5.04
C VAL A 295 8.95 7.72 5.12
N ALA A 296 10.11 8.14 5.59
CA ALA A 296 10.45 9.55 5.58
C ALA A 296 11.82 9.75 5.02
N VAL A 297 11.96 10.86 4.34
CA VAL A 297 13.25 11.24 3.84
C VAL A 297 13.61 12.68 4.29
N ILE A 298 14.82 12.83 4.81
CA ILE A 298 15.38 14.14 5.28
C ILE A 298 16.18 14.70 4.15
N GLY A 299 15.70 15.79 3.58
CA GLY A 299 16.30 16.40 2.41
C GLY A 299 15.39 16.23 1.21
N ALA A 300 15.09 17.36 0.57
CA ALA A 300 14.28 17.46 -0.63
C ALA A 300 15.05 17.80 -1.89
N GLY A 301 16.38 17.73 -1.81
CA GLY A 301 17.23 18.08 -2.93
C GLY A 301 17.26 16.94 -3.91
N THR A 302 18.33 16.90 -4.70
CA THR A 302 18.34 15.99 -5.82
C THR A 302 18.27 14.55 -5.29
N MET A 303 19.09 14.23 -4.27
CA MET A 303 19.18 12.89 -3.76
C MET A 303 17.88 12.48 -3.04
N GLY A 304 17.47 13.29 -2.07
CA GLY A 304 16.26 13.03 -1.32
C GLY A 304 15.08 12.82 -2.21
N GLY A 305 14.95 13.67 -3.21
CA GLY A 305 13.87 13.59 -4.17
C GLY A 305 13.82 12.31 -4.97
N GLY A 306 14.95 11.97 -5.59
CA GLY A 306 15.08 10.71 -6.30
C GLY A 306 14.85 9.46 -5.44
N ILE A 307 15.36 9.46 -4.20
CA ILE A 307 15.09 8.40 -3.26
C ILE A 307 13.57 8.27 -3.03
N SER A 308 12.95 9.40 -2.73
CA SER A 308 11.53 9.40 -2.48
C SER A 308 10.77 8.76 -3.56
N MET A 309 11.09 9.10 -4.81
CA MET A 309 10.34 8.58 -5.93
C MET A 309 10.30 7.07 -5.98
N ASN A 310 11.39 6.38 -5.58
CA ASN A 310 11.40 4.92 -5.55
C ASN A 310 10.25 4.32 -4.69
N PHE A 311 10.03 4.96 -3.55
CA PHE A 311 8.95 4.59 -2.64
C PHE A 311 7.59 4.90 -3.23
N LEU A 312 7.42 6.13 -3.69
CA LEU A 312 6.12 6.51 -4.33
C LEU A 312 5.73 5.54 -5.48
N ASN A 313 6.74 5.18 -6.30
CA ASN A 313 6.52 4.33 -7.43
C ASN A 313 6.04 2.93 -6.96
N ALA A 314 6.50 2.46 -5.81
CA ALA A 314 6.05 1.18 -5.27
C ALA A 314 4.71 1.24 -4.47
N GLY A 315 4.14 2.42 -4.29
CA GLY A 315 2.92 2.58 -3.49
C GLY A 315 3.14 2.85 -1.98
N ILE A 316 4.41 3.05 -1.55
CA ILE A 316 4.77 3.38 -0.17
C ILE A 316 4.84 4.91 0.07
N PRO A 317 3.97 5.46 0.92
CA PRO A 317 4.02 6.89 1.17
C PRO A 317 5.31 7.38 1.81
N VAL A 318 5.63 8.59 1.46
CA VAL A 318 6.83 9.26 1.92
C VAL A 318 6.44 10.62 2.45
N THR A 319 7.00 11.00 3.57
CA THR A 319 7.13 12.37 3.99
C THR A 319 8.59 12.91 3.87
N ILE A 320 8.76 13.99 3.11
CA ILE A 320 10.03 14.70 3.01
C ILE A 320 10.03 15.83 4.06
N LEU A 321 11.07 15.85 4.89
CA LEU A 321 11.41 16.93 5.78
C LEU A 321 12.46 17.86 5.19
N GLU A 322 12.21 19.16 5.23
CA GLU A 322 13.26 20.14 4.95
C GLU A 322 13.37 21.19 6.06
N THR A 323 14.33 22.10 5.89
CA THR A 323 14.46 23.29 6.73
C THR A 323 13.51 24.42 6.25
N LYS A 324 13.81 25.04 5.13
CA LYS A 324 13.05 26.21 4.66
C LYS A 324 11.92 25.72 3.76
N GLN A 325 10.72 26.29 3.92
CA GLN A 325 9.53 25.93 3.13
C GLN A 325 9.88 26.01 1.68
N GLU A 326 10.72 26.97 1.36
CA GLU A 326 11.08 27.21 -0.04
C GLU A 326 11.88 26.03 -0.68
N ALA A 327 12.69 25.35 0.13
CA ALA A 327 13.41 24.10 -0.28
C ALA A 327 12.47 22.96 -0.70
N LEU A 328 11.47 22.74 0.14
CA LEU A 328 10.33 21.86 -0.14
C LEU A 328 9.71 22.15 -1.45
N ASP A 329 9.38 23.42 -1.68
CA ASP A 329 8.66 23.83 -2.89
C ASP A 329 9.54 23.57 -4.11
N ARG A 330 10.81 23.90 -3.98
CA ARG A 330 11.82 23.64 -4.99
C ARG A 330 11.88 22.11 -5.26
N GLY A 331 12.05 21.35 -4.19
CA GLY A 331 12.32 19.91 -4.31
C GLY A 331 11.12 19.17 -4.88
N VAL A 332 9.96 19.50 -4.35
CA VAL A 332 8.73 18.86 -4.79
C VAL A 332 8.49 19.18 -6.26
N GLY A 333 8.71 20.43 -6.69
CA GLY A 333 8.62 20.79 -8.10
C GLY A 333 9.60 20.01 -8.95
N ILE A 334 10.82 19.79 -8.45
CA ILE A 334 11.76 18.91 -9.24
C ILE A 334 11.16 17.49 -9.44
N ILE A 335 10.58 16.93 -8.39
CA ILE A 335 10.00 15.57 -8.48
C ILE A 335 8.86 15.52 -9.47
N ARG A 336 7.96 16.48 -9.36
CA ARG A 336 6.84 16.53 -10.31
C ARG A 336 7.38 16.75 -11.73
N LYS A 337 8.35 17.67 -11.88
CA LYS A 337 9.02 17.84 -13.21
C LYS A 337 9.55 16.51 -13.77
N ASN A 338 10.23 15.75 -12.93
CA ASN A 338 10.79 14.45 -13.35
C ASN A 338 9.70 13.53 -13.84
N TYR A 339 8.66 13.43 -13.06
CA TYR A 339 7.53 12.55 -13.43
C TYR A 339 6.82 13.01 -14.68
N GLU A 340 6.70 14.32 -14.85
CA GLU A 340 5.92 14.86 -16.01
C GLU A 340 6.77 14.70 -17.28
N ASN A 341 8.08 14.89 -17.16
CA ASN A 341 9.07 14.45 -18.18
C ASN A 341 8.91 13.01 -18.69
N SER A 342 8.70 12.06 -17.79
CA SER A 342 8.49 10.66 -18.23
C SER A 342 7.14 10.44 -18.89
N ALA A 343 6.12 11.15 -18.39
CA ALA A 343 4.78 11.14 -18.97
C ALA A 343 4.78 11.77 -20.37
N LYS A 344 5.49 12.91 -20.53
CA LYS A 344 5.85 13.51 -21.87
C LYS A 344 6.48 12.48 -22.81
N LYS A 345 7.48 11.74 -22.32
CA LYS A 345 8.11 10.66 -23.12
C LYS A 345 7.29 9.34 -23.22
N GLY A 346 6.05 9.35 -22.75
CA GLY A 346 5.20 8.19 -22.87
C GLY A 346 5.57 7.04 -21.98
N LYS A 347 6.20 7.30 -20.84
CA LYS A 347 6.61 6.21 -19.93
C LYS A 347 5.75 6.06 -18.67
N LEU A 348 4.86 7.02 -18.37
CA LEU A 348 3.64 6.71 -17.56
C LEU A 348 2.56 7.72 -17.86
N THR A 349 1.34 7.38 -17.47
CA THR A 349 0.22 8.28 -17.59
C THR A 349 0.31 9.45 -16.60
N GLN A 350 -0.35 10.56 -16.92
CA GLN A 350 -0.52 11.70 -15.99
C GLN A 350 -1.40 11.31 -14.74
N GLU A 351 -2.28 10.34 -14.92
CA GLU A 351 -3.05 9.80 -13.78
C GLU A 351 -2.12 9.06 -12.79
N LYS A 352 -1.20 8.25 -13.31
CA LYS A 352 -0.19 7.61 -12.48
C LYS A 352 0.74 8.61 -11.85
N VAL A 353 1.05 9.70 -12.55
CA VAL A 353 1.82 10.78 -11.93
C VAL A 353 1.08 11.32 -10.72
N GLU A 354 -0.20 11.59 -10.90
CA GLU A 354 -1.04 12.18 -9.84
C GLU A 354 -1.16 11.27 -8.62
N GLN A 355 -1.29 9.97 -8.84
CA GLN A 355 -1.33 9.07 -7.71
C GLN A 355 -0.01 8.97 -6.96
N ARG A 356 1.11 9.04 -7.67
CA ARG A 356 2.39 9.05 -6.98
C ARG A 356 2.60 10.31 -6.20
N MET A 357 2.28 11.47 -6.80
CA MET A 357 2.37 12.71 -6.04
C MET A 357 1.36 12.70 -4.92
N GLY A 358 0.25 12.01 -5.07
CA GLY A 358 -0.67 11.88 -3.95
C GLY A 358 -0.10 11.18 -2.73
N LEU A 359 0.92 10.32 -2.89
CA LEU A 359 1.55 9.63 -1.75
C LEU A 359 2.68 10.40 -1.12
N LEU A 360 3.00 11.58 -1.65
CA LEU A 360 4.06 12.41 -1.07
C LEU A 360 3.54 13.48 -0.08
N SER A 361 4.02 13.45 1.17
CA SER A 361 3.80 14.52 2.16
C SER A 361 5.09 15.33 2.35
N THR A 362 4.96 16.52 2.92
CA THR A 362 6.11 17.38 3.20
C THR A 362 5.96 18.07 4.54
N THR A 363 7.00 18.13 5.35
CA THR A 363 6.99 18.86 6.63
C THR A 363 8.21 19.76 6.78
N LEU A 364 8.11 20.64 7.79
CA LEU A 364 9.27 21.37 8.34
C LEU A 364 9.58 20.94 9.75
N SER A 365 8.81 20.03 10.31
CA SER A 365 8.98 19.61 11.69
C SER A 365 9.40 18.17 11.76
N TYR A 366 10.50 17.91 12.46
CA TYR A 366 10.90 16.57 12.86
C TYR A 366 9.79 15.82 13.56
N ASP A 367 8.83 16.51 14.13
CA ASP A 367 7.81 15.80 14.92
C ASP A 367 6.74 15.03 14.05
N ASP A 368 6.50 15.50 12.84
CA ASP A 368 5.72 14.73 11.84
C ASP A 368 6.48 13.53 11.19
N LEU A 369 7.65 13.14 11.72
CA LEU A 369 8.41 11.91 11.28
C LEU A 369 8.14 10.86 12.28
N LYS A 370 7.15 11.13 13.11
CA LYS A 370 6.93 10.38 14.31
C LYS A 370 6.36 8.99 14.18
N ASP A 371 5.61 8.67 13.12
CA ASP A 371 5.33 7.21 12.87
C ASP A 371 5.85 6.58 11.56
N ALA A 372 6.87 7.20 10.98
CA ALA A 372 7.58 6.56 9.89
C ALA A 372 8.29 5.35 10.36
N ASP A 373 8.23 4.28 9.57
CA ASP A 373 8.93 3.03 9.88
C ASP A 373 10.41 3.03 9.46
N LEU A 374 10.76 3.84 8.48
CA LEU A 374 12.11 3.86 7.89
C LEU A 374 12.35 5.34 7.62
N ILE A 375 13.47 5.87 8.10
CA ILE A 375 13.79 7.27 7.85
C ILE A 375 15.15 7.30 7.17
N ILE A 376 15.22 7.96 6.01
CA ILE A 376 16.45 7.95 5.24
C ILE A 376 16.97 9.36 5.22
N GLU A 377 18.14 9.54 5.78
CA GLU A 377 18.76 10.88 5.81
C GLU A 377 19.55 11.11 4.57
N ALA A 378 19.28 12.23 3.88
CA ALA A 378 19.93 12.61 2.62
C ALA A 378 20.39 14.11 2.60
N VAL A 379 21.14 14.48 3.63
CA VAL A 379 21.62 15.88 3.79
C VAL A 379 23.11 16.03 3.43
N PHE A 380 23.68 17.22 3.72
CA PHE A 380 25.07 17.55 3.39
C PHE A 380 26.05 16.54 4.00
N GLU A 381 27.03 16.10 3.19
CA GLU A 381 28.03 15.08 3.56
C GLU A 381 29.08 15.66 4.50
N GLU A 382 28.69 15.85 5.76
CA GLU A 382 29.52 16.47 6.76
C GLU A 382 29.09 15.82 8.08
N MET A 383 30.02 15.21 8.81
CA MET A 383 29.69 14.45 10.01
C MET A 383 28.91 15.24 11.05
N GLY A 384 29.27 16.50 11.24
CA GLY A 384 28.55 17.37 12.18
C GLY A 384 27.09 17.59 11.76
N VAL A 385 26.85 17.76 10.45
CA VAL A 385 25.42 17.80 10.00
C VAL A 385 24.67 16.45 10.28
N LYS A 386 25.34 15.32 10.04
CA LYS A 386 24.78 14.02 10.38
C LYS A 386 24.46 13.95 11.85
N GLU A 387 25.35 14.47 12.69
CA GLU A 387 25.12 14.39 14.15
C GLU A 387 23.86 15.14 14.55
N THR A 388 23.67 16.31 13.97
CA THR A 388 22.50 17.14 14.25
C THR A 388 21.23 16.35 13.81
N VAL A 389 21.26 15.81 12.59
CA VAL A 389 20.07 15.07 12.08
C VAL A 389 19.80 13.87 12.94
N PHE A 390 20.79 13.05 13.22
CA PHE A 390 20.52 11.77 13.85
C PHE A 390 20.20 11.89 15.31
N LYS A 391 20.62 12.98 15.92
CA LYS A 391 20.21 13.26 17.29
C LYS A 391 18.72 13.63 17.31
N LYS A 392 18.28 14.45 16.36
CA LYS A 392 16.83 14.76 16.22
C LYS A 392 16.06 13.50 16.00
N LEU A 393 16.52 12.70 15.03
CA LEU A 393 15.83 11.42 14.76
C LEU A 393 15.78 10.55 16.00
N ASP A 394 16.83 10.53 16.81
CA ASP A 394 16.77 9.66 17.98
C ASP A 394 15.69 10.11 19.01
N GLU A 395 15.40 11.40 19.14
CA GLU A 395 14.35 11.89 20.07
C GLU A 395 12.97 11.55 19.54
N VAL A 396 12.77 11.94 18.28
CA VAL A 396 11.49 11.89 17.57
C VAL A 396 11.00 10.49 17.11
N ALA A 397 11.89 9.66 16.55
CA ALA A 397 11.46 8.44 15.80
C ALA A 397 10.87 7.40 16.71
N LYS A 398 9.82 6.71 16.28
CA LYS A 398 9.20 5.72 17.13
C LYS A 398 10.16 4.64 17.33
N GLN A 399 10.01 3.93 18.44
CA GLN A 399 10.84 2.78 18.70
C GLN A 399 10.58 1.75 17.64
N GLY A 400 11.66 1.26 17.03
CA GLY A 400 11.62 0.21 16.02
C GLY A 400 11.77 0.77 14.59
N ALA A 401 11.72 2.08 14.45
CA ALA A 401 12.00 2.71 13.23
C ALA A 401 13.47 2.42 12.84
N ILE A 402 13.72 2.27 11.53
CA ILE A 402 15.10 2.11 11.04
C ILE A 402 15.56 3.45 10.58
N LEU A 403 16.76 3.84 11.01
CA LEU A 403 17.33 5.18 10.71
C LEU A 403 18.50 4.96 9.76
N ALA A 404 18.41 5.49 8.55
CA ALA A 404 19.35 5.14 7.50
C ALA A 404 20.00 6.41 7.00
N SER A 405 21.30 6.29 6.72
CA SER A 405 22.04 7.36 6.08
C SER A 405 22.37 6.97 4.63
N ASN A 406 22.18 7.93 3.74
CA ASN A 406 22.52 7.89 2.38
C ASN A 406 23.99 8.20 2.15
N THR A 407 24.79 8.36 3.20
CA THR A 407 26.20 8.76 3.05
C THR A 407 27.02 7.87 2.06
N SER A 408 27.83 8.47 1.21
CA SER A 408 28.57 7.66 0.20
C SER A 408 30.02 7.36 0.56
N THR A 409 30.47 8.10 1.58
CA THR A 409 31.84 8.21 2.08
C THR A 409 31.93 7.73 3.54
N LEU A 410 31.17 8.45 4.42
CA LEU A 410 31.31 8.58 5.91
C LEU A 410 31.01 7.34 6.80
N ASP A 411 31.59 7.36 8.00
CA ASP A 411 31.61 6.22 8.91
C ASP A 411 30.25 6.05 9.57
N VAL A 412 29.58 5.00 9.13
CA VAL A 412 28.25 4.66 9.58
C VAL A 412 28.30 4.23 11.05
N ASN A 413 29.37 3.60 11.48
CA ASN A 413 29.53 3.27 12.93
C ASN A 413 29.53 4.51 13.86
N LYS A 414 30.13 5.59 13.38
CA LYS A 414 30.13 6.84 14.09
C LYS A 414 28.74 7.53 13.98
N ILE A 415 28.06 7.40 12.85
CA ILE A 415 26.70 8.00 12.73
C ILE A 415 25.79 7.33 13.73
N ALA A 416 25.93 6.02 13.82
CA ALA A 416 25.15 5.19 14.71
C ALA A 416 25.38 5.53 16.19
N SER A 417 26.63 5.81 16.53
CA SER A 417 27.02 6.25 17.89
C SER A 417 26.44 7.60 18.31
N PHE A 418 25.91 8.39 17.38
CA PHE A 418 25.13 9.55 17.75
C PHE A 418 23.75 9.21 18.32
N THR A 419 23.37 7.94 18.36
CA THR A 419 22.06 7.54 18.87
C THR A 419 22.18 6.53 19.96
N LYS A 420 21.08 6.39 20.68
CA LYS A 420 20.92 5.44 21.75
C LYS A 420 20.56 4.07 21.21
N ARG A 421 20.38 3.94 19.89
CA ARG A 421 19.92 2.68 19.34
C ARG A 421 20.73 2.38 18.05
N PRO A 422 22.05 2.22 18.20
CA PRO A 422 22.85 2.00 17.04
C PRO A 422 22.49 0.71 16.26
N GLN A 423 21.89 -0.28 16.92
CA GLN A 423 21.38 -1.45 16.21
C GLN A 423 20.31 -1.18 15.10
N ASP A 424 19.73 0.00 15.10
CA ASP A 424 18.65 0.36 14.17
C ASP A 424 19.19 1.35 13.12
N VAL A 425 20.52 1.46 13.02
CA VAL A 425 21.11 2.47 12.18
C VAL A 425 21.81 1.67 11.08
N VAL A 426 21.67 2.13 9.85
CA VAL A 426 22.21 1.35 8.71
C VAL A 426 22.52 2.35 7.61
N GLY A 427 23.44 2.03 6.72
CA GLY A 427 23.56 2.81 5.50
C GLY A 427 22.67 2.28 4.36
N MET A 428 21.99 3.20 3.70
CA MET A 428 21.26 2.92 2.50
C MET A 428 21.77 3.94 1.51
N HIS A 429 22.84 3.54 0.80
CA HIS A 429 23.53 4.40 -0.16
C HIS A 429 22.96 4.18 -1.54
N PHE A 430 22.16 5.14 -1.98
CA PHE A 430 21.62 5.21 -3.31
C PHE A 430 22.54 5.91 -4.26
N PHE A 431 22.35 5.68 -5.54
CA PHE A 431 23.21 6.27 -6.55
C PHE A 431 22.43 7.26 -7.41
N SER A 432 23.07 8.35 -7.78
CA SER A 432 22.48 9.45 -8.54
C SER A 432 22.34 9.11 -10.00
N PRO A 433 21.21 9.41 -10.67
CA PRO A 433 19.87 9.77 -10.09
C PRO A 433 19.17 8.55 -9.48
N ALA A 434 18.65 8.70 -8.26
CA ALA A 434 18.36 7.57 -7.38
C ALA A 434 17.09 6.86 -7.80
N ASN A 435 16.28 7.55 -8.57
CA ASN A 435 15.09 6.93 -9.16
C ASN A 435 15.38 6.15 -10.42
N VAL A 436 16.62 6.23 -10.94
CA VAL A 436 17.02 5.50 -12.14
C VAL A 436 18.07 4.38 -11.89
N MET A 437 19.16 4.76 -11.23
CA MET A 437 20.20 3.79 -10.86
C MET A 437 19.64 2.70 -9.99
N LYS A 438 19.97 1.50 -10.37
CA LYS A 438 19.42 0.33 -9.74
C LYS A 438 20.15 -0.01 -8.42
N LEU A 439 21.35 0.52 -8.21
CA LEU A 439 22.18 0.01 -7.17
C LEU A 439 21.75 0.66 -5.85
N LEU A 440 21.65 -0.19 -4.84
CA LEU A 440 21.51 0.26 -3.46
C LEU A 440 22.62 -0.47 -2.71
N GLU A 441 23.60 0.30 -2.21
CA GLU A 441 24.68 -0.21 -1.39
C GLU A 441 24.25 -0.13 0.06
N VAL A 442 24.01 -1.29 0.65
CA VAL A 442 23.54 -1.35 2.04
C VAL A 442 24.76 -1.50 2.93
N VAL A 443 24.97 -0.55 3.84
CA VAL A 443 26.15 -0.59 4.70
C VAL A 443 25.76 -1.09 6.08
N ARG A 444 26.36 -2.21 6.43
CA ARG A 444 26.07 -2.90 7.65
C ARG A 444 27.04 -2.33 8.68
N GLY A 445 26.51 -1.58 9.64
CA GLY A 445 27.31 -1.17 10.82
C GLY A 445 27.64 -2.36 11.71
N GLU A 446 28.72 -2.25 12.44
CA GLU A 446 29.09 -3.24 13.47
C GLU A 446 27.93 -3.66 14.36
N LYS A 447 27.11 -2.69 14.73
CA LYS A 447 26.02 -2.92 15.65
C LYS A 447 24.66 -3.17 14.97
N THR A 448 24.58 -2.95 13.63
CA THR A 448 23.34 -3.07 12.91
C THR A 448 22.73 -4.44 13.20
N GLY A 449 21.48 -4.47 13.66
CA GLY A 449 20.80 -5.73 13.87
C GLY A 449 20.60 -6.52 12.61
N LYS A 450 20.50 -7.82 12.80
CA LYS A 450 20.25 -8.75 11.72
C LYS A 450 18.86 -8.59 11.16
N ASP A 451 17.92 -8.23 12.04
CA ASP A 451 16.55 -7.98 11.61
C ASP A 451 16.48 -6.72 10.70
N VAL A 452 17.21 -5.71 11.11
CA VAL A 452 17.31 -4.44 10.42
C VAL A 452 17.91 -4.68 9.05
N LEU A 453 19.02 -5.41 8.98
CA LEU A 453 19.66 -5.74 7.71
C LEU A 453 18.70 -6.50 6.79
N ALA A 454 18.06 -7.55 7.29
CA ALA A 454 17.12 -8.31 6.50
C ALA A 454 15.96 -7.44 6.00
N THR A 455 15.53 -6.49 6.82
CA THR A 455 14.48 -5.57 6.44
C THR A 455 14.83 -4.62 5.29
N VAL A 456 15.99 -3.97 5.38
CA VAL A 456 16.48 -3.11 4.32
C VAL A 456 16.62 -3.93 3.02
N MET A 457 17.01 -5.22 3.08
CA MET A 457 17.17 -6.04 1.89
C MET A 457 15.84 -6.25 1.20
N GLN A 458 14.82 -6.48 2.01
CA GLN A 458 13.49 -6.67 1.55
C GLN A 458 12.90 -5.41 0.96
N VAL A 459 13.09 -4.29 1.62
CA VAL A 459 12.63 -2.99 1.13
C VAL A 459 13.32 -2.71 -0.23
N GLY A 460 14.63 -2.96 -0.31
CA GLY A 460 15.38 -2.79 -1.56
C GLY A 460 14.69 -3.48 -2.74
N LYS A 461 14.33 -4.74 -2.58
CA LYS A 461 13.71 -5.52 -3.63
C LYS A 461 12.34 -4.97 -3.94
N LYS A 462 11.58 -4.54 -2.94
CA LYS A 462 10.28 -3.89 -3.17
C LYS A 462 10.33 -2.62 -3.95
N ILE A 463 11.36 -1.80 -3.77
CA ILE A 463 11.46 -0.59 -4.58
C ILE A 463 12.34 -0.79 -5.84
N LYS A 464 12.58 -2.04 -6.21
CA LYS A 464 13.26 -2.48 -7.47
C LYS A 464 14.74 -2.08 -7.55
N LYS A 465 15.42 -2.11 -6.43
CA LYS A 465 16.84 -1.93 -6.41
C LYS A 465 17.50 -3.26 -6.34
N THR A 466 18.72 -3.30 -6.89
CA THR A 466 19.70 -4.35 -6.57
C THR A 466 20.52 -4.00 -5.33
N ALA A 467 20.19 -4.63 -4.21
CA ALA A 467 20.74 -4.31 -2.94
C ALA A 467 21.98 -5.17 -2.73
N VAL A 468 23.11 -4.52 -2.48
CA VAL A 468 24.30 -5.21 -2.16
C VAL A 468 24.81 -4.76 -0.83
N VAL A 469 25.21 -5.73 0.02
CA VAL A 469 25.70 -5.43 1.37
C VAL A 469 27.22 -5.17 1.40
N SER A 470 27.65 -4.04 1.99
CA SER A 470 29.07 -3.67 2.23
C SER A 470 29.32 -3.55 3.73
N GLY A 471 30.50 -3.99 4.15
CA GLY A 471 31.00 -3.63 5.47
C GLY A 471 31.43 -2.15 5.49
N VAL A 472 31.89 -1.65 6.65
CA VAL A 472 32.23 -0.25 6.83
C VAL A 472 33.74 -0.14 6.56
N CYS A 473 34.08 0.68 5.59
CA CYS A 473 35.42 1.04 5.32
C CYS A 473 35.21 2.33 4.54
N ASP A 474 36.27 3.11 4.36
CA ASP A 474 36.19 4.32 3.55
C ASP A 474 35.81 3.97 2.10
N GLY A 475 34.70 4.49 1.63
CA GLY A 475 34.26 4.21 0.29
C GLY A 475 33.50 2.90 0.08
N PHE A 476 33.27 2.14 1.14
CA PHE A 476 32.48 0.89 1.01
C PHE A 476 33.02 0.00 -0.13
N ILE A 477 32.20 -0.40 -1.08
CA ILE A 477 32.65 -1.18 -2.19
C ILE A 477 32.87 -0.27 -3.38
N GLY A 478 31.83 0.41 -3.82
CA GLY A 478 31.83 1.07 -5.14
C GLY A 478 32.85 2.19 -5.19
N ASN A 479 32.80 3.10 -4.22
CA ASN A 479 33.67 4.28 -4.31
C ASN A 479 35.08 4.00 -3.96
N ARG A 480 35.29 3.06 -3.05
CA ARG A 480 36.64 2.61 -2.77
C ARG A 480 37.35 2.09 -4.03
N MET A 481 36.68 1.29 -4.82
CA MET A 481 37.23 0.83 -6.07
C MET A 481 37.37 1.98 -7.08
N ILE A 482 36.35 2.81 -7.22
CA ILE A 482 36.42 3.81 -8.26
C ILE A 482 37.59 4.84 -8.00
N GLU A 483 37.94 5.09 -6.74
CA GLU A 483 39.14 5.88 -6.39
C GLU A 483 40.42 5.34 -7.05
N GLN A 484 40.60 4.02 -7.11
CA GLN A 484 41.78 3.45 -7.67
C GLN A 484 41.79 3.63 -9.20
N TYR A 485 40.62 3.54 -9.81
CA TYR A 485 40.37 3.71 -11.24
C TYR A 485 40.67 5.14 -11.64
N SER A 486 40.12 6.09 -10.90
CA SER A 486 40.39 7.54 -11.10
C SER A 486 41.87 7.87 -10.92
N ARG A 487 42.47 7.29 -9.93
CA ARG A 487 43.90 7.47 -9.66
C ARG A 487 44.70 7.08 -10.90
N GLN A 488 44.41 5.91 -11.50
CA GLN A 488 45.09 5.48 -12.71
C GLN A 488 44.82 6.43 -13.87
N ALA A 489 43.57 6.88 -14.03
CA ALA A 489 43.24 7.85 -15.07
C ALA A 489 44.14 9.06 -15.01
N GLY A 490 44.17 9.72 -13.84
CA GLY A 490 45.08 10.79 -13.52
C GLY A 490 46.53 10.59 -13.90
N TYR A 491 47.09 9.48 -13.47
CA TYR A 491 48.45 9.09 -13.82
C TYR A 491 48.68 8.93 -15.31
N LEU A 492 47.72 8.36 -16.02
CA LEU A 492 47.80 8.33 -17.45
C LEU A 492 47.96 9.74 -18.02
N LEU A 493 47.23 10.72 -17.54
CA LEU A 493 47.41 12.08 -18.10
C LEU A 493 48.89 12.53 -17.88
N ASP A 494 49.41 12.34 -16.67
CA ASP A 494 50.83 12.67 -16.37
C ASP A 494 51.77 12.04 -17.38
N GLU A 495 51.51 10.76 -17.72
CA GLU A 495 52.43 9.97 -18.53
C GLU A 495 52.32 10.23 -20.04
N GLY A 496 51.27 10.92 -20.51
CA GLY A 496 51.03 10.98 -21.96
C GLY A 496 49.63 10.89 -22.55
N ALA A 497 48.61 10.73 -21.70
CA ALA A 497 47.20 10.73 -22.19
C ALA A 497 46.60 12.09 -22.05
N LEU A 498 45.50 12.26 -22.76
CA LEU A 498 44.64 13.36 -22.60
C LEU A 498 43.24 12.83 -22.28
N PRO A 499 42.37 13.71 -21.78
CA PRO A 499 41.09 13.25 -21.28
C PRO A 499 40.16 12.57 -22.29
N GLU A 500 39.92 13.19 -23.44
CA GLU A 500 39.05 12.54 -24.44
C GLU A 500 39.57 11.18 -24.88
N GLN A 501 40.87 11.08 -25.07
CA GLN A 501 41.48 9.81 -25.43
C GLN A 501 41.15 8.70 -24.40
N VAL A 502 41.25 9.04 -23.11
CA VAL A 502 41.02 8.05 -22.06
C VAL A 502 39.54 7.68 -22.03
N ASP A 503 38.67 8.67 -22.07
CA ASP A 503 37.24 8.41 -22.00
C ASP A 503 36.75 7.52 -23.21
N LYS A 504 37.11 7.91 -24.40
CA LYS A 504 36.86 7.03 -25.59
C LYS A 504 37.38 5.63 -25.49
N ALA A 505 38.59 5.44 -25.00
CA ALA A 505 39.10 4.08 -24.91
C ALA A 505 38.21 3.24 -23.96
N ILE A 506 37.88 3.80 -22.79
CA ILE A 506 37.15 3.02 -21.80
C ILE A 506 35.68 2.90 -22.23
N GLU A 507 35.19 3.87 -22.99
CA GLU A 507 33.83 3.80 -23.45
C GLU A 507 33.66 2.75 -24.57
N LYS A 508 34.67 2.63 -25.40
CA LYS A 508 34.75 1.55 -26.40
C LYS A 508 34.83 0.17 -25.75
N PHE A 509 35.59 0.06 -24.67
CA PHE A 509 35.63 -1.18 -23.91
C PHE A 509 34.21 -1.55 -23.43
N GLY A 510 33.43 -0.54 -23.14
CA GLY A 510 31.98 -0.65 -22.91
C GLY A 510 31.37 0.12 -21.76
N PHE A 511 32.18 0.86 -21.02
CA PHE A 511 31.65 1.73 -19.95
C PHE A 511 30.73 2.74 -20.57
N ALA A 512 29.65 3.09 -19.84
CA ALA A 512 28.71 4.07 -20.36
C ALA A 512 29.34 5.47 -20.42
N MET A 513 30.28 5.76 -19.52
CA MET A 513 30.86 7.10 -19.40
C MET A 513 32.25 7.01 -18.77
N GLY A 514 33.26 7.54 -19.46
CA GLY A 514 34.58 7.54 -18.95
C GLY A 514 34.79 8.45 -17.73
N PRO A 515 35.94 8.32 -17.12
CA PRO A 515 36.24 9.01 -15.86
C PRO A 515 36.24 10.56 -15.92
N PHE A 516 36.67 11.14 -17.04
CA PHE A 516 36.74 12.62 -17.11
C PHE A 516 35.36 13.19 -17.30
N ARG A 517 34.60 12.65 -18.25
CA ARG A 517 33.20 13.02 -18.29
C ARG A 517 32.45 12.81 -16.96
N MET A 518 32.74 11.71 -16.25
CA MET A 518 32.09 11.38 -14.98
C MET A 518 32.52 12.41 -13.90
N GLY A 519 33.82 12.70 -13.82
CA GLY A 519 34.30 13.82 -12.92
C GLY A 519 33.56 15.13 -13.17
N ASP A 520 33.44 15.53 -14.43
CA ASP A 520 32.64 16.70 -14.81
C ASP A 520 31.17 16.66 -14.48
N LEU A 521 30.56 15.48 -14.56
CA LEU A 521 29.17 15.35 -14.23
C LEU A 521 29.02 15.41 -12.73
N ALA A 522 29.89 14.74 -11.97
CA ALA A 522 29.72 14.74 -10.50
C ALA A 522 30.01 16.14 -9.95
N GLY A 523 31.06 16.78 -10.50
CA GLY A 523 31.60 18.05 -10.00
C GLY A 523 32.99 17.73 -9.49
N ASN A 524 34.01 18.27 -10.15
CA ASN A 524 35.38 17.91 -9.80
C ASN A 524 35.81 18.50 -8.46
N ASP A 525 35.10 19.54 -8.02
CA ASP A 525 35.37 20.18 -6.72
C ASP A 525 35.24 19.26 -5.51
N ILE A 526 34.35 18.27 -5.62
CA ILE A 526 34.04 17.38 -4.52
C ILE A 526 35.24 16.56 -4.17
N GLY A 527 35.78 15.88 -5.18
CA GLY A 527 37.00 15.10 -5.03
C GLY A 527 38.19 15.95 -4.61
N TRP A 528 38.21 17.21 -5.07
CA TRP A 528 39.27 18.18 -4.69
C TRP A 528 39.32 18.39 -3.15
N ALA A 529 38.17 18.68 -2.56
CA ALA A 529 38.09 18.91 -1.11
C ALA A 529 38.51 17.65 -0.35
N ILE A 530 37.97 16.50 -0.76
CA ILE A 530 38.34 15.21 -0.19
C ILE A 530 39.87 15.05 -0.18
N ARG A 531 40.50 15.22 -1.36
CA ARG A 531 41.95 15.05 -1.45
C ARG A 531 42.76 15.99 -0.50
N LYS A 532 42.26 17.22 -0.33
CA LYS A 532 42.93 18.26 0.46
C LYS A 532 42.91 17.81 1.95
N ARG A 533 41.72 17.47 2.47
CA ARG A 533 41.65 16.85 3.83
C ARG A 533 42.52 15.57 3.97
N ARG A 534 42.59 14.71 2.96
CA ARG A 534 43.43 13.50 3.03
C ARG A 534 44.94 13.80 3.14
N ALA A 535 45.42 14.77 2.37
CA ALA A 535 46.85 15.11 2.40
C ALA A 535 47.33 15.56 3.80
N VAL A 536 46.46 16.27 4.54
CA VAL A 536 46.62 16.62 5.98
C VAL A 536 46.61 15.40 6.91
N ASP A 537 45.72 14.45 6.63
CA ASP A 537 45.59 13.21 7.40
C ASP A 537 46.81 12.31 7.21
N LYS A 538 46.83 11.22 8.02
CA LYS A 538 47.79 10.10 7.91
C LYS A 538 48.18 9.74 6.47
N PRO A 539 47.19 9.70 5.52
CA PRO A 539 47.61 9.43 4.14
C PRO A 539 48.65 10.41 3.55
N GLU A 540 49.75 9.83 3.04
CA GLU A 540 50.55 10.47 2.02
C GLU A 540 50.49 9.68 0.72
N ILE A 541 49.27 9.33 0.29
CA ILE A 541 49.01 8.79 -1.08
C ILE A 541 49.36 9.85 -2.12
N GLN A 542 49.87 9.41 -3.27
CA GLN A 542 50.04 10.29 -4.44
C GLN A 542 48.82 10.15 -5.36
N TYR A 543 48.42 11.28 -5.92
CA TYR A 543 47.40 11.35 -6.96
C TYR A 543 48.11 12.23 -7.99
N SER A 544 47.69 12.19 -9.26
CA SER A 544 48.11 13.21 -10.19
C SER A 544 47.52 14.52 -9.70
N LYS A 545 48.34 15.56 -9.63
CA LYS A 545 47.88 16.95 -9.32
C LYS A 545 47.04 17.63 -10.44
N THR A 546 47.12 17.05 -11.62
CA THR A 546 46.25 17.39 -12.73
C THR A 546 44.80 17.79 -12.34
N ALA A 547 44.14 16.98 -11.49
CA ALA A 547 42.80 17.27 -11.04
C ALA A 547 42.72 18.48 -10.10
N ASP A 548 43.73 18.63 -9.25
CA ASP A 548 43.84 19.80 -8.35
C ASP A 548 43.98 21.08 -9.19
N LEU A 549 44.93 21.04 -10.15
CA LEU A 549 45.18 22.15 -11.10
C LEU A 549 43.97 22.48 -11.93
N LEU A 550 43.21 21.45 -12.33
CA LEU A 550 41.94 21.68 -12.99
C LEU A 550 41.01 22.49 -12.07
N CYS A 551 40.84 22.06 -10.82
CA CYS A 551 39.96 22.84 -9.90
C CYS A 551 40.48 24.25 -9.53
N GLU A 552 41.77 24.38 -9.39
CA GLU A 552 42.42 25.71 -9.23
C GLU A 552 42.10 26.70 -10.35
N MET A 553 41.83 26.20 -11.58
CA MET A 553 41.27 27.03 -12.69
C MET A 553 39.79 27.30 -12.53
N GLY A 554 39.17 26.78 -11.47
CA GLY A 554 37.74 26.90 -11.31
C GLY A 554 36.87 26.03 -12.21
N ARG A 555 37.47 25.08 -12.92
CA ARG A 555 36.72 24.26 -13.90
C ARG A 555 36.06 23.03 -13.24
N PHE A 556 34.92 23.28 -12.63
CA PHE A 556 34.30 22.28 -11.80
C PHE A 556 33.56 21.23 -12.63
N GLY A 557 33.23 21.54 -13.88
CA GLY A 557 32.54 20.57 -14.75
C GLY A 557 31.29 21.13 -15.34
N GLN A 558 30.30 20.26 -15.59
CA GLN A 558 29.05 20.72 -16.21
C GLN A 558 28.34 21.82 -15.42
N LYS A 559 28.40 21.82 -14.10
CA LYS A 559 27.74 22.89 -13.34
C LYS A 559 28.32 24.30 -13.59
N THR A 560 29.60 24.42 -13.93
CA THR A 560 30.12 25.72 -14.37
C THR A 560 30.36 25.80 -15.86
N GLY A 561 29.80 24.89 -16.66
CA GLY A 561 30.05 24.85 -18.11
C GLY A 561 31.45 24.48 -18.58
N ALA A 562 32.33 24.13 -17.66
CA ALA A 562 33.74 24.01 -17.92
C ALA A 562 34.36 23.07 -16.89
N GLY A 563 34.86 21.92 -17.36
CA GLY A 563 35.55 20.94 -16.50
C GLY A 563 36.74 20.49 -17.30
N TRP A 564 36.99 19.18 -17.32
CA TRP A 564 37.96 18.64 -18.25
C TRP A 564 37.64 19.01 -19.70
N TYR A 565 36.35 19.12 -19.99
CA TYR A 565 35.88 19.50 -21.29
C TYR A 565 35.09 20.77 -21.13
N ASP A 566 34.69 21.38 -22.26
CA ASP A 566 33.67 22.44 -22.25
C ASP A 566 32.32 21.88 -22.65
N TYR A 567 31.25 22.55 -22.21
CA TYR A 567 29.86 22.11 -22.42
C TYR A 567 29.06 23.29 -22.92
N LYS A 568 28.22 23.08 -23.93
CA LYS A 568 27.25 24.10 -24.34
C LYS A 568 25.87 23.65 -24.01
N ALA A 569 25.05 24.59 -23.54
CA ALA A 569 23.66 24.29 -23.22
C ALA A 569 22.88 23.71 -24.44
N GLY A 570 22.03 22.71 -24.14
CA GLY A 570 21.29 21.95 -25.14
C GLY A 570 22.12 20.99 -25.98
N ASP A 571 23.38 20.78 -25.63
CA ASP A 571 24.33 20.11 -26.50
C ASP A 571 25.03 19.02 -25.67
N ARG A 572 24.79 17.75 -26.00
CA ARG A 572 25.32 16.60 -25.21
C ARG A 572 26.85 16.37 -25.40
N LYS A 573 27.49 16.94 -26.43
CA LYS A 573 28.89 16.65 -26.71
C LYS A 573 29.86 17.27 -25.69
N PRO A 574 30.74 16.47 -25.11
CA PRO A 574 31.80 17.09 -24.34
C PRO A 574 32.94 17.52 -25.28
N TYR A 575 33.25 18.81 -25.28
CA TYR A 575 34.24 19.44 -26.17
C TYR A 575 35.60 19.55 -25.50
N PRO A 576 36.66 18.95 -26.08
CA PRO A 576 37.99 19.14 -25.52
C PRO A 576 38.37 20.63 -25.40
N ASN A 577 39.15 20.98 -24.39
CA ASN A 577 39.49 22.36 -24.13
C ASN A 577 41.00 22.46 -24.21
N GLN A 578 41.48 23.50 -24.89
CA GLN A 578 42.94 23.74 -25.06
C GLN A 578 43.67 24.07 -23.78
N GLN A 579 43.08 24.94 -22.98
CA GLN A 579 43.71 25.36 -21.73
C GLN A 579 43.95 24.11 -20.83
N VAL A 580 42.93 23.24 -20.78
CA VAL A 580 43.04 22.01 -20.04
C VAL A 580 44.18 21.19 -20.60
N ASN A 581 44.15 20.92 -21.92
CA ASN A 581 45.17 20.06 -22.49
C ASN A 581 46.57 20.65 -22.32
N ASP A 582 46.70 22.00 -22.41
CA ASP A 582 48.00 22.69 -22.13
C ASP A 582 48.53 22.46 -20.72
N MET A 583 47.65 22.64 -19.74
CA MET A 583 48.01 22.37 -18.34
C MET A 583 48.53 20.93 -18.17
N ILE A 584 47.86 19.96 -18.82
CA ILE A 584 48.33 18.57 -18.73
C ILE A 584 49.74 18.43 -19.29
N VAL A 585 49.95 18.93 -20.52
CA VAL A 585 51.24 18.74 -21.20
C VAL A 585 52.33 19.45 -20.35
N GLN A 586 52.04 20.66 -19.91
CA GLN A 586 52.95 21.36 -19.00
C GLN A 586 53.21 20.56 -17.75
N HIS A 587 52.17 19.96 -17.17
CA HIS A 587 52.37 19.23 -15.94
C HIS A 587 53.37 18.12 -16.07
N SER A 588 53.39 17.43 -17.21
CA SER A 588 54.38 16.41 -17.46
C SER A 588 55.80 16.99 -17.51
N LYS A 589 55.95 18.13 -18.20
CA LYS A 589 57.18 18.95 -18.18
C LYS A 589 57.61 19.19 -16.72
N ASP A 590 56.75 19.79 -15.91
CA ASP A 590 57.03 20.02 -14.49
C ASP A 590 57.38 18.80 -13.63
N LEU A 591 56.98 17.59 -14.01
CA LEU A 591 57.47 16.36 -13.36
C LEU A 591 58.73 15.84 -14.05
N GLY A 592 59.15 16.48 -15.15
CA GLY A 592 60.28 15.99 -15.91
C GLY A 592 60.01 14.66 -16.60
N ILE A 593 58.73 14.43 -16.90
CA ILE A 593 58.26 13.22 -17.59
C ILE A 593 58.25 13.55 -19.08
N THR A 594 58.99 12.81 -19.90
CA THR A 594 58.84 13.01 -21.33
C THR A 594 57.62 12.16 -21.76
N ARG A 595 56.60 12.79 -22.34
CA ARG A 595 55.33 12.14 -22.62
C ARG A 595 55.49 11.03 -23.65
N ARG A 596 54.71 9.93 -23.52
CA ARG A 596 54.72 8.84 -24.51
C ARG A 596 53.32 8.58 -25.11
N LYS A 597 53.30 7.80 -26.17
CA LYS A 597 52.05 7.41 -26.80
C LYS A 597 51.48 6.24 -25.96
N ILE A 598 50.29 6.43 -25.39
CA ILE A 598 49.68 5.34 -24.63
C ILE A 598 48.60 4.66 -25.47
N SER A 599 48.74 3.34 -25.74
CA SER A 599 47.67 2.54 -26.48
C SER A 599 46.31 2.54 -25.72
N ASP A 600 45.21 2.45 -26.45
CA ASP A 600 43.92 2.19 -25.84
C ASP A 600 43.96 0.93 -24.96
N GLU A 601 44.74 -0.07 -25.33
CA GLU A 601 44.80 -1.30 -24.58
C GLU A 601 45.40 -1.07 -23.19
N GLU A 602 46.42 -0.24 -23.12
CA GLU A 602 47.07 0.04 -21.86
C GLU A 602 46.11 0.84 -21.03
N ILE A 603 45.38 1.77 -21.64
CA ILE A 603 44.40 2.56 -20.90
C ILE A 603 43.36 1.67 -20.16
N VAL A 604 42.78 0.72 -20.88
CA VAL A 604 41.75 -0.16 -20.38
C VAL A 604 42.33 -1.04 -19.29
N GLU A 605 43.51 -1.61 -19.51
CA GLU A 605 44.09 -2.46 -18.50
C GLU A 605 44.37 -1.70 -17.21
N ARG A 606 44.90 -0.50 -17.31
CA ARG A 606 45.28 0.25 -16.13
C ARG A 606 44.02 0.61 -15.36
N LEU A 607 42.98 1.08 -16.07
CA LEU A 607 41.73 1.44 -15.43
C LEU A 607 41.04 0.21 -14.78
N VAL A 608 40.88 -0.88 -15.54
CA VAL A 608 40.02 -2.03 -15.13
C VAL A 608 40.75 -2.85 -14.15
N PHE A 609 42.02 -3.06 -14.41
CA PHE A 609 42.77 -3.79 -13.48
C PHE A 609 42.98 -3.10 -12.09
N ALA A 610 42.91 -1.79 -12.05
CA ALA A 610 42.90 -1.04 -10.78
C ALA A 610 41.63 -1.37 -9.97
N LEU A 611 40.52 -1.51 -10.67
CA LEU A 611 39.25 -2.01 -10.05
C LEU A 611 39.42 -3.39 -9.49
N VAL A 612 39.95 -4.28 -10.33
CA VAL A 612 40.08 -5.68 -9.98
C VAL A 612 40.93 -5.86 -8.75
N ASN A 613 42.08 -5.17 -8.72
CA ASN A 613 43.02 -5.33 -7.59
C ASN A 613 42.40 -4.87 -6.26
N GLU A 614 41.72 -3.75 -6.29
CA GLU A 614 41.02 -3.26 -5.14
C GLU A 614 39.82 -4.15 -4.72
N GLY A 615 39.13 -4.75 -5.70
CA GLY A 615 38.04 -5.67 -5.44
C GLY A 615 38.56 -6.89 -4.69
N ALA A 616 39.74 -7.36 -5.08
CA ALA A 616 40.36 -8.49 -4.43
C ALA A 616 40.80 -8.24 -3.00
N ARG A 617 41.24 -7.00 -2.70
CA ARG A 617 41.49 -6.56 -1.31
C ARG A 617 40.18 -6.45 -0.51
N ILE A 618 39.15 -5.94 -1.17
CA ILE A 618 37.78 -5.91 -0.62
C ILE A 618 37.28 -7.32 -0.23
N LEU A 619 37.49 -8.28 -1.10
CA LEU A 619 37.12 -9.63 -0.82
C LEU A 619 37.93 -10.20 0.33
N GLU A 620 39.23 -9.91 0.33
CA GLU A 620 40.16 -10.47 1.35
C GLU A 620 39.75 -9.92 2.75
N GLU A 621 39.38 -8.66 2.80
CA GLU A 621 38.90 -8.05 4.02
C GLU A 621 37.52 -8.50 4.47
N GLY A 622 36.75 -9.19 3.63
CA GLY A 622 35.38 -9.45 3.94
C GLY A 622 34.43 -8.24 3.85
N ILE A 623 34.84 -7.10 3.29
CA ILE A 623 33.97 -5.97 3.03
C ILE A 623 32.82 -6.34 2.04
N ALA A 624 33.12 -7.14 1.03
CA ALA A 624 32.08 -7.75 0.17
C ALA A 624 32.10 -9.22 0.48
N SER A 625 30.95 -9.91 0.37
CA SER A 625 30.88 -11.26 0.79
C SER A 625 31.25 -12.17 -0.35
N LYS A 626 31.13 -11.72 -1.60
CA LYS A 626 31.45 -12.52 -2.73
C LYS A 626 31.76 -11.68 -3.97
N ALA A 627 32.57 -12.24 -4.87
CA ALA A 627 32.95 -11.52 -6.08
C ALA A 627 31.78 -11.05 -6.95
N SER A 628 30.73 -11.86 -7.09
CA SER A 628 29.59 -11.42 -7.90
C SER A 628 28.95 -10.20 -7.34
N ASP A 629 29.02 -9.98 -6.00
CA ASP A 629 28.47 -8.74 -5.42
C ASP A 629 29.19 -7.47 -5.96
N ILE A 630 30.50 -7.53 -6.07
CA ILE A 630 31.24 -6.46 -6.61
C ILE A 630 30.86 -6.24 -8.08
N ASP A 631 30.72 -7.34 -8.85
CA ASP A 631 30.25 -7.22 -10.23
C ASP A 631 28.89 -6.49 -10.33
N MET A 632 27.95 -6.85 -9.49
CA MET A 632 26.64 -6.18 -9.51
C MET A 632 26.72 -4.70 -9.17
N VAL A 633 27.51 -4.36 -8.14
CA VAL A 633 27.87 -2.92 -7.86
C VAL A 633 28.34 -2.20 -9.15
N TYR A 634 29.29 -2.80 -9.87
CA TYR A 634 29.86 -2.17 -11.08
C TYR A 634 28.83 -2.13 -12.22
N LEU A 635 28.02 -3.19 -12.33
CA LEU A 635 26.97 -3.25 -13.37
C LEU A 635 25.88 -2.23 -13.13
N THR A 636 25.50 -2.04 -11.86
CA THR A 636 24.28 -1.26 -11.51
C THR A 636 24.56 0.17 -11.00
N GLY A 637 25.81 0.43 -10.65
CA GLY A 637 26.21 1.71 -10.10
C GLY A 637 27.21 2.54 -10.94
N TYR A 638 28.01 1.94 -11.81
CA TYR A 638 29.10 2.63 -12.44
C TYR A 638 29.13 2.44 -13.95
N GLY A 639 28.06 1.86 -14.53
CA GLY A 639 27.98 1.63 -16.00
C GLY A 639 29.02 0.70 -16.60
N PHE A 640 29.54 -0.25 -15.80
CA PHE A 640 30.40 -1.30 -16.32
C PHE A 640 29.61 -2.13 -17.39
N PRO A 641 30.25 -2.48 -18.48
CA PRO A 641 29.55 -3.11 -19.65
C PRO A 641 28.84 -4.41 -19.26
N LEU A 642 27.53 -4.47 -19.48
CA LEU A 642 26.80 -5.73 -19.20
C LEU A 642 27.37 -6.94 -19.99
N PHE A 643 27.85 -6.70 -21.20
CA PHE A 643 28.37 -7.75 -22.03
C PHE A 643 29.67 -8.35 -21.56
N ARG A 644 30.31 -7.71 -20.57
CA ARG A 644 31.47 -8.28 -19.95
C ARG A 644 31.26 -8.71 -18.51
N GLY A 645 30.10 -8.43 -17.93
CA GLY A 645 29.72 -9.09 -16.66
C GLY A 645 30.13 -8.38 -15.35
N GLY A 646 31.13 -7.54 -15.40
CA GLY A 646 31.68 -6.93 -14.17
C GLY A 646 33.20 -7.10 -14.19
N PRO A 647 33.89 -6.33 -13.36
CA PRO A 647 35.33 -6.35 -13.37
C PRO A 647 35.97 -7.64 -12.95
N MET A 648 35.37 -8.29 -11.99
CA MET A 648 35.92 -9.53 -11.47
C MET A 648 35.72 -10.66 -12.47
N LEU A 649 34.52 -10.73 -13.05
CA LEU A 649 34.29 -11.72 -14.09
C LEU A 649 35.22 -11.45 -15.28
N TYR A 650 35.45 -10.21 -15.63
CA TYR A 650 36.31 -9.89 -16.76
C TYR A 650 37.76 -10.33 -16.49
N ALA A 651 38.23 -10.16 -15.25
CA ALA A 651 39.58 -10.61 -14.85
C ALA A 651 39.69 -12.12 -15.05
N ASP A 652 38.66 -12.84 -14.60
CA ASP A 652 38.51 -14.26 -14.83
C ASP A 652 38.57 -14.61 -16.30
N GLN A 653 37.86 -13.84 -17.14
CA GLN A 653 37.79 -14.09 -18.56
C GLN A 653 39.19 -13.87 -19.19
N VAL A 654 39.91 -12.84 -18.75
CA VAL A 654 41.31 -12.59 -19.23
C VAL A 654 42.26 -13.66 -18.73
N GLY A 655 42.02 -14.15 -17.53
CA GLY A 655 42.83 -15.21 -16.91
C GLY A 655 43.64 -14.53 -15.81
N LEU A 656 43.37 -14.88 -14.55
CA LEU A 656 44.04 -14.17 -13.49
C LEU A 656 45.58 -14.28 -13.58
N TYR A 657 46.07 -15.37 -14.16
CA TYR A 657 47.56 -15.50 -14.42
C TYR A 657 48.06 -14.32 -15.22
N ASN A 658 47.34 -13.97 -16.27
CA ASN A 658 47.69 -12.87 -17.16
C ASN A 658 47.53 -11.51 -16.47
N VAL A 659 46.45 -11.37 -15.70
CA VAL A 659 46.18 -10.15 -14.99
C VAL A 659 47.35 -9.87 -14.04
N ALA A 660 47.79 -10.88 -13.31
CA ALA A 660 48.88 -10.68 -12.35
C ALA A 660 50.19 -10.29 -13.03
N LEU A 661 50.42 -10.87 -14.21
CA LEU A 661 51.59 -10.50 -15.02
C LEU A 661 51.53 -9.05 -15.46
N SER A 662 50.35 -8.58 -15.86
CA SER A 662 50.24 -7.22 -16.33
C SER A 662 50.48 -6.27 -15.17
N MET A 663 49.96 -6.63 -14.00
CA MET A 663 50.18 -5.83 -12.82
C MET A 663 51.69 -5.72 -12.49
N LYS A 664 52.39 -6.82 -12.53
CA LYS A 664 53.83 -6.92 -12.25
C LYS A 664 54.64 -6.07 -13.24
N ARG A 665 54.20 -6.04 -14.48
CA ARG A 665 54.74 -5.11 -15.44
C ARG A 665 54.50 -3.64 -15.11
N TYR A 666 53.26 -3.27 -14.81
CA TYR A 666 53.00 -1.91 -14.41
C TYR A 666 53.70 -1.50 -13.12
N ALA A 667 53.96 -2.43 -12.22
CA ALA A 667 54.72 -2.13 -10.98
C ALA A 667 56.18 -1.55 -11.24
N LYS A 668 56.68 -1.74 -12.46
CA LYS A 668 58.02 -1.32 -12.92
C LYS A 668 57.98 0.08 -13.42
N GLY A 669 56.79 0.64 -13.57
CA GLY A 669 56.59 1.92 -14.21
C GLY A 669 56.34 3.00 -13.20
N TYR A 670 55.68 4.01 -13.72
CA TYR A 670 55.26 5.19 -12.99
C TYR A 670 54.28 4.81 -11.88
N HIS A 671 54.54 5.33 -10.67
CA HIS A 671 53.86 4.88 -9.46
C HIS A 671 53.53 3.38 -9.36
N GLY A 672 54.57 2.57 -9.49
CA GLY A 672 54.51 1.13 -9.27
C GLY A 672 54.01 0.65 -7.93
N GLU A 673 54.10 1.51 -6.92
CA GLU A 673 53.45 1.21 -5.62
C GLU A 673 52.00 0.82 -5.81
N ALA A 674 51.33 1.37 -6.83
CA ALA A 674 49.92 1.07 -7.12
C ALA A 674 49.60 -0.35 -7.60
N TRP A 675 50.63 -1.10 -7.97
CA TRP A 675 50.46 -2.32 -8.75
C TRP A 675 51.05 -3.50 -8.02
N GLN A 676 51.12 -3.39 -6.69
CA GLN A 676 51.40 -4.60 -5.91
C GLN A 676 50.17 -5.50 -6.11
N VAL A 677 50.38 -6.77 -6.42
CA VAL A 677 49.28 -7.66 -6.68
C VAL A 677 48.52 -7.99 -5.37
N ALA A 678 47.21 -7.80 -5.38
CA ALA A 678 46.41 -8.22 -4.23
C ALA A 678 46.70 -9.67 -3.88
N PRO A 679 46.95 -9.97 -2.62
CA PRO A 679 47.26 -11.33 -2.21
C PRO A 679 46.25 -12.41 -2.70
N LEU A 680 44.96 -12.10 -2.61
CA LEU A 680 43.92 -13.05 -3.02
C LEU A 680 44.04 -13.30 -4.53
N LEU A 681 44.31 -12.24 -5.28
CA LEU A 681 44.41 -12.37 -6.72
C LEU A 681 45.64 -13.24 -7.10
N GLN A 682 46.79 -13.00 -6.50
CA GLN A 682 48.00 -13.78 -6.78
C GLN A 682 47.84 -15.21 -6.37
N LYS A 683 47.10 -15.44 -5.29
CA LYS A 683 46.85 -16.84 -4.84
C LYS A 683 45.93 -17.57 -5.82
N LEU A 684 44.87 -16.90 -6.27
CA LEU A 684 43.99 -17.53 -7.28
C LEU A 684 44.72 -17.81 -8.61
N ALA A 685 45.42 -16.82 -9.11
CA ALA A 685 46.29 -16.96 -10.28
C ALA A 685 47.21 -18.22 -10.15
N ASP A 686 48.04 -18.29 -9.14
CA ASP A 686 48.94 -19.45 -8.93
C ASP A 686 48.19 -20.77 -8.83
N GLU A 687 46.97 -20.82 -8.25
CA GLU A 687 46.20 -22.07 -8.20
C GLU A 687 45.38 -22.37 -9.47
N GLY A 688 45.41 -21.52 -10.46
CA GLY A 688 44.64 -21.71 -11.62
C GLY A 688 43.12 -21.46 -11.45
N LYS A 689 42.73 -20.59 -10.49
CA LYS A 689 41.31 -20.34 -10.19
C LYS A 689 40.86 -18.97 -10.59
N GLY A 690 39.54 -18.78 -10.66
CA GLY A 690 38.96 -17.47 -10.93
C GLY A 690 38.36 -16.93 -9.63
N PHE A 691 38.10 -15.64 -9.60
CA PHE A 691 37.28 -15.05 -8.52
C PHE A 691 35.88 -15.69 -8.42
N ASN A 692 35.29 -16.04 -9.57
CA ASN A 692 33.93 -16.53 -9.61
C ASN A 692 33.83 -18.03 -9.80
N GLY A 693 34.91 -18.77 -9.96
CA GLY A 693 34.75 -20.23 -10.25
C GLY A 693 34.26 -20.53 -11.68
N THR B 2 -41.70 -15.02 1.84
CA THR B 2 -40.67 -13.97 1.60
C THR B 2 -39.85 -14.08 0.32
N ALA B 3 -40.12 -15.08 -0.52
CA ALA B 3 -40.06 -14.80 -1.95
C ALA B 3 -41.36 -15.18 -2.73
N GLN B 4 -42.07 -14.20 -3.30
CA GLN B 4 -43.23 -14.45 -4.17
C GLN B 4 -42.84 -15.15 -5.49
N TYR B 5 -43.76 -15.91 -6.05
CA TYR B 5 -43.58 -16.68 -7.31
C TYR B 5 -44.80 -16.40 -8.22
N GLN B 6 -44.58 -16.19 -9.52
CA GLN B 6 -45.62 -15.72 -10.42
C GLN B 6 -45.13 -15.88 -11.86
N VAL B 7 -45.79 -16.76 -12.62
CA VAL B 7 -45.45 -16.94 -14.02
C VAL B 7 -46.28 -15.95 -14.86
N GLN B 8 -45.64 -15.39 -15.89
CA GLN B 8 -46.28 -14.54 -16.90
C GLN B 8 -45.53 -14.80 -18.21
N ASP B 9 -46.29 -15.16 -19.26
CA ASP B 9 -45.73 -15.26 -20.59
C ASP B 9 -44.40 -16.07 -20.70
N GLY B 10 -44.42 -17.25 -20.08
CA GLY B 10 -43.27 -18.17 -20.14
C GLY B 10 -42.08 -17.78 -19.25
N VAL B 11 -42.26 -16.71 -18.46
CA VAL B 11 -41.25 -16.20 -17.47
C VAL B 11 -41.74 -16.32 -16.01
N ALA B 12 -41.05 -17.15 -15.23
CA ALA B 12 -41.25 -17.22 -13.80
C ALA B 12 -40.53 -16.05 -13.07
N VAL B 13 -41.29 -15.20 -12.38
CA VAL B 13 -40.78 -14.04 -11.64
C VAL B 13 -40.72 -14.40 -10.16
N ILE B 14 -39.50 -14.44 -9.59
CA ILE B 14 -39.30 -14.68 -8.14
C ILE B 14 -39.06 -13.31 -7.52
N THR B 15 -39.91 -12.86 -6.59
CA THR B 15 -39.75 -11.52 -6.03
C THR B 15 -39.36 -11.63 -4.58
N LEU B 16 -38.14 -11.16 -4.21
CA LEU B 16 -37.72 -11.15 -2.81
C LEU B 16 -38.65 -10.21 -2.06
N ASP B 17 -39.17 -10.63 -0.90
CA ASP B 17 -40.14 -9.84 -0.22
C ASP B 17 -39.95 -9.92 1.31
N ASN B 18 -39.12 -9.03 1.85
CA ASN B 18 -38.82 -9.03 3.28
C ASN B 18 -38.41 -7.61 3.59
N PRO B 19 -39.40 -6.73 3.77
CA PRO B 19 -39.08 -5.35 4.11
C PRO B 19 -38.24 -5.25 5.41
N PRO B 20 -37.44 -4.23 5.55
CA PRO B 20 -37.37 -3.08 4.66
C PRO B 20 -36.47 -3.21 3.41
N VAL B 21 -35.43 -4.08 3.41
CA VAL B 21 -34.47 -4.10 2.27
C VAL B 21 -34.32 -5.45 1.64
N ASN B 22 -35.36 -6.29 1.74
CA ASN B 22 -35.34 -7.64 1.26
C ASN B 22 -34.09 -8.39 1.74
N GLY B 23 -33.84 -8.28 3.04
CA GLY B 23 -32.76 -9.01 3.67
C GLY B 23 -32.83 -10.48 3.38
N LEU B 24 -31.69 -11.08 3.11
CA LEU B 24 -31.62 -12.46 2.69
C LEU B 24 -31.62 -13.41 3.91
N GLY B 25 -32.69 -13.33 4.71
CA GLY B 25 -32.84 -14.17 5.90
C GLY B 25 -33.33 -15.57 5.48
N HIS B 26 -33.38 -16.48 6.46
CA HIS B 26 -33.65 -17.86 6.13
C HIS B 26 -34.88 -18.05 5.24
N SER B 27 -36.00 -17.45 5.63
CA SER B 27 -37.22 -17.67 4.84
C SER B 27 -37.11 -17.13 3.37
N THR B 28 -36.42 -16.01 3.21
CA THR B 28 -36.19 -15.44 1.87
C THR B 28 -35.28 -16.39 1.09
N ARG B 29 -34.21 -16.86 1.72
CA ARG B 29 -33.33 -17.76 1.00
C ARG B 29 -34.10 -19.05 0.62
N LEU B 30 -34.86 -19.62 1.56
CA LEU B 30 -35.62 -20.84 1.24
C LEU B 30 -36.66 -20.58 0.10
N GLY B 31 -37.32 -19.44 0.19
CA GLY B 31 -38.22 -18.91 -0.83
C GLY B 31 -37.64 -18.87 -2.22
N ILE B 32 -36.40 -18.43 -2.32
CA ILE B 32 -35.74 -18.36 -3.64
C ILE B 32 -35.68 -19.75 -4.21
N VAL B 33 -35.15 -20.66 -3.42
CA VAL B 33 -34.90 -22.03 -3.88
C VAL B 33 -36.21 -22.79 -4.23
N GLU B 34 -37.25 -22.58 -3.44
CA GLU B 34 -38.57 -23.16 -3.73
C GLU B 34 -39.12 -22.60 -5.06
N GLY B 35 -38.91 -21.31 -5.28
CA GLY B 35 -39.31 -20.67 -6.53
C GLY B 35 -38.57 -21.27 -7.72
N MET B 36 -37.26 -21.47 -7.54
CA MET B 36 -36.42 -22.12 -8.54
C MET B 36 -36.84 -23.57 -8.90
N THR B 37 -37.15 -24.37 -7.88
CA THR B 37 -37.73 -25.69 -8.06
C THR B 37 -39.02 -25.61 -8.85
N ARG B 38 -39.96 -24.78 -8.43
CA ARG B 38 -41.20 -24.59 -9.20
C ARG B 38 -40.87 -24.26 -10.66
N ALA B 39 -39.99 -23.27 -10.88
CA ALA B 39 -39.74 -22.80 -12.23
C ALA B 39 -39.12 -23.95 -13.08
N LEU B 40 -38.20 -24.71 -12.49
CA LEU B 40 -37.52 -25.73 -13.26
C LEU B 40 -38.48 -26.93 -13.59
N ASP B 41 -39.47 -27.15 -12.73
CA ASP B 41 -40.46 -28.24 -12.96
C ASP B 41 -41.52 -27.89 -14.03
N ASP B 42 -42.00 -26.64 -14.04
CA ASP B 42 -43.01 -26.19 -14.99
C ASP B 42 -42.42 -26.05 -16.41
N ALA B 43 -42.78 -26.95 -17.33
CA ALA B 43 -42.28 -26.87 -18.74
C ALA B 43 -42.79 -25.63 -19.46
N ALA B 44 -43.81 -24.94 -18.93
CA ALA B 44 -44.21 -23.65 -19.56
C ALA B 44 -43.20 -22.49 -19.30
N VAL B 45 -42.41 -22.64 -18.26
CA VAL B 45 -41.41 -21.65 -17.88
C VAL B 45 -40.17 -21.86 -18.73
N LYS B 46 -39.78 -20.85 -19.48
CA LYS B 46 -38.57 -20.90 -20.27
C LYS B 46 -37.40 -20.11 -19.64
N ALA B 47 -37.69 -19.16 -18.77
CA ALA B 47 -36.66 -18.34 -18.14
C ALA B 47 -37.16 -17.83 -16.79
N ILE B 48 -36.24 -17.27 -15.99
CA ILE B 48 -36.54 -16.89 -14.61
C ILE B 48 -36.01 -15.48 -14.40
N VAL B 49 -36.84 -14.61 -13.83
CA VAL B 49 -36.43 -13.35 -13.35
C VAL B 49 -36.44 -13.32 -11.82
N ILE B 50 -35.38 -12.79 -11.21
CA ILE B 50 -35.31 -12.55 -9.77
C ILE B 50 -35.31 -11.05 -9.57
N THR B 51 -36.24 -10.57 -8.76
CA THR B 51 -36.27 -9.15 -8.44
C THR B 51 -36.62 -8.95 -7.00
N GLY B 52 -36.65 -7.70 -6.57
CA GLY B 52 -37.05 -7.39 -5.21
C GLY B 52 -38.33 -6.57 -5.16
N ALA B 53 -39.09 -6.69 -4.09
CA ALA B 53 -40.25 -5.82 -3.85
C ALA B 53 -39.83 -4.54 -3.22
N GLY B 54 -40.67 -3.52 -3.38
CA GLY B 54 -40.56 -2.33 -2.55
C GLY B 54 -39.35 -1.53 -2.95
N LYS B 55 -38.53 -1.15 -1.97
CA LYS B 55 -37.45 -0.20 -2.12
C LYS B 55 -36.05 -0.85 -2.34
N ALA B 56 -35.98 -2.11 -2.72
CA ALA B 56 -34.67 -2.79 -2.87
C ALA B 56 -34.73 -3.97 -3.81
N PHE B 57 -33.59 -4.32 -4.43
CA PHE B 57 -33.39 -5.68 -4.92
C PHE B 57 -33.17 -6.46 -3.61
N SER B 58 -32.00 -6.26 -3.01
CA SER B 58 -31.71 -6.71 -1.66
C SER B 58 -30.52 -5.96 -1.12
N GLY B 59 -30.66 -5.53 0.11
CA GLY B 59 -29.57 -4.96 0.88
C GLY B 59 -28.66 -6.04 1.51
N GLY B 60 -28.84 -7.33 1.23
CA GLY B 60 -27.90 -8.35 1.68
C GLY B 60 -28.41 -9.10 2.90
N ALA B 61 -27.51 -9.45 3.82
CA ALA B 61 -27.87 -10.33 4.92
C ALA B 61 -28.92 -9.62 5.78
N ASP B 62 -29.76 -10.42 6.42
CA ASP B 62 -30.77 -9.88 7.35
C ASP B 62 -30.03 -9.59 8.66
N ILE B 63 -29.91 -8.33 8.99
CA ILE B 63 -29.11 -8.02 10.20
C ILE B 63 -29.61 -8.75 11.49
N ARG B 64 -30.94 -8.94 11.58
CA ARG B 64 -31.58 -9.62 12.73
C ARG B 64 -31.13 -11.08 12.91
N GLU B 65 -30.59 -11.69 11.87
CA GLU B 65 -30.06 -13.01 12.05
C GLU B 65 -28.61 -13.08 12.39
N PHE B 66 -27.86 -11.95 12.37
CA PHE B 66 -26.35 -11.99 12.37
C PHE B 66 -25.68 -12.99 13.33
N ASN B 67 -26.05 -12.89 14.60
CA ASN B 67 -25.31 -13.61 15.61
C ASN B 67 -26.00 -14.92 16.02
N THR B 68 -26.99 -15.40 15.24
CA THR B 68 -27.83 -16.56 15.58
C THR B 68 -27.56 -17.81 14.71
N PRO B 69 -28.14 -18.99 15.11
CA PRO B 69 -28.24 -20.15 14.21
C PRO B 69 -28.89 -19.91 12.83
N LYS B 70 -29.90 -19.01 12.77
CA LYS B 70 -30.69 -18.73 11.57
C LYS B 70 -29.82 -18.20 10.37
N ALA B 71 -28.70 -17.55 10.67
CA ALA B 71 -27.85 -16.94 9.62
C ALA B 71 -27.16 -17.98 8.78
N MET B 72 -26.93 -19.17 9.32
CA MET B 72 -26.26 -20.18 8.54
C MET B 72 -27.11 -21.46 8.43
N GLN B 73 -28.42 -21.37 8.66
CA GLN B 73 -29.32 -22.48 8.33
C GLN B 73 -29.46 -22.59 6.81
N GLU B 74 -29.31 -23.80 6.32
CA GLU B 74 -29.42 -24.10 4.91
C GLU B 74 -30.84 -23.84 4.50
N PRO B 75 -31.06 -23.35 3.28
CA PRO B 75 -30.01 -23.04 2.30
C PRO B 75 -29.31 -21.70 2.59
N THR B 76 -28.01 -21.71 2.71
CA THR B 76 -27.24 -20.49 2.93
C THR B 76 -27.19 -19.74 1.58
N LEU B 77 -26.67 -18.52 1.58
CA LEU B 77 -26.54 -17.77 0.34
C LEU B 77 -25.61 -18.55 -0.57
N HIS B 78 -24.60 -19.22 -0.01
CA HIS B 78 -23.71 -20.08 -0.82
C HIS B 78 -24.46 -21.18 -1.59
N SER B 79 -25.33 -21.91 -0.90
CA SER B 79 -26.21 -22.92 -1.52
C SER B 79 -27.18 -22.31 -2.50
N VAL B 80 -27.80 -21.15 -2.17
CA VAL B 80 -28.70 -20.48 -3.17
C VAL B 80 -27.98 -20.17 -4.52
N ILE B 81 -26.78 -19.63 -4.43
CA ILE B 81 -26.01 -19.32 -5.60
C ILE B 81 -25.74 -20.59 -6.42
N ARG B 82 -25.38 -21.71 -5.79
CA ARG B 82 -25.20 -22.98 -6.47
C ARG B 82 -26.46 -23.44 -7.20
N VAL B 83 -27.61 -23.23 -6.61
CA VAL B 83 -28.84 -23.54 -7.24
C VAL B 83 -29.05 -22.68 -8.51
N LEU B 84 -28.81 -21.37 -8.40
CA LEU B 84 -28.84 -20.48 -9.60
C LEU B 84 -27.86 -20.90 -10.67
N GLU B 85 -26.63 -21.16 -10.25
CA GLU B 85 -25.63 -21.62 -11.17
C GLU B 85 -25.96 -22.89 -11.94
N GLY B 86 -26.55 -23.85 -11.25
CA GLY B 86 -26.96 -25.12 -11.84
C GLY B 86 -28.25 -25.12 -12.66
N SER B 87 -28.99 -24.00 -12.69
CA SER B 87 -30.19 -23.90 -13.50
C SER B 87 -29.94 -24.00 -15.06
N SER B 88 -30.67 -24.93 -15.70
CA SER B 88 -30.68 -25.10 -17.16
C SER B 88 -31.51 -24.00 -17.78
N LYS B 89 -32.42 -23.38 -17.01
CA LYS B 89 -33.16 -22.24 -17.51
C LYS B 89 -32.46 -20.92 -17.15
N PRO B 90 -32.40 -19.97 -18.07
CA PRO B 90 -31.68 -18.75 -17.79
C PRO B 90 -32.34 -17.92 -16.68
N VAL B 91 -31.49 -17.31 -15.84
CA VAL B 91 -31.91 -16.53 -14.65
C VAL B 91 -31.36 -15.14 -14.85
N VAL B 92 -32.28 -14.20 -14.89
CA VAL B 92 -32.04 -12.84 -15.08
C VAL B 92 -32.33 -12.10 -13.77
N ALA B 93 -31.30 -11.47 -13.16
CA ALA B 93 -31.52 -10.55 -12.06
C ALA B 93 -32.05 -9.22 -12.56
N ALA B 94 -33.17 -8.75 -11.95
CA ALA B 94 -33.70 -7.46 -12.31
C ALA B 94 -33.44 -6.53 -11.17
N VAL B 95 -32.40 -5.69 -11.30
CA VAL B 95 -31.86 -4.93 -10.16
C VAL B 95 -32.39 -3.53 -10.21
N HIS B 96 -32.89 -3.07 -9.04
CA HIS B 96 -33.34 -1.68 -8.91
C HIS B 96 -33.05 -1.23 -7.51
N SER B 97 -32.88 0.07 -7.33
CA SER B 97 -32.83 0.75 -6.04
C SER B 97 -31.62 0.48 -5.16
N VAL B 98 -31.46 -0.76 -4.71
CA VAL B 98 -30.42 -1.16 -3.74
C VAL B 98 -30.01 -2.61 -4.03
N ALA B 99 -28.72 -2.80 -4.28
CA ALA B 99 -28.17 -4.12 -4.37
C ALA B 99 -26.81 -4.12 -3.71
N MET B 100 -26.78 -4.53 -2.45
CA MET B 100 -25.59 -4.42 -1.65
C MET B 100 -25.28 -5.72 -0.95
N GLY B 101 -23.98 -5.97 -0.79
CA GLY B 101 -23.58 -7.10 0.00
C GLY B 101 -24.04 -8.38 -0.64
N GLY B 102 -24.64 -9.21 0.17
CA GLY B 102 -25.29 -10.42 -0.31
C GLY B 102 -26.25 -10.26 -1.46
N GLY B 103 -26.94 -9.13 -1.51
CA GLY B 103 -27.82 -8.86 -2.60
C GLY B 103 -27.10 -8.74 -3.95
N LEU B 104 -25.99 -8.02 -3.96
CA LEU B 104 -25.13 -7.97 -5.17
C LEU B 104 -24.53 -9.35 -5.48
N GLU B 105 -24.15 -10.05 -4.41
CA GLU B 105 -23.62 -11.45 -4.58
C GLU B 105 -24.62 -12.38 -5.24
N LEU B 106 -25.89 -12.19 -4.88
CA LEU B 106 -26.97 -12.95 -5.42
C LEU B 106 -27.14 -12.65 -6.93
N ALA B 107 -27.12 -11.34 -7.29
CA ALA B 107 -27.21 -10.96 -8.68
C ALA B 107 -26.03 -11.50 -9.48
N LEU B 108 -24.84 -11.45 -8.89
CA LEU B 108 -23.69 -12.04 -9.58
C LEU B 108 -23.80 -13.52 -9.87
N GLY B 109 -24.60 -14.24 -9.06
CA GLY B 109 -24.83 -15.65 -9.28
C GLY B 109 -25.82 -16.03 -10.36
N CYS B 110 -26.49 -15.07 -10.95
CA CYS B 110 -27.41 -15.26 -12.06
C CYS B 110 -26.67 -15.25 -13.40
N ASN B 111 -27.29 -15.81 -14.42
CA ASN B 111 -26.70 -15.83 -15.75
C ASN B 111 -26.66 -14.41 -16.38
N TYR B 112 -27.66 -13.56 -16.08
CA TYR B 112 -27.74 -12.24 -16.74
C TYR B 112 -28.24 -11.22 -15.69
N ARG B 113 -27.87 -9.98 -15.87
CA ARG B 113 -28.26 -8.93 -14.93
C ARG B 113 -28.78 -7.75 -15.78
N VAL B 114 -29.94 -7.25 -15.39
CA VAL B 114 -30.53 -6.08 -16.00
C VAL B 114 -30.82 -5.09 -14.86
N ALA B 115 -30.45 -3.83 -15.01
CA ALA B 115 -30.63 -2.86 -13.93
C ALA B 115 -31.39 -1.62 -14.43
N SER B 116 -32.18 -1.00 -13.55
CA SER B 116 -32.59 0.37 -13.77
C SER B 116 -31.52 1.34 -13.23
N LYS B 117 -31.53 2.56 -13.74
CA LYS B 117 -30.69 3.61 -13.23
C LYS B 117 -31.12 3.96 -11.82
N GLY B 118 -30.24 4.61 -11.12
CA GLY B 118 -30.49 5.07 -9.79
C GLY B 118 -30.33 3.98 -8.72
N ALA B 119 -29.89 2.77 -9.06
CA ALA B 119 -29.69 1.74 -8.01
C ALA B 119 -28.32 1.89 -7.33
N GLN B 120 -28.33 1.85 -6.00
CA GLN B 120 -27.12 1.86 -5.16
C GLN B 120 -26.47 0.47 -5.10
N ILE B 121 -25.29 0.37 -5.68
CA ILE B 121 -24.51 -0.88 -5.81
C ILE B 121 -23.31 -0.82 -4.89
N ALA B 122 -23.18 -1.82 -3.99
CA ALA B 122 -22.02 -1.84 -3.11
C ALA B 122 -21.71 -3.20 -2.53
N LEU B 123 -20.46 -3.38 -2.09
CA LEU B 123 -20.05 -4.45 -1.19
C LEU B 123 -19.43 -3.72 0.04
N PRO B 124 -20.28 -3.35 1.03
CA PRO B 124 -19.83 -2.55 2.17
C PRO B 124 -19.28 -3.32 3.42
N GLU B 125 -19.01 -4.61 3.24
CA GLU B 125 -18.59 -5.49 4.33
C GLU B 125 -17.40 -4.97 5.08
N VAL B 126 -16.49 -4.30 4.37
CA VAL B 126 -15.35 -3.71 5.04
C VAL B 126 -15.66 -2.70 6.17
N LYS B 127 -16.81 -2.06 6.06
CA LYS B 127 -17.23 -1.09 7.06
C LYS B 127 -17.56 -1.75 8.36
N LEU B 128 -17.92 -3.02 8.36
CA LEU B 128 -18.12 -3.77 9.61
C LEU B 128 -16.89 -4.61 9.92
N GLY B 129 -15.76 -4.31 9.28
CA GLY B 129 -14.52 -5.08 9.45
C GLY B 129 -14.57 -6.49 8.92
N LEU B 130 -15.43 -6.70 7.95
CA LEU B 130 -15.52 -7.99 7.29
C LEU B 130 -15.11 -7.90 5.80
N LEU B 131 -15.40 -8.95 5.02
CA LEU B 131 -15.20 -8.91 3.58
C LEU B 131 -16.38 -9.65 2.96
N PRO B 132 -16.59 -9.47 1.65
CA PRO B 132 -17.78 -10.11 1.04
C PRO B 132 -17.52 -11.61 0.92
N GLY B 133 -18.33 -12.43 1.56
CA GLY B 133 -18.01 -13.80 1.80
C GLY B 133 -18.92 -14.79 1.06
N ALA B 134 -19.73 -14.30 0.10
CA ALA B 134 -20.50 -15.20 -0.78
C ALA B 134 -20.15 -15.02 -2.27
N GLY B 135 -18.86 -14.91 -2.53
CA GLY B 135 -18.31 -14.89 -3.90
C GLY B 135 -18.14 -13.55 -4.54
N GLY B 136 -18.57 -12.50 -3.85
CA GLY B 136 -18.39 -11.14 -4.33
C GLY B 136 -16.96 -10.80 -4.68
N THR B 137 -15.99 -11.25 -3.89
CA THR B 137 -14.58 -10.88 -4.22
C THR B 137 -14.04 -11.65 -5.45
N GLN B 138 -14.72 -12.73 -5.84
CA GLN B 138 -14.38 -13.54 -6.99
C GLN B 138 -15.13 -13.16 -8.25
N ARG B 139 -16.40 -12.81 -8.10
CA ARG B 139 -17.23 -12.51 -9.23
C ARG B 139 -17.10 -11.08 -9.66
N LEU B 140 -17.05 -10.13 -8.71
CA LEU B 140 -16.98 -8.73 -9.08
C LEU B 140 -15.83 -8.34 -9.99
N PRO B 141 -14.59 -8.76 -9.68
CA PRO B 141 -13.47 -8.39 -10.55
C PRO B 141 -13.57 -9.01 -11.98
N ARG B 142 -14.31 -10.11 -12.10
CA ARG B 142 -14.51 -10.71 -13.39
C ARG B 142 -15.37 -9.85 -14.32
N VAL B 143 -16.20 -8.96 -13.73
CA VAL B 143 -17.13 -8.15 -14.51
C VAL B 143 -16.81 -6.66 -14.55
N ILE B 144 -16.11 -6.10 -13.55
CA ILE B 144 -15.72 -4.68 -13.64
C ILE B 144 -14.23 -4.51 -13.65
N GLY B 145 -13.49 -5.61 -13.68
CA GLY B 145 -12.01 -5.51 -13.59
C GLY B 145 -11.42 -5.53 -12.18
N LEU B 146 -10.16 -5.98 -12.13
CA LEU B 146 -9.45 -6.14 -10.89
C LEU B 146 -9.42 -4.83 -10.05
N GLU B 147 -9.05 -3.74 -10.71
CA GLU B 147 -8.80 -2.48 -10.04
C GLU B 147 -10.10 -1.81 -9.45
N ALA B 148 -11.16 -1.82 -10.25
CA ALA B 148 -12.43 -1.25 -9.83
C ALA B 148 -13.04 -2.10 -8.73
N ALA B 149 -12.99 -3.41 -8.84
CA ALA B 149 -13.48 -4.29 -7.78
C ALA B 149 -12.69 -4.11 -6.53
N ALA B 150 -11.37 -4.07 -6.65
CA ALA B 150 -10.56 -3.78 -5.47
C ALA B 150 -10.99 -2.49 -4.76
N ASN B 151 -11.11 -1.45 -5.54
CA ASN B 151 -11.54 -0.15 -5.01
C ASN B 151 -12.87 -0.25 -4.32
N MET B 152 -13.84 -0.91 -4.94
CA MET B 152 -15.20 -0.99 -4.36
C MET B 152 -15.19 -1.80 -3.05
N ILE B 153 -14.38 -2.86 -3.01
CA ILE B 153 -14.43 -3.78 -1.90
C ILE B 153 -13.56 -3.28 -0.73
N VAL B 154 -12.42 -2.68 -1.04
CA VAL B 154 -11.57 -2.02 -0.03
C VAL B 154 -12.21 -0.79 0.59
N SER B 155 -12.95 -0.01 -0.19
CA SER B 155 -13.56 1.23 0.30
C SER B 155 -14.89 0.93 0.89
N GLY B 156 -15.63 -0.02 0.30
CA GLY B 156 -16.97 -0.28 0.74
C GLY B 156 -17.97 0.84 0.31
N THR B 157 -17.57 1.72 -0.59
CA THR B 157 -18.40 2.84 -1.03
C THR B 157 -19.38 2.49 -2.08
N PRO B 158 -20.63 2.94 -1.97
CA PRO B 158 -21.60 2.66 -3.02
C PRO B 158 -21.42 3.41 -4.34
N VAL B 159 -21.90 2.84 -5.43
CA VAL B 159 -21.79 3.41 -6.77
C VAL B 159 -23.11 3.19 -7.42
N LEU B 160 -23.59 4.22 -8.13
CA LEU B 160 -24.88 4.14 -8.85
C LEU B 160 -24.76 3.26 -10.07
N SER B 161 -25.82 2.48 -10.31
CA SER B 161 -25.93 1.50 -11.35
C SER B 161 -25.52 2.02 -12.73
N GLU B 162 -25.91 3.26 -13.09
CA GLU B 162 -25.56 3.82 -14.38
C GLU B 162 -24.04 4.03 -14.58
N LYS B 163 -23.24 4.12 -13.50
CA LYS B 163 -21.79 4.30 -13.62
C LYS B 163 -21.10 3.04 -14.07
N PHE B 164 -21.84 1.92 -14.12
CA PHE B 164 -21.27 0.65 -14.59
C PHE B 164 -21.46 0.43 -16.08
N ALA B 165 -22.20 1.32 -16.75
CA ALA B 165 -22.31 1.24 -18.21
C ALA B 165 -20.93 1.21 -18.81
N GLY B 166 -20.73 0.30 -19.79
CA GLY B 166 -19.43 0.02 -20.43
C GLY B 166 -18.59 -1.12 -19.78
N THR B 167 -19.01 -1.57 -18.58
CA THR B 167 -18.41 -2.76 -17.93
C THR B 167 -19.27 -3.97 -18.22
N LYS B 168 -18.98 -5.12 -17.67
CA LYS B 168 -19.82 -6.27 -17.92
C LYS B 168 -20.76 -6.62 -16.76
N LEU B 169 -20.91 -5.72 -15.78
CA LEU B 169 -21.73 -5.98 -14.62
C LEU B 169 -23.15 -6.17 -14.99
N PHE B 170 -23.67 -5.23 -15.77
CA PHE B 170 -25.05 -5.32 -16.22
C PHE B 170 -25.08 -5.54 -17.72
N ASP B 171 -25.81 -6.55 -18.15
CA ASP B 171 -26.10 -6.80 -19.55
C ASP B 171 -26.91 -5.66 -20.22
N GLU B 172 -27.79 -5.02 -19.48
CA GLU B 172 -28.58 -3.89 -19.99
C GLU B 172 -28.95 -3.04 -18.80
N ILE B 173 -28.74 -1.73 -18.95
CA ILE B 173 -29.10 -0.73 -17.99
C ILE B 173 -30.20 0.09 -18.69
N VAL B 174 -31.34 0.29 -18.01
CA VAL B 174 -32.57 0.85 -18.65
C VAL B 174 -33.00 2.04 -17.89
N ASP B 175 -33.74 2.94 -18.58
CA ASP B 175 -34.28 4.16 -17.99
C ASP B 175 -35.48 3.90 -17.15
N GLY B 176 -36.36 3.05 -17.61
CA GLY B 176 -37.61 2.86 -16.87
C GLY B 176 -37.56 1.90 -15.71
N ASP B 177 -38.70 1.24 -15.50
CA ASP B 177 -38.82 0.21 -14.49
C ASP B 177 -38.13 -0.99 -14.97
N VAL B 178 -37.41 -1.63 -14.07
CA VAL B 178 -36.52 -2.67 -14.48
C VAL B 178 -37.29 -3.92 -14.86
N LEU B 179 -38.42 -4.16 -14.21
CA LEU B 179 -39.09 -5.43 -14.35
C LEU B 179 -39.58 -5.75 -15.78
N PRO B 180 -40.28 -4.82 -16.44
CA PRO B 180 -40.73 -5.18 -17.77
C PRO B 180 -39.55 -5.43 -18.71
N ALA B 181 -38.53 -4.60 -18.62
CA ALA B 181 -37.32 -4.79 -19.39
C ALA B 181 -36.69 -6.14 -19.11
N ALA B 182 -36.61 -6.49 -17.82
CA ALA B 182 -36.01 -7.80 -17.45
C ALA B 182 -36.86 -8.98 -18.01
N VAL B 183 -38.19 -8.81 -18.00
CA VAL B 183 -39.10 -9.88 -18.51
C VAL B 183 -38.84 -10.10 -20.01
N LYS B 184 -38.78 -8.99 -20.76
CA LYS B 184 -38.50 -9.02 -22.20
C LYS B 184 -37.17 -9.72 -22.45
N PHE B 185 -36.17 -9.32 -21.62
CA PHE B 185 -34.82 -9.83 -21.74
C PHE B 185 -34.90 -11.29 -21.59
N ALA B 186 -35.56 -11.72 -20.54
CA ALA B 186 -35.71 -13.15 -20.24
C ALA B 186 -36.43 -13.98 -21.37
N GLN B 187 -37.46 -13.39 -21.95
CA GLN B 187 -38.21 -14.08 -23.08
C GLN B 187 -37.25 -14.26 -24.23
N ASN B 188 -36.44 -13.24 -24.51
CA ASN B 188 -35.41 -13.45 -25.51
C ASN B 188 -34.48 -14.64 -25.19
N VAL B 189 -33.76 -14.61 -24.07
CA VAL B 189 -32.76 -15.67 -23.80
C VAL B 189 -33.40 -17.03 -23.53
N GLY B 190 -34.64 -17.03 -23.05
CA GLY B 190 -35.39 -18.31 -22.90
C GLY B 190 -35.63 -19.02 -24.24
N ALA B 191 -35.64 -18.25 -25.34
CA ALA B 191 -35.80 -18.79 -26.69
C ALA B 191 -34.49 -19.38 -27.19
N ALA B 192 -33.35 -19.05 -26.60
CA ALA B 192 -32.05 -19.56 -27.04
C ALA B 192 -31.79 -20.93 -26.53
N THR B 193 -30.86 -21.63 -27.17
CA THR B 193 -30.74 -23.06 -26.95
C THR B 193 -29.64 -23.32 -25.95
N GLY B 194 -28.38 -23.20 -26.41
CA GLY B 194 -27.18 -23.71 -25.71
C GLY B 194 -27.08 -23.11 -24.33
N PRO B 195 -26.05 -23.53 -23.53
CA PRO B 195 -25.86 -23.10 -22.11
C PRO B 195 -25.78 -21.60 -21.91
N HIS B 196 -26.25 -21.09 -20.77
CA HIS B 196 -26.16 -19.67 -20.52
C HIS B 196 -24.88 -19.31 -19.73
N PRO B 197 -24.40 -18.07 -19.86
CA PRO B 197 -23.18 -17.69 -19.20
C PRO B 197 -23.26 -17.68 -17.66
N LYS B 198 -22.11 -17.97 -17.07
CA LYS B 198 -21.90 -17.81 -15.66
C LYS B 198 -20.69 -16.93 -15.47
N VAL B 199 -20.76 -16.04 -14.49
CA VAL B 199 -19.65 -15.14 -14.17
C VAL B 199 -18.39 -15.95 -13.83
N ARG B 200 -18.54 -17.07 -13.12
CA ARG B 200 -17.38 -17.93 -12.77
C ARG B 200 -16.54 -18.47 -13.92
N ASP B 201 -17.11 -18.57 -15.10
CA ASP B 201 -16.39 -18.91 -16.35
C ASP B 201 -15.54 -17.83 -16.93
N LEU B 202 -15.80 -16.59 -16.57
CA LEU B 202 -14.95 -15.49 -16.98
C LEU B 202 -13.64 -15.54 -16.25
N LYS B 203 -12.64 -14.92 -16.84
CA LYS B 203 -11.32 -14.69 -16.26
C LYS B 203 -11.05 -13.25 -15.99
N VAL B 204 -10.35 -12.99 -14.89
CA VAL B 204 -9.80 -11.68 -14.65
C VAL B 204 -8.64 -11.43 -15.65
N ARG B 205 -8.79 -10.37 -16.42
CA ARG B 205 -7.79 -9.99 -17.41
C ARG B 205 -7.25 -8.61 -17.02
N HIS B 206 -6.04 -8.57 -16.57
CA HIS B 206 -5.37 -7.34 -16.29
C HIS B 206 -4.01 -7.46 -16.96
N GLU B 207 -3.48 -6.36 -17.49
CA GLU B 207 -2.20 -6.44 -18.19
C GLU B 207 -0.99 -6.74 -17.26
N ASN B 208 -0.99 -6.21 -16.04
CA ASN B 208 0.05 -6.54 -15.03
C ASN B 208 -0.51 -6.69 -13.57
N PRO B 209 -1.16 -7.83 -13.27
CA PRO B 209 -1.93 -7.86 -12.02
C PRO B 209 -1.06 -7.80 -10.79
N GLU B 210 0.13 -8.39 -10.85
CA GLU B 210 0.97 -8.41 -9.67
C GLU B 210 1.58 -7.03 -9.44
N GLY B 211 1.82 -6.29 -10.53
CA GLY B 211 2.28 -4.88 -10.42
C GLY B 211 1.21 -3.99 -9.77
N TYR B 212 -0.06 -4.11 -10.20
CA TYR B 212 -1.16 -3.38 -9.54
C TYR B 212 -1.26 -3.80 -8.08
N LEU B 213 -1.32 -5.10 -7.83
CA LEU B 213 -1.60 -5.60 -6.48
C LEU B 213 -0.47 -5.25 -5.51
N GLY B 214 0.79 -5.32 -5.98
CA GLY B 214 1.92 -4.84 -5.17
C GLY B 214 1.80 -3.35 -4.69
N PHE B 215 1.40 -2.51 -5.64
CA PHE B 215 1.16 -1.12 -5.34
C PHE B 215 0.00 -0.91 -4.37
N ALA B 216 -1.09 -1.57 -4.71
CA ALA B 216 -2.30 -1.52 -3.86
C ALA B 216 -2.08 -2.08 -2.43
N ARG B 217 -1.29 -3.13 -2.28
CA ARG B 217 -1.00 -3.59 -0.91
C ARG B 217 -0.27 -2.54 -0.11
N ASN B 218 0.69 -1.86 -0.75
CA ASN B 218 1.42 -0.81 -0.04
C ASN B 218 0.52 0.39 0.31
N THR B 219 -0.35 0.83 -0.60
CA THR B 219 -1.15 1.98 -0.26
C THR B 219 -2.23 1.64 0.77
N VAL B 220 -2.84 0.47 0.65
CA VAL B 220 -3.93 0.05 1.59
C VAL B 220 -3.34 -0.14 2.98
N ALA B 221 -2.17 -0.81 3.09
CA ALA B 221 -1.53 -0.95 4.41
C ALA B 221 -1.21 0.38 5.09
N ALA B 222 -0.74 1.34 4.34
CA ALA B 222 -0.40 2.63 4.95
C ALA B 222 -1.67 3.33 5.46
N MET B 223 -2.79 3.15 4.76
CA MET B 223 -4.00 3.91 5.09
C MET B 223 -4.91 3.20 6.08
N ALA B 224 -4.61 1.93 6.38
CA ALA B 224 -5.45 1.11 7.22
C ALA B 224 -4.77 0.78 8.48
N LYS B 225 -4.10 1.76 9.10
CA LYS B 225 -3.53 1.46 10.40
C LYS B 225 -4.71 1.20 11.42
N ASN B 226 -4.55 0.08 12.10
CA ASN B 226 -5.40 -0.41 13.16
C ASN B 226 -6.60 -1.23 12.69
N PHE B 227 -6.85 -1.35 11.39
CA PHE B 227 -7.96 -2.15 10.86
C PHE B 227 -7.41 -3.24 9.94
N PRO B 228 -7.67 -4.51 10.26
CA PRO B 228 -7.11 -5.58 9.40
C PRO B 228 -7.98 -5.88 8.18
N ALA B 229 -9.22 -5.44 8.09
CA ALA B 229 -10.11 -5.85 6.98
C ALA B 229 -9.69 -5.36 5.57
N PRO B 230 -9.28 -4.11 5.44
CA PRO B 230 -8.95 -3.64 4.13
C PRO B 230 -7.90 -4.51 3.37
N LEU B 231 -6.78 -4.79 4.01
CA LEU B 231 -5.80 -5.72 3.42
C LEU B 231 -6.32 -7.13 3.17
N LYS B 232 -7.17 -7.66 4.05
CA LYS B 232 -7.76 -8.95 3.76
C LYS B 232 -8.74 -8.89 2.61
N CYS B 233 -9.48 -7.78 2.52
CA CYS B 233 -10.33 -7.52 1.40
C CYS B 233 -9.54 -7.56 0.08
N LEU B 234 -8.44 -6.84 0.06
CA LEU B 234 -7.58 -6.82 -1.09
C LEU B 234 -7.08 -8.22 -1.45
N GLU B 235 -6.60 -8.95 -0.45
CA GLU B 235 -6.13 -10.31 -0.67
C GLU B 235 -7.22 -11.25 -1.18
N ALA B 236 -8.46 -11.12 -0.68
CA ALA B 236 -9.58 -11.91 -1.24
C ALA B 236 -9.72 -11.64 -2.76
N VAL B 237 -9.68 -10.36 -3.11
CA VAL B 237 -9.85 -9.92 -4.48
C VAL B 237 -8.64 -10.41 -5.30
N ALA B 238 -7.43 -10.43 -4.70
CA ALA B 238 -6.23 -11.05 -5.41
C ALA B 238 -6.42 -12.52 -5.79
N GLY B 239 -7.21 -13.23 -5.00
CA GLY B 239 -7.61 -14.62 -5.28
C GLY B 239 -8.44 -14.82 -6.52
N SER B 240 -9.04 -13.74 -7.06
CA SER B 240 -9.77 -13.82 -8.29
C SER B 240 -8.86 -14.16 -9.49
N LEU B 241 -7.57 -14.04 -9.31
CA LEU B 241 -6.61 -14.48 -10.33
C LEU B 241 -6.47 -15.99 -10.32
N LYS B 242 -6.90 -16.67 -9.26
CA LYS B 242 -6.83 -18.12 -9.16
C LYS B 242 -8.02 -18.79 -9.79
N PRO B 243 -7.92 -20.13 -10.03
CA PRO B 243 -9.13 -20.91 -10.39
C PRO B 243 -10.26 -20.65 -9.38
N PHE B 244 -11.46 -20.52 -9.92
CA PHE B 244 -12.61 -20.07 -9.16
C PHE B 244 -12.76 -20.73 -7.77
N GLU B 245 -12.72 -22.04 -7.65
CA GLU B 245 -13.03 -22.67 -6.36
C GLU B 245 -11.94 -22.40 -5.30
N GLN B 246 -10.73 -22.29 -5.77
CA GLN B 246 -9.56 -21.90 -5.01
C GLN B 246 -9.72 -20.45 -4.45
N GLY B 247 -10.13 -19.56 -5.33
CA GLY B 247 -10.31 -18.18 -4.91
C GLY B 247 -11.45 -18.08 -3.92
N LEU B 248 -12.51 -18.81 -4.17
CA LEU B 248 -13.64 -18.81 -3.29
C LEU B 248 -13.28 -19.35 -1.87
N LYS B 249 -12.47 -20.40 -1.83
CA LYS B 249 -12.08 -21.00 -0.54
C LYS B 249 -11.25 -19.98 0.27
N GLN B 250 -10.33 -19.32 -0.42
CA GLN B 250 -9.47 -18.27 0.15
C GLN B 250 -10.32 -17.10 0.65
N GLU B 251 -11.40 -16.75 -0.08
CA GLU B 251 -12.32 -15.67 0.37
C GLU B 251 -13.02 -16.06 1.69
N ARG B 252 -13.50 -17.27 1.75
CA ARG B 252 -14.11 -17.81 2.91
C ARG B 252 -13.18 -17.83 4.14
N GLU B 253 -11.96 -18.25 3.93
CA GLU B 253 -10.98 -18.25 4.97
C GLU B 253 -10.72 -16.83 5.47
N GLY B 254 -10.62 -15.85 4.57
CA GLY B 254 -10.46 -14.46 4.99
C GLY B 254 -11.66 -13.91 5.78
N PHE B 255 -12.87 -14.27 5.38
CA PHE B 255 -14.04 -13.88 6.08
C PHE B 255 -14.03 -14.46 7.49
N LEU B 256 -13.70 -15.76 7.59
CA LEU B 256 -13.70 -16.42 8.93
C LEU B 256 -12.60 -15.85 9.83
N TYR B 257 -11.45 -15.48 9.30
CA TYR B 257 -10.43 -14.74 10.04
C TYR B 257 -10.96 -13.39 10.56
N LEU B 258 -11.56 -12.56 9.69
CA LEU B 258 -12.02 -11.20 10.09
C LEU B 258 -13.11 -11.24 11.15
N VAL B 259 -13.99 -12.23 11.05
CA VAL B 259 -15.16 -12.39 11.87
C VAL B 259 -14.83 -12.42 13.36
N THR B 260 -13.70 -13.01 13.71
CA THR B 260 -13.28 -13.12 15.10
C THR B 260 -12.34 -11.97 15.53
N THR B 261 -11.97 -11.02 14.63
CA THR B 261 -11.09 -9.91 15.06
C THR B 261 -11.82 -8.96 16.08
N PRO B 262 -11.08 -8.39 17.04
CA PRO B 262 -11.74 -7.42 17.94
C PRO B 262 -12.17 -6.14 17.17
N GLU B 263 -11.48 -5.84 16.07
CA GLU B 263 -11.82 -4.66 15.28
C GLU B 263 -13.15 -4.78 14.57
N SER B 264 -13.49 -5.99 14.10
CA SER B 264 -14.78 -6.16 13.51
C SER B 264 -15.88 -5.96 14.57
N ARG B 265 -15.69 -6.60 15.74
CA ARG B 265 -16.61 -6.48 16.86
C ARG B 265 -16.82 -4.96 17.18
N ALA B 266 -15.73 -4.18 17.14
CA ALA B 266 -15.79 -2.77 17.33
C ALA B 266 -16.58 -2.06 16.31
N LEU B 267 -16.24 -2.29 15.03
CA LEU B 267 -16.97 -1.63 13.95
C LEU B 267 -18.46 -1.96 13.96
N ARG B 268 -18.79 -3.22 14.21
CA ARG B 268 -20.18 -3.62 14.36
C ARG B 268 -20.87 -2.88 15.51
N HIS B 269 -20.20 -2.83 16.62
CA HIS B 269 -20.66 -2.07 17.83
C HIS B 269 -20.87 -0.64 17.44
N ALA B 270 -19.96 0.04 16.73
CA ALA B 270 -20.20 1.47 16.42
C ALA B 270 -21.35 1.67 15.48
N PHE B 271 -21.47 0.76 14.53
CA PHE B 271 -22.44 0.96 13.44
C PHE B 271 -23.84 0.75 13.98
N PHE B 272 -24.00 -0.29 14.75
CA PHE B 272 -25.28 -0.58 15.33
C PHE B 272 -25.56 0.26 16.56
N GLY B 273 -24.51 0.63 17.33
CA GLY B 273 -24.64 1.56 18.47
C GLY B 273 -25.17 2.93 17.97
N GLU B 274 -24.70 3.40 16.83
CA GLU B 274 -25.15 4.65 16.24
C GLU B 274 -26.67 4.63 16.08
N ARG B 275 -27.20 3.55 15.54
CA ARG B 275 -28.64 3.45 15.36
C ARG B 275 -29.44 3.25 16.65
N ALA B 276 -28.90 2.46 17.57
CA ALA B 276 -29.54 2.20 18.86
C ALA B 276 -29.60 3.48 19.71
N ALA B 277 -28.70 4.43 19.47
CA ALA B 277 -28.68 5.68 20.23
C ALA B 277 -29.95 6.53 20.06
N SER B 278 -30.60 6.43 18.89
CA SER B 278 -31.96 6.99 18.63
C SER B 278 -33.06 6.49 19.49
N LYS B 279 -32.87 5.28 20.03
CA LYS B 279 -33.91 4.52 20.69
C LYS B 279 -33.95 4.82 22.18
N ILE B 280 -35.13 5.22 22.65
CA ILE B 280 -35.31 5.53 24.08
C ILE B 280 -36.33 4.50 24.54
N PRO B 281 -36.04 3.76 25.62
CA PRO B 281 -36.96 2.63 25.90
C PRO B 281 -38.51 2.97 26.02
N ASP B 282 -38.91 4.12 26.54
CA ASP B 282 -40.36 4.40 26.69
C ASP B 282 -40.84 5.41 25.67
N VAL B 283 -40.11 5.62 24.59
CA VAL B 283 -40.58 6.52 23.55
C VAL B 283 -40.71 5.63 22.33
N PRO B 284 -41.91 5.07 22.08
CA PRO B 284 -42.04 4.12 20.97
C PRO B 284 -41.86 4.84 19.67
N GLU B 285 -41.46 4.09 18.65
CA GLU B 285 -41.10 4.66 17.33
C GLU B 285 -42.20 5.53 16.65
N GLY B 286 -43.46 5.20 16.93
CA GLY B 286 -44.56 6.03 16.43
C GLY B 286 -44.61 7.51 16.82
N THR B 287 -43.97 7.88 17.94
CA THR B 287 -44.27 9.13 18.64
C THR B 287 -44.29 10.36 17.72
N PRO B 288 -45.41 11.11 17.70
CA PRO B 288 -45.42 12.25 16.79
C PRO B 288 -44.55 13.40 17.30
N THR B 289 -43.92 14.12 16.35
CA THR B 289 -42.95 15.16 16.61
C THR B 289 -43.51 16.54 16.25
N ARG B 290 -42.83 17.58 16.68
CA ARG B 290 -43.19 18.95 16.39
C ARG B 290 -42.37 19.44 15.21
N LYS B 291 -42.87 20.45 14.53
CA LYS B 291 -42.37 20.84 13.25
C LYS B 291 -41.36 21.94 13.50
N ILE B 292 -40.09 21.69 13.20
CA ILE B 292 -39.06 22.67 13.45
C ILE B 292 -38.68 23.38 12.16
N GLU B 293 -39.24 24.56 11.94
CA GLU B 293 -38.99 25.37 10.73
C GLU B 293 -38.11 26.60 10.99
N LYS B 294 -38.21 27.19 12.19
CA LYS B 294 -37.42 28.33 12.62
C LYS B 294 -36.81 28.04 13.99
N VAL B 295 -35.57 28.48 14.17
CA VAL B 295 -34.81 28.21 15.35
C VAL B 295 -34.23 29.52 15.78
N ALA B 296 -34.14 29.70 17.08
CA ALA B 296 -33.38 30.81 17.64
C ALA B 296 -32.36 30.31 18.65
N VAL B 297 -31.27 31.06 18.79
CA VAL B 297 -30.18 30.74 19.70
C VAL B 297 -29.85 32.00 20.48
N ILE B 298 -29.71 31.88 21.81
CA ILE B 298 -29.39 32.99 22.66
C ILE B 298 -27.89 32.93 22.92
N GLY B 299 -27.14 33.92 22.45
CA GLY B 299 -25.65 33.94 22.55
C GLY B 299 -25.11 33.86 21.13
N ALA B 300 -24.27 34.82 20.79
CA ALA B 300 -23.61 34.88 19.47
C ALA B 300 -22.11 34.55 19.60
N GLY B 301 -21.70 34.11 20.79
CA GLY B 301 -20.35 33.68 21.01
C GLY B 301 -19.96 32.43 20.27
N THR B 302 -18.88 31.83 20.72
CA THR B 302 -18.37 30.66 20.08
C THR B 302 -19.36 29.52 20.09
N MET B 303 -19.96 29.14 21.23
CA MET B 303 -20.95 28.04 21.19
C MET B 303 -22.19 28.39 20.36
N GLY B 304 -22.73 29.56 20.58
CA GLY B 304 -23.96 29.98 19.92
C GLY B 304 -23.78 30.04 18.43
N GLY B 305 -22.64 30.59 18.00
CA GLY B 305 -22.32 30.65 16.59
C GLY B 305 -22.26 29.27 16.04
N GLY B 306 -21.48 28.41 16.69
CA GLY B 306 -21.30 27.03 16.19
C GLY B 306 -22.58 26.20 16.14
N ILE B 307 -23.39 26.32 17.19
CA ILE B 307 -24.69 25.65 17.19
C ILE B 307 -25.54 26.11 16.00
N SER B 308 -25.66 27.43 15.82
CA SER B 308 -26.45 28.01 14.73
C SER B 308 -26.03 27.46 13.36
N MET B 309 -24.70 27.39 13.14
CA MET B 309 -24.15 26.88 11.87
C MET B 309 -24.68 25.51 11.44
N ASN B 310 -24.97 24.62 12.39
CA ASN B 310 -25.56 23.29 12.14
C ASN B 310 -26.90 23.45 11.47
N PHE B 311 -27.68 24.40 11.97
CA PHE B 311 -29.02 24.63 11.45
C PHE B 311 -28.96 25.34 10.08
N LEU B 312 -28.07 26.32 9.94
CA LEU B 312 -27.90 27.01 8.65
C LEU B 312 -27.55 25.97 7.59
N ASN B 313 -26.51 25.17 7.86
CA ASN B 313 -26.13 24.05 7.02
C ASN B 313 -27.26 23.10 6.64
N ALA B 314 -28.29 22.94 7.47
CA ALA B 314 -29.41 22.03 7.13
C ALA B 314 -30.52 22.80 6.45
N GLY B 315 -30.29 24.06 6.14
CA GLY B 315 -31.34 24.93 5.60
C GLY B 315 -32.40 25.40 6.56
N ILE B 316 -32.17 25.34 7.87
CA ILE B 316 -33.15 25.87 8.84
C ILE B 316 -32.67 27.27 9.21
N PRO B 317 -33.59 28.28 9.17
CA PRO B 317 -33.24 29.63 9.59
C PRO B 317 -33.06 29.76 11.07
N VAL B 318 -32.13 30.63 11.42
CA VAL B 318 -31.75 30.87 12.77
C VAL B 318 -31.79 32.38 13.07
N THR B 319 -32.37 32.74 14.21
CA THR B 319 -32.20 34.05 14.76
C THR B 319 -31.38 33.99 16.05
N ILE B 320 -30.26 34.72 16.09
CA ILE B 320 -29.39 34.88 17.26
C ILE B 320 -29.72 36.12 18.05
N LEU B 321 -29.95 35.97 19.34
CA LEU B 321 -30.18 37.07 20.19
C LEU B 321 -28.95 37.37 21.03
N GLU B 322 -28.58 38.66 21.12
CA GLU B 322 -27.66 39.20 22.14
C GLU B 322 -28.28 40.36 22.92
N THR B 323 -27.54 40.85 23.92
CA THR B 323 -27.95 42.06 24.63
C THR B 323 -27.40 43.25 23.85
N LYS B 324 -26.16 43.19 23.40
CA LYS B 324 -25.55 44.34 22.74
C LYS B 324 -25.14 44.05 21.29
N GLN B 325 -25.25 45.10 20.49
CA GLN B 325 -25.04 45.06 19.05
C GLN B 325 -23.62 44.62 18.64
N GLU B 326 -22.61 45.00 19.42
CA GLU B 326 -21.20 44.71 19.08
C GLU B 326 -20.86 43.23 19.14
N ALA B 327 -21.43 42.54 20.14
CA ALA B 327 -21.33 41.07 20.26
C ALA B 327 -21.96 40.34 19.08
N LEU B 328 -23.11 40.85 18.67
CA LEU B 328 -23.80 40.38 17.48
C LEU B 328 -22.96 40.55 16.18
N ASP B 329 -22.27 41.69 16.04
CA ASP B 329 -21.36 41.92 14.88
C ASP B 329 -20.15 41.01 14.94
N ARG B 330 -19.54 40.95 16.14
CA ARG B 330 -18.45 40.01 16.45
C ARG B 330 -18.85 38.56 16.05
N GLY B 331 -20.03 38.13 16.50
CA GLY B 331 -20.47 36.74 16.34
C GLY B 331 -20.73 36.32 14.91
N VAL B 332 -21.47 37.18 14.21
CA VAL B 332 -21.78 37.00 12.81
C VAL B 332 -20.47 37.02 11.99
N GLY B 333 -19.54 37.89 12.33
CA GLY B 333 -18.23 37.91 11.65
C GLY B 333 -17.44 36.63 11.83
N ILE B 334 -17.41 36.10 13.07
CA ILE B 334 -16.78 34.81 13.34
C ILE B 334 -17.34 33.70 12.45
N ILE B 335 -18.67 33.66 12.25
CA ILE B 335 -19.34 32.59 11.50
C ILE B 335 -19.01 32.72 10.00
N ARG B 336 -19.16 33.94 9.47
CA ARG B 336 -18.85 34.18 8.04
C ARG B 336 -17.44 33.74 7.79
N LYS B 337 -16.52 34.28 8.60
CA LYS B 337 -15.11 33.96 8.50
C LYS B 337 -14.86 32.46 8.63
N ASN B 338 -15.61 31.80 9.50
CA ASN B 338 -15.61 30.33 9.56
C ASN B 338 -15.98 29.64 8.25
N TYR B 339 -17.08 30.06 7.66
CA TYR B 339 -17.48 29.53 6.35
C TYR B 339 -16.46 29.86 5.23
N GLU B 340 -15.75 30.99 5.34
CA GLU B 340 -14.77 31.40 4.34
C GLU B 340 -13.37 30.75 4.50
N ASN B 341 -13.14 30.00 5.58
CA ASN B 341 -12.05 29.04 5.55
C ASN B 341 -12.49 27.97 4.58
N SER B 342 -13.64 27.38 4.87
CA SER B 342 -14.14 26.28 4.08
C SER B 342 -14.38 26.68 2.63
N ALA B 343 -14.69 27.97 2.40
CA ALA B 343 -14.87 28.50 1.05
C ALA B 343 -13.63 28.18 0.26
N LYS B 344 -12.49 28.71 0.72
CA LYS B 344 -11.20 28.39 0.10
C LYS B 344 -10.28 27.56 0.99
N LYS B 345 -10.81 26.41 1.41
CA LYS B 345 -10.04 25.18 1.60
C LYS B 345 -10.61 24.18 0.56
N GLY B 346 -11.36 24.69 -0.43
CA GLY B 346 -12.09 23.87 -1.39
C GLY B 346 -13.19 22.96 -0.86
N LYS B 347 -13.94 23.43 0.16
CA LYS B 347 -15.00 22.63 0.78
C LYS B 347 -16.42 23.07 0.46
N LEU B 348 -16.63 24.34 0.09
CA LEU B 348 -17.95 24.77 -0.42
C LEU B 348 -17.86 25.99 -1.33
N THR B 349 -18.78 26.06 -2.30
CA THR B 349 -18.84 27.19 -3.21
C THR B 349 -19.20 28.40 -2.39
N GLN B 350 -18.52 29.51 -2.66
CA GLN B 350 -18.80 30.80 -2.05
C GLN B 350 -20.29 31.19 -2.15
N GLU B 351 -21.06 30.58 -3.05
CA GLU B 351 -22.53 30.80 -3.04
C GLU B 351 -23.31 29.93 -2.05
N LYS B 352 -22.75 28.77 -1.69
CA LYS B 352 -23.28 27.96 -0.58
C LYS B 352 -23.08 28.75 0.75
N VAL B 353 -21.88 29.31 0.94
CA VAL B 353 -21.59 30.26 2.03
C VAL B 353 -22.67 31.32 2.16
N GLU B 354 -22.93 32.03 1.08
CA GLU B 354 -23.85 33.18 1.12
C GLU B 354 -25.30 32.77 1.31
N GLN B 355 -25.68 31.56 0.92
CA GLN B 355 -27.07 31.20 1.17
C GLN B 355 -27.31 30.81 2.67
N ARG B 356 -26.30 30.18 3.24
CA ARG B 356 -26.29 29.88 4.67
C ARG B 356 -26.29 31.14 5.50
N MET B 357 -25.41 32.10 5.20
CA MET B 357 -25.49 33.43 5.85
C MET B 357 -26.80 34.17 5.60
N GLY B 358 -27.47 33.84 4.49
CA GLY B 358 -28.82 34.34 4.17
C GLY B 358 -29.93 33.79 5.06
N LEU B 359 -29.69 32.60 5.65
CA LEU B 359 -30.60 32.04 6.65
C LEU B 359 -30.38 32.58 8.08
N LEU B 360 -29.38 33.43 8.28
CA LEU B 360 -29.07 33.94 9.63
C LEU B 360 -29.61 35.35 9.89
N SER B 361 -30.49 35.50 10.87
CA SER B 361 -30.93 36.80 11.33
C SER B 361 -30.50 37.07 12.73
N THR B 362 -30.48 38.34 13.09
CA THR B 362 -30.11 38.68 14.45
C THR B 362 -31.13 39.60 15.07
N THR B 363 -31.00 39.80 16.37
CA THR B 363 -31.85 40.71 17.13
C THR B 363 -31.27 41.00 18.51
N LEU B 364 -31.79 42.08 19.09
CA LEU B 364 -31.54 42.41 20.45
C LEU B 364 -32.82 42.25 21.24
N SER B 365 -33.94 41.91 20.60
CA SER B 365 -35.18 41.82 21.33
C SER B 365 -35.73 40.38 21.42
N TYR B 366 -36.00 39.96 22.65
CA TYR B 366 -36.77 38.73 22.93
C TYR B 366 -38.07 38.58 22.18
N ASP B 367 -38.71 39.70 21.81
CA ASP B 367 -39.96 39.61 21.05
C ASP B 367 -39.76 39.09 19.66
N ASP B 368 -38.55 39.18 19.09
CA ASP B 368 -38.28 38.55 17.77
C ASP B 368 -38.24 37.01 17.81
N LEU B 369 -38.33 36.44 19.00
CA LEU B 369 -38.28 35.00 19.20
C LEU B 369 -39.68 34.46 19.37
N LYS B 370 -40.71 35.31 19.27
CA LYS B 370 -42.13 34.88 19.49
C LYS B 370 -42.63 33.79 18.55
N ASP B 371 -42.01 33.60 17.39
CA ASP B 371 -42.40 32.44 16.55
C ASP B 371 -41.36 31.31 16.30
N ALA B 372 -40.26 31.31 17.07
CA ALA B 372 -39.31 30.16 17.04
C ALA B 372 -39.94 28.86 17.55
N ASP B 373 -39.65 27.77 16.86
CA ASP B 373 -40.12 26.46 17.23
C ASP B 373 -39.20 25.77 18.26
N LEU B 374 -37.92 26.16 18.25
CA LEU B 374 -36.87 25.63 19.11
C LEU B 374 -35.96 26.78 19.42
N ILE B 375 -35.76 27.04 20.72
CA ILE B 375 -34.88 28.05 21.17
C ILE B 375 -33.79 27.39 21.99
N ILE B 376 -32.53 27.62 21.63
CA ILE B 376 -31.40 27.04 22.34
C ILE B 376 -30.62 28.13 23.04
N GLU B 377 -30.60 28.05 24.36
CA GLU B 377 -29.85 29.00 25.14
C GLU B 377 -28.39 28.53 25.23
N ALA B 378 -27.47 29.46 25.00
CA ALA B 378 -26.02 29.25 25.15
C ALA B 378 -25.36 30.45 25.76
N VAL B 379 -25.85 30.87 26.90
CA VAL B 379 -25.26 31.97 27.61
C VAL B 379 -24.39 31.42 28.76
N PHE B 380 -23.99 32.32 29.67
CA PHE B 380 -22.97 32.06 30.65
C PHE B 380 -23.45 30.97 31.59
N GLU B 381 -22.54 30.03 31.95
CA GLU B 381 -22.84 28.87 32.76
C GLU B 381 -23.04 29.23 34.22
N GLU B 382 -24.13 29.89 34.55
CA GLU B 382 -24.41 30.23 35.92
C GLU B 382 -25.92 30.12 36.09
N MET B 383 -26.37 29.47 37.17
CA MET B 383 -27.81 29.25 37.37
C MET B 383 -28.66 30.54 37.35
N GLY B 384 -28.26 31.60 38.04
CA GLY B 384 -28.99 32.84 38.05
C GLY B 384 -29.21 33.48 36.68
N VAL B 385 -28.23 33.26 35.79
CA VAL B 385 -28.32 33.74 34.41
C VAL B 385 -29.32 32.90 33.61
N LYS B 386 -29.30 31.59 33.83
CA LYS B 386 -30.29 30.69 33.23
C LYS B 386 -31.68 31.07 33.65
N GLU B 387 -31.83 31.35 34.95
CA GLU B 387 -33.09 31.82 35.55
C GLU B 387 -33.63 33.02 34.77
N THR B 388 -32.85 34.08 34.66
CA THR B 388 -33.28 35.28 33.92
C THR B 388 -33.74 34.93 32.53
N VAL B 389 -32.91 34.20 31.79
CA VAL B 389 -33.20 33.86 30.39
C VAL B 389 -34.43 32.97 30.28
N PHE B 390 -34.50 31.91 31.06
CA PHE B 390 -35.67 30.98 30.92
C PHE B 390 -37.02 31.55 31.41
N LYS B 391 -37.02 32.43 32.41
CA LYS B 391 -38.23 33.23 32.77
C LYS B 391 -38.70 34.09 31.59
N LYS B 392 -37.74 34.70 30.88
CA LYS B 392 -38.06 35.49 29.69
C LYS B 392 -38.58 34.64 28.54
N LEU B 393 -37.93 33.49 28.31
CA LEU B 393 -38.33 32.61 27.24
C LEU B 393 -39.76 32.11 27.55
N ASP B 394 -40.01 31.86 28.84
CA ASP B 394 -41.32 31.30 29.24
C ASP B 394 -42.50 32.29 28.93
N GLU B 395 -42.28 33.58 29.21
CA GLU B 395 -43.22 34.68 28.86
C GLU B 395 -43.37 34.87 27.36
N VAL B 396 -42.29 34.77 26.59
CA VAL B 396 -42.29 35.16 25.18
C VAL B 396 -42.44 34.03 24.14
N ALA B 397 -41.90 32.83 24.37
CA ALA B 397 -41.98 31.76 23.33
C ALA B 397 -43.41 31.34 23.05
N LYS B 398 -43.71 31.05 21.80
CA LYS B 398 -45.06 30.54 21.49
C LYS B 398 -45.34 29.21 22.14
N GLN B 399 -46.61 28.91 22.36
CA GLN B 399 -47.00 27.62 22.91
C GLN B 399 -46.57 26.50 21.97
N GLY B 400 -45.98 25.45 22.54
CA GLY B 400 -45.37 24.37 21.74
C GLY B 400 -43.89 24.58 21.38
N ALA B 401 -43.35 25.77 21.59
CA ALA B 401 -41.92 25.99 21.38
C ALA B 401 -41.10 25.08 22.34
N ILE B 402 -40.05 24.49 21.81
CA ILE B 402 -39.11 23.69 22.67
C ILE B 402 -38.03 24.64 23.17
N LEU B 403 -37.75 24.61 24.48
CA LEU B 403 -36.80 25.51 25.10
C LEU B 403 -35.64 24.64 25.59
N ALA B 404 -34.46 24.84 25.01
CA ALA B 404 -33.38 23.92 25.20
C ALA B 404 -32.24 24.68 25.82
N SER B 405 -31.52 24.04 26.78
CA SER B 405 -30.28 24.60 27.26
C SER B 405 -29.05 23.81 26.79
N ASN B 406 -27.97 24.55 26.49
CA ASN B 406 -26.72 23.95 26.05
C ASN B 406 -25.79 23.68 27.26
N THR B 407 -26.30 23.75 28.49
CA THR B 407 -25.44 23.70 29.67
C THR B 407 -24.70 22.37 29.65
N SER B 408 -23.42 22.35 30.06
CA SER B 408 -22.75 21.06 30.49
C SER B 408 -22.77 20.81 32.05
N THR B 409 -22.75 21.84 32.88
CA THR B 409 -22.55 21.71 34.35
C THR B 409 -23.84 21.95 35.22
N LEU B 410 -25.01 22.28 34.61
CA LEU B 410 -26.17 22.71 35.41
C LEU B 410 -27.39 21.74 35.35
N ASP B 411 -28.12 21.75 36.46
CA ASP B 411 -29.27 20.84 36.66
C ASP B 411 -30.41 21.37 35.72
N VAL B 412 -30.62 20.69 34.63
CA VAL B 412 -31.68 20.95 33.68
C VAL B 412 -33.08 20.92 34.35
N ASN B 413 -33.29 20.08 35.37
CA ASN B 413 -34.58 20.14 36.11
C ASN B 413 -34.72 21.44 36.83
N LYS B 414 -33.66 21.92 37.49
CA LYS B 414 -33.77 23.24 38.10
C LYS B 414 -34.10 24.39 37.09
N ILE B 415 -33.46 24.33 35.95
CA ILE B 415 -33.74 25.23 34.87
C ILE B 415 -35.20 25.14 34.41
N ALA B 416 -35.70 23.92 34.21
CA ALA B 416 -37.09 23.71 33.80
C ALA B 416 -38.08 24.28 34.86
N SER B 417 -37.70 24.20 36.14
CA SER B 417 -38.51 24.71 37.26
C SER B 417 -38.72 26.24 37.28
N PHE B 418 -37.94 26.96 36.47
CA PHE B 418 -38.12 28.38 36.30
C PHE B 418 -39.24 28.69 35.32
N THR B 419 -39.70 27.70 34.60
CA THR B 419 -40.77 27.89 33.68
C THR B 419 -42.03 27.27 34.20
N LYS B 420 -43.16 27.65 33.60
CA LYS B 420 -44.42 26.90 33.89
C LYS B 420 -44.72 25.81 32.89
N ARG B 421 -43.76 25.52 32.03
CA ARG B 421 -43.93 24.47 31.06
C ARG B 421 -42.62 23.63 31.03
N PRO B 422 -42.35 22.89 32.14
CA PRO B 422 -41.16 22.09 32.20
C PRO B 422 -41.10 20.94 31.21
N GLN B 423 -42.28 20.54 30.73
CA GLN B 423 -42.38 19.54 29.72
C GLN B 423 -41.78 19.98 28.40
N ASP B 424 -41.66 21.27 28.20
CA ASP B 424 -41.07 21.78 26.97
C ASP B 424 -39.59 22.10 27.11
N VAL B 425 -38.97 21.68 28.23
CA VAL B 425 -37.61 22.06 28.52
C VAL B 425 -36.72 20.82 28.40
N VAL B 426 -35.60 21.00 27.70
CA VAL B 426 -34.68 19.92 27.47
C VAL B 426 -33.24 20.46 27.35
N GLY B 427 -32.27 19.58 27.56
CA GLY B 427 -30.87 19.89 27.41
C GLY B 427 -30.50 19.51 25.98
N MET B 428 -29.77 20.39 25.30
CA MET B 428 -29.15 20.03 23.98
C MET B 428 -27.70 20.47 24.10
N HIS B 429 -26.89 19.56 24.65
CA HIS B 429 -25.54 19.84 25.00
C HIS B 429 -24.65 19.50 23.78
N PHE B 430 -24.12 20.56 23.18
CA PHE B 430 -23.32 20.48 21.93
C PHE B 430 -21.88 20.52 22.35
N PHE B 431 -21.04 19.88 21.56
CA PHE B 431 -19.63 19.73 21.92
C PHE B 431 -18.77 20.67 21.07
N SER B 432 -17.89 21.45 21.71
CA SER B 432 -17.09 22.41 20.97
C SER B 432 -15.95 21.73 20.13
N PRO B 433 -15.76 22.10 18.85
CA PRO B 433 -16.58 23.16 18.13
C PRO B 433 -17.88 22.62 17.58
N ALA B 434 -18.96 23.38 17.77
CA ALA B 434 -20.33 22.79 17.77
C ALA B 434 -20.78 22.37 16.39
N ASN B 435 -20.23 23.01 15.36
CA ASN B 435 -20.52 22.65 13.99
C ASN B 435 -19.73 21.44 13.50
N VAL B 436 -18.59 21.16 14.15
CA VAL B 436 -17.77 19.96 13.82
C VAL B 436 -18.09 18.70 14.60
N MET B 437 -18.07 18.74 15.94
CA MET B 437 -18.22 17.53 16.75
C MET B 437 -19.56 16.89 16.51
N LYS B 438 -19.59 15.58 16.44
CA LYS B 438 -20.79 14.91 16.02
C LYS B 438 -21.77 14.70 17.16
N LEU B 439 -21.26 14.75 18.38
CA LEU B 439 -22.02 14.38 19.55
C LEU B 439 -23.00 15.52 19.93
N LEU B 440 -24.25 15.15 20.02
CA LEU B 440 -25.25 15.91 20.74
C LEU B 440 -25.75 15.03 21.90
N GLU B 441 -25.52 15.51 23.11
CA GLU B 441 -25.98 14.87 24.32
C GLU B 441 -27.31 15.53 24.71
N VAL B 442 -28.39 14.74 24.64
CA VAL B 442 -29.77 15.20 24.85
C VAL B 442 -30.12 14.89 26.30
N VAL B 443 -30.29 15.92 27.09
CA VAL B 443 -30.51 15.77 28.52
C VAL B 443 -32.03 15.74 28.78
N ARG B 444 -32.53 14.58 29.14
CA ARG B 444 -33.95 14.35 29.38
C ARG B 444 -34.25 14.80 30.82
N GLY B 445 -34.97 15.92 30.97
CA GLY B 445 -35.44 16.29 32.32
C GLY B 445 -36.53 15.35 32.79
N GLU B 446 -36.70 15.27 34.10
CA GLU B 446 -37.82 14.52 34.69
C GLU B 446 -39.13 14.87 33.99
N LYS B 447 -39.39 16.12 33.67
CA LYS B 447 -40.70 16.47 33.05
C LYS B 447 -40.72 16.46 31.55
N THR B 448 -39.56 16.40 30.90
CA THR B 448 -39.50 16.56 29.44
C THR B 448 -40.50 15.60 28.77
N GLY B 449 -41.32 16.15 27.88
CA GLY B 449 -42.32 15.42 27.15
C GLY B 449 -41.70 14.39 26.22
N LYS B 450 -42.40 13.26 26.09
CA LYS B 450 -41.96 12.27 25.08
C LYS B 450 -41.91 12.80 23.65
N ASP B 451 -42.88 13.65 23.30
CA ASP B 451 -42.90 14.33 22.00
C ASP B 451 -41.75 15.32 21.77
N VAL B 452 -41.33 16.02 22.83
CA VAL B 452 -40.20 16.93 22.77
C VAL B 452 -38.93 16.13 22.52
N LEU B 453 -38.77 15.00 23.22
CA LEU B 453 -37.61 14.14 23.02
C LEU B 453 -37.51 13.61 21.62
N ALA B 454 -38.61 13.09 21.14
CA ALA B 454 -38.64 12.49 19.84
C ALA B 454 -38.34 13.58 18.86
N THR B 455 -38.89 14.76 19.09
CA THR B 455 -38.57 15.93 18.26
C THR B 455 -37.07 16.28 18.22
N VAL B 456 -36.45 16.45 19.39
CA VAL B 456 -35.04 16.72 19.46
C VAL B 456 -34.16 15.62 18.77
N MET B 457 -34.55 14.36 18.85
CA MET B 457 -33.79 13.26 18.25
C MET B 457 -33.88 13.39 16.72
N GLN B 458 -35.08 13.70 16.20
CA GLN B 458 -35.32 13.94 14.74
C GLN B 458 -34.48 15.15 14.31
N VAL B 459 -34.50 16.23 15.10
CA VAL B 459 -33.68 17.38 14.83
C VAL B 459 -32.19 17.07 14.77
N GLY B 460 -31.73 16.27 15.75
CA GLY B 460 -30.34 15.83 15.83
C GLY B 460 -29.87 15.15 14.56
N LYS B 461 -30.66 14.20 14.06
CA LYS B 461 -30.40 13.51 12.79
C LYS B 461 -30.27 14.55 11.68
N LYS B 462 -31.32 15.34 11.45
CA LYS B 462 -31.34 16.37 10.42
C LYS B 462 -30.14 17.31 10.39
N ILE B 463 -29.65 17.72 11.57
CA ILE B 463 -28.40 18.51 11.61
C ILE B 463 -27.12 17.64 11.72
N LYS B 464 -27.26 16.35 11.43
CA LYS B 464 -26.12 15.42 11.29
C LYS B 464 -25.31 15.23 12.59
N LYS B 465 -26.04 15.04 13.68
CA LYS B 465 -25.38 14.77 14.96
C LYS B 465 -25.70 13.34 15.31
N THR B 466 -24.85 12.71 16.10
CA THR B 466 -25.26 11.49 16.81
C THR B 466 -25.83 11.95 18.21
N ALA B 467 -27.14 11.74 18.40
CA ALA B 467 -27.83 12.24 19.61
C ALA B 467 -27.84 11.09 20.55
N VAL B 468 -27.38 11.34 21.78
CA VAL B 468 -27.44 10.32 22.81
C VAL B 468 -28.16 10.91 24.03
N VAL B 469 -29.09 10.15 24.56
CA VAL B 469 -29.94 10.59 25.66
C VAL B 469 -29.25 10.32 27.01
N SER B 470 -29.04 11.38 27.79
CA SER B 470 -28.62 11.28 29.20
C SER B 470 -29.75 11.73 30.16
N GLY B 471 -29.88 11.10 31.32
CA GLY B 471 -30.67 11.71 32.44
C GLY B 471 -29.88 12.82 33.12
N VAL B 472 -30.50 13.41 34.15
CA VAL B 472 -29.93 14.51 34.85
C VAL B 472 -29.05 14.05 35.99
N CYS B 473 -27.79 14.42 35.91
CA CYS B 473 -26.81 14.28 37.00
C CYS B 473 -25.73 15.29 36.66
N ASP B 474 -24.86 15.56 37.62
CA ASP B 474 -23.74 16.42 37.39
C ASP B 474 -22.83 15.79 36.29
N GLY B 475 -22.65 16.52 35.19
CA GLY B 475 -21.82 16.11 34.09
C GLY B 475 -22.47 15.16 33.09
N PHE B 476 -23.75 14.82 33.27
CA PHE B 476 -24.49 13.90 32.36
C PHE B 476 -23.68 12.58 32.16
N ILE B 477 -23.41 12.14 30.91
CA ILE B 477 -22.57 10.94 30.68
C ILE B 477 -21.15 11.36 30.44
N GLY B 478 -20.96 12.21 29.45
CA GLY B 478 -19.64 12.57 28.94
C GLY B 478 -18.66 13.17 29.93
N ASN B 479 -19.03 14.34 30.45
CA ASN B 479 -18.10 15.07 31.31
C ASN B 479 -18.05 14.40 32.70
N ARG B 480 -19.10 13.70 33.08
CA ARG B 480 -19.04 12.97 34.38
C ARG B 480 -17.92 11.89 34.30
N MET B 481 -17.84 11.20 33.17
CA MET B 481 -16.79 10.18 32.96
C MET B 481 -15.44 10.81 32.82
N ILE B 482 -15.33 11.86 32.02
CA ILE B 482 -14.04 12.44 31.74
C ILE B 482 -13.35 13.01 32.99
N GLU B 483 -14.14 13.45 33.95
CA GLU B 483 -13.53 13.98 35.19
C GLU B 483 -12.81 12.88 35.93
N GLN B 484 -13.33 11.67 35.93
CA GLN B 484 -12.57 10.55 36.56
C GLN B 484 -11.26 10.23 35.83
N TYR B 485 -11.27 10.28 34.49
CA TYR B 485 -10.09 10.11 33.66
C TYR B 485 -9.07 11.21 33.96
N SER B 486 -9.54 12.45 33.96
CA SER B 486 -8.68 13.62 34.29
C SER B 486 -8.04 13.52 35.65
N ARG B 487 -8.83 13.12 36.60
CA ARG B 487 -8.39 12.86 37.96
C ARG B 487 -7.24 11.85 38.00
N GLN B 488 -7.39 10.71 37.29
CA GLN B 488 -6.27 9.73 37.20
C GLN B 488 -5.05 10.31 36.57
N ALA B 489 -5.19 11.13 35.58
CA ALA B 489 -4.01 11.76 34.93
C ALA B 489 -3.20 12.60 35.85
N GLY B 490 -3.90 13.44 36.62
CA GLY B 490 -3.29 14.29 37.62
C GLY B 490 -2.54 13.49 38.66
N TYR B 491 -3.15 12.43 39.19
CA TYR B 491 -2.47 11.55 40.11
C TYR B 491 -1.24 10.84 39.51
N LEU B 492 -1.28 10.49 38.23
CA LEU B 492 -0.10 9.91 37.58
C LEU B 492 1.07 10.89 37.63
N LEU B 493 0.81 12.18 37.38
CA LEU B 493 1.81 13.19 37.60
C LEU B 493 2.41 13.12 38.99
N ASP B 494 1.57 13.09 40.01
CA ASP B 494 2.06 13.07 41.39
C ASP B 494 3.00 11.89 41.58
N GLU B 495 2.59 10.70 41.13
CA GLU B 495 3.38 9.47 41.34
C GLU B 495 4.63 9.32 40.54
N GLY B 496 4.70 9.98 39.40
CA GLY B 496 5.86 9.85 38.56
C GLY B 496 5.84 10.16 37.09
N ALA B 497 4.71 10.55 36.53
CA ALA B 497 4.69 10.77 35.12
C ALA B 497 4.83 12.22 34.82
N LEU B 498 4.99 12.52 33.56
CA LEU B 498 4.98 13.85 33.01
C LEU B 498 3.91 13.95 31.91
N PRO B 499 3.52 15.19 31.52
CA PRO B 499 2.43 15.34 30.61
C PRO B 499 2.59 14.69 29.22
N GLU B 500 3.74 14.87 28.57
CA GLU B 500 3.98 14.28 27.26
C GLU B 500 3.94 12.74 27.31
N GLN B 501 4.61 12.15 28.26
CA GLN B 501 4.50 10.77 28.54
C GLN B 501 3.04 10.24 28.57
N VAL B 502 2.23 10.85 29.42
CA VAL B 502 0.83 10.43 29.54
C VAL B 502 0.09 10.60 28.21
N ASP B 503 0.28 11.72 27.53
CA ASP B 503 -0.51 11.98 26.33
C ASP B 503 -0.11 10.98 25.19
N LYS B 504 1.20 10.71 25.07
CA LYS B 504 1.76 9.79 24.06
C LYS B 504 1.23 8.38 24.30
N ALA B 505 1.27 7.92 25.53
CA ALA B 505 0.76 6.58 25.85
C ALA B 505 -0.70 6.34 25.49
N ILE B 506 -1.52 7.32 25.80
CA ILE B 506 -2.95 7.16 25.60
C ILE B 506 -3.30 7.40 24.12
N GLU B 507 -2.54 8.30 23.49
CA GLU B 507 -2.65 8.51 22.04
C GLU B 507 -2.21 7.26 21.24
N LYS B 508 -1.24 6.54 21.75
CA LYS B 508 -0.79 5.29 21.16
C LYS B 508 -1.90 4.22 21.24
N PHE B 509 -2.52 4.10 22.41
CA PHE B 509 -3.67 3.29 22.60
C PHE B 509 -4.73 3.59 21.59
N GLY B 510 -4.79 4.81 21.08
CA GLY B 510 -5.74 5.14 20.03
C GLY B 510 -6.57 6.43 20.21
N PHE B 511 -6.52 7.07 21.39
CA PHE B 511 -7.19 8.42 21.57
C PHE B 511 -6.61 9.42 20.61
N ALA B 512 -7.47 10.27 20.07
CA ALA B 512 -7.09 11.36 19.19
C ALA B 512 -6.20 12.38 19.91
N MET B 513 -6.41 12.57 21.20
CA MET B 513 -5.66 13.60 21.95
C MET B 513 -5.68 13.24 23.43
N GLY B 514 -4.50 13.16 24.06
CA GLY B 514 -4.40 12.87 25.49
C GLY B 514 -4.90 14.04 26.37
N PRO B 515 -5.03 13.81 27.66
CA PRO B 515 -5.69 14.70 28.60
C PRO B 515 -4.95 16.02 28.81
N PHE B 516 -3.63 16.08 28.71
CA PHE B 516 -2.90 17.35 28.87
C PHE B 516 -3.01 18.26 27.68
N ARG B 517 -2.99 17.70 26.46
CA ARG B 517 -3.23 18.53 25.28
C ARG B 517 -4.66 19.04 25.29
N MET B 518 -5.57 18.18 25.73
CA MET B 518 -7.00 18.45 25.72
C MET B 518 -7.28 19.63 26.70
N GLY B 519 -6.72 19.54 27.90
CA GLY B 519 -6.77 20.62 28.92
C GLY B 519 -6.33 21.97 28.34
N ASP B 520 -5.20 21.97 27.63
CA ASP B 520 -4.66 23.20 27.01
C ASP B 520 -5.52 23.72 25.88
N LEU B 521 -6.19 22.81 25.17
CA LEU B 521 -7.07 23.20 24.09
C LEU B 521 -8.40 23.79 24.63
N ALA B 522 -8.95 23.19 25.68
CA ALA B 522 -10.16 23.72 26.31
C ALA B 522 -9.91 25.05 27.04
N GLY B 523 -8.74 25.18 27.63
CA GLY B 523 -8.46 26.20 28.68
C GLY B 523 -8.42 25.54 30.05
N ASN B 524 -7.24 25.40 30.65
CA ASN B 524 -7.08 24.83 31.99
C ASN B 524 -7.74 25.62 33.16
N ASP B 525 -8.06 26.90 32.90
CA ASP B 525 -8.76 27.79 33.86
C ASP B 525 -10.19 27.36 34.09
N ILE B 526 -10.80 26.77 33.07
CA ILE B 526 -12.17 26.30 33.22
C ILE B 526 -12.29 25.27 34.33
N GLY B 527 -11.44 24.27 34.27
CA GLY B 527 -11.43 23.27 35.29
C GLY B 527 -11.03 23.82 36.64
N TRP B 528 -10.08 24.76 36.63
CA TRP B 528 -9.61 25.50 37.83
C TRP B 528 -10.75 26.10 38.63
N ALA B 529 -11.57 26.91 37.96
CA ALA B 529 -12.67 27.63 38.64
C ALA B 529 -13.64 26.65 39.27
N ILE B 530 -13.93 25.58 38.53
CA ILE B 530 -14.78 24.48 39.00
C ILE B 530 -14.21 23.78 40.27
N ARG B 531 -12.94 23.35 40.24
CA ARG B 531 -12.31 22.69 41.44
C ARG B 531 -12.31 23.60 42.71
N LYS B 532 -12.06 24.89 42.49
CA LYS B 532 -12.13 25.91 43.55
C LYS B 532 -13.57 25.98 44.12
N ARG B 533 -14.58 25.75 43.27
CA ARG B 533 -15.95 25.47 43.74
C ARG B 533 -16.13 24.12 44.49
N ARG B 534 -15.82 22.97 43.89
CA ARG B 534 -15.88 21.69 44.64
C ARG B 534 -15.19 21.72 46.03
N ALA B 535 -14.12 22.50 46.14
CA ALA B 535 -13.34 22.54 47.36
C ALA B 535 -14.02 23.35 48.51
N VAL B 536 -14.75 24.43 48.18
CA VAL B 536 -15.61 25.17 49.16
C VAL B 536 -16.84 24.29 49.51
N ASP B 537 -17.37 23.54 48.54
CA ASP B 537 -18.48 22.62 48.77
C ASP B 537 -17.99 21.32 49.39
N LYS B 538 -17.67 20.32 48.58
CA LYS B 538 -17.41 18.98 49.06
C LYS B 538 -15.91 18.86 49.29
N PRO B 539 -15.40 19.38 50.43
CA PRO B 539 -13.95 19.51 50.49
C PRO B 539 -13.27 18.15 50.62
N GLU B 540 -14.04 17.06 50.54
CA GLU B 540 -13.51 15.71 50.61
C GLU B 540 -12.85 15.17 49.34
N ILE B 541 -13.29 15.60 48.14
CA ILE B 541 -12.75 14.99 46.90
C ILE B 541 -11.39 15.58 46.65
N GLN B 542 -10.46 14.74 46.24
CA GLN B 542 -9.06 15.07 46.40
C GLN B 542 -8.19 14.90 45.13
N TYR B 543 -8.20 15.89 44.26
CA TYR B 543 -7.55 15.90 42.98
C TYR B 543 -6.08 16.30 43.15
N SER B 544 -5.27 16.01 42.14
CA SER B 544 -3.90 16.42 42.20
C SER B 544 -3.90 17.96 42.13
N LYS B 545 -3.14 18.55 43.06
CA LYS B 545 -2.87 20.01 43.12
C LYS B 545 -2.12 20.53 41.90
N THR B 546 -1.48 19.63 41.17
CA THR B 546 -0.73 19.99 39.97
C THR B 546 -1.47 20.87 38.99
N ALA B 547 -2.75 20.64 38.68
CA ALA B 547 -3.45 21.56 37.73
C ALA B 547 -3.74 22.96 38.35
N ASP B 548 -3.79 23.03 39.68
CA ASP B 548 -4.06 24.34 40.36
C ASP B 548 -2.81 25.20 40.22
N LEU B 549 -1.70 24.60 40.64
CA LEU B 549 -0.38 25.14 40.49
C LEU B 549 -0.04 25.62 39.09
N LEU B 550 -0.47 24.87 38.06
CA LEU B 550 -0.33 25.33 36.69
C LEU B 550 -1.14 26.59 36.42
N CYS B 551 -2.39 26.64 36.85
CA CYS B 551 -3.23 27.81 36.56
C CYS B 551 -2.73 29.13 37.30
N GLU B 552 -2.14 28.92 38.47
CA GLU B 552 -1.57 30.00 39.29
C GLU B 552 -0.39 30.64 38.59
N MET B 553 0.25 29.87 37.68
CA MET B 553 1.27 30.43 36.85
C MET B 553 0.66 31.18 35.67
N GLY B 554 -0.65 31.30 35.56
CA GLY B 554 -1.28 31.94 34.42
C GLY B 554 -1.29 31.13 33.11
N ARG B 555 -0.94 29.85 33.20
CA ARG B 555 -0.69 28.98 32.04
C ARG B 555 -1.97 28.20 31.66
N PHE B 556 -2.88 28.90 30.99
CA PHE B 556 -4.18 28.42 30.65
C PHE B 556 -4.29 27.60 29.35
N GLY B 557 -3.18 27.41 28.62
CA GLY B 557 -3.23 26.65 27.35
C GLY B 557 -3.00 27.45 26.09
N GLN B 558 -3.64 26.98 25.02
CA GLN B 558 -3.33 27.49 23.67
C GLN B 558 -3.73 28.95 23.56
N LYS B 559 -4.76 29.34 24.31
CA LYS B 559 -5.21 30.73 24.32
C LYS B 559 -4.16 31.66 24.93
N THR B 560 -3.30 31.16 25.81
CA THR B 560 -2.18 31.94 26.31
C THR B 560 -0.86 31.65 25.63
N GLY B 561 -0.79 30.61 24.80
CA GLY B 561 0.49 30.15 24.23
C GLY B 561 1.23 29.25 25.19
N ALA B 562 0.60 28.91 26.32
CA ALA B 562 1.35 28.36 27.45
C ALA B 562 0.36 27.68 28.37
N GLY B 563 0.50 26.35 28.44
CA GLY B 563 -0.34 25.48 29.25
C GLY B 563 0.60 24.46 29.82
N TRP B 564 0.17 23.19 29.98
CA TRP B 564 1.05 22.04 30.27
C TRP B 564 2.26 22.02 29.33
N TYR B 565 2.08 22.57 28.14
CA TYR B 565 3.09 22.69 27.08
C TYR B 565 3.13 24.10 26.57
N ASP B 566 4.21 24.48 25.86
CA ASP B 566 4.21 25.78 25.13
C ASP B 566 3.74 25.59 23.69
N TYR B 567 2.97 26.56 23.18
CA TYR B 567 2.55 26.68 21.79
C TYR B 567 3.21 27.87 21.04
N LYS B 568 3.45 27.68 19.74
CA LYS B 568 4.02 28.71 18.83
C LYS B 568 3.04 28.91 17.69
N ALA B 569 2.77 30.16 17.28
CA ALA B 569 1.68 30.45 16.30
C ALA B 569 1.91 29.70 14.97
N GLY B 570 0.84 29.06 14.46
CA GLY B 570 0.90 28.16 13.30
C GLY B 570 1.87 26.99 13.38
N ASP B 571 2.29 26.59 14.58
CA ASP B 571 3.08 25.37 14.78
C ASP B 571 2.22 24.44 15.66
N ARG B 572 1.84 23.29 15.10
CA ARG B 572 0.89 22.36 15.76
C ARG B 572 1.49 21.51 16.88
N LYS B 573 2.80 21.44 16.99
CA LYS B 573 3.48 20.74 18.09
C LYS B 573 3.22 21.42 19.44
N PRO B 574 2.72 20.64 20.43
CA PRO B 574 2.88 20.94 21.85
C PRO B 574 4.29 20.66 22.38
N TYR B 575 4.95 21.69 22.89
CA TYR B 575 6.35 21.60 23.35
C TYR B 575 6.41 21.41 24.86
N PRO B 576 7.11 20.41 25.34
CA PRO B 576 7.22 20.35 26.77
C PRO B 576 7.97 21.56 27.34
N ASN B 577 7.73 21.86 28.61
CA ASN B 577 8.13 23.13 29.26
C ASN B 577 8.81 22.76 30.55
N GLN B 578 10.01 23.33 30.79
CA GLN B 578 10.86 22.90 31.90
C GLN B 578 10.29 23.36 33.28
N GLN B 579 9.71 24.54 33.27
CA GLN B 579 9.05 25.05 34.48
C GLN B 579 7.93 24.12 34.93
N VAL B 580 7.10 23.68 33.96
CA VAL B 580 5.94 22.82 34.26
C VAL B 580 6.48 21.54 34.84
N ASN B 581 7.48 20.96 34.18
CA ASN B 581 8.06 19.69 34.67
C ASN B 581 8.70 19.79 36.06
N ASP B 582 9.45 20.86 36.29
CA ASP B 582 9.96 21.20 37.65
C ASP B 582 8.87 21.27 38.70
N MET B 583 7.80 21.98 38.38
CA MET B 583 6.64 22.06 39.30
C MET B 583 6.11 20.71 39.71
N ILE B 584 6.04 19.80 38.74
CA ILE B 584 5.47 18.46 38.99
C ILE B 584 6.38 17.68 39.93
N VAL B 585 7.66 17.73 39.59
CA VAL B 585 8.76 17.03 40.33
C VAL B 585 8.83 17.57 41.75
N GLN B 586 8.88 18.90 41.84
CA GLN B 586 8.84 19.68 43.12
C GLN B 586 7.61 19.18 43.87
N HIS B 587 6.46 19.12 43.18
CA HIS B 587 5.21 18.78 43.87
C HIS B 587 5.16 17.39 44.47
N SER B 588 5.78 16.42 43.79
CA SER B 588 5.99 15.08 44.36
C SER B 588 6.86 15.13 45.65
N LYS B 589 7.95 15.91 45.60
CA LYS B 589 8.76 16.24 46.81
C LYS B 589 7.82 16.68 47.94
N ASP B 590 7.03 17.70 47.66
CA ASP B 590 6.19 18.26 48.68
C ASP B 590 5.20 17.25 49.21
N LEU B 591 4.67 16.36 48.34
CA LEU B 591 3.69 15.38 48.79
C LEU B 591 4.26 14.30 49.65
N GLY B 592 5.58 14.19 49.66
CA GLY B 592 6.29 13.15 50.40
C GLY B 592 6.35 11.89 49.58
N ILE B 593 6.46 12.04 48.25
CA ILE B 593 6.40 10.88 47.29
C ILE B 593 7.71 10.69 46.55
N THR B 594 8.21 9.46 46.54
CA THR B 594 9.35 9.10 45.68
C THR B 594 8.87 8.72 44.28
N ARG B 595 9.26 9.47 43.27
CA ARG B 595 8.76 9.25 41.92
C ARG B 595 9.17 7.87 41.39
N ARG B 596 8.33 7.27 40.55
CA ARG B 596 8.61 5.98 39.92
C ARG B 596 8.42 6.06 38.41
N LYS B 597 8.99 5.09 37.71
CA LYS B 597 8.79 4.92 36.27
C LYS B 597 7.41 4.29 36.17
N ILE B 598 6.50 4.95 35.49
CA ILE B 598 5.19 4.39 35.26
C ILE B 598 5.12 3.96 33.80
N SER B 599 4.73 2.70 33.59
CA SER B 599 4.64 2.15 32.23
C SER B 599 3.47 2.73 31.48
N ASP B 600 3.60 2.75 30.16
CA ASP B 600 2.49 3.00 29.27
C ASP B 600 1.24 2.18 29.60
N GLU B 601 1.42 0.95 30.05
CA GLU B 601 0.30 0.05 30.27
C GLU B 601 -0.53 0.43 31.50
N GLU B 602 0.16 0.81 32.59
CA GLU B 602 -0.53 1.38 33.75
C GLU B 602 -1.26 2.71 33.33
N ILE B 603 -0.63 3.56 32.57
CA ILE B 603 -1.18 4.83 32.19
C ILE B 603 -2.50 4.55 31.49
N VAL B 604 -2.47 3.56 30.60
CA VAL B 604 -3.64 3.30 29.80
C VAL B 604 -4.68 2.70 30.69
N GLU B 605 -4.33 1.74 31.52
CA GLU B 605 -5.33 1.14 32.38
C GLU B 605 -6.00 2.16 33.36
N ARG B 606 -5.17 2.99 33.96
CA ARG B 606 -5.67 3.87 34.96
C ARG B 606 -6.62 4.83 34.28
N LEU B 607 -6.27 5.38 33.13
CA LEU B 607 -7.15 6.30 32.43
C LEU B 607 -8.42 5.66 31.94
N VAL B 608 -8.32 4.53 31.25
CA VAL B 608 -9.47 3.91 30.62
C VAL B 608 -10.33 3.28 31.63
N PHE B 609 -9.74 2.57 32.62
CA PHE B 609 -10.58 1.89 33.59
C PHE B 609 -11.31 2.87 34.53
N ALA B 610 -10.76 4.06 34.72
CA ALA B 610 -11.51 5.14 35.38
C ALA B 610 -12.78 5.49 34.60
N LEU B 611 -12.67 5.59 33.28
CA LEU B 611 -13.82 5.79 32.43
C LEU B 611 -14.83 4.66 32.56
N VAL B 612 -14.34 3.42 32.54
CA VAL B 612 -15.20 2.26 32.63
C VAL B 612 -16.02 2.18 33.94
N ASN B 613 -15.31 2.37 35.03
CA ASN B 613 -15.95 2.29 36.35
C ASN B 613 -17.05 3.35 36.51
N GLU B 614 -16.81 4.58 36.04
CA GLU B 614 -17.84 5.63 36.16
C GLU B 614 -18.98 5.31 35.20
N GLY B 615 -18.70 4.77 34.03
CA GLY B 615 -19.77 4.34 33.17
C GLY B 615 -20.68 3.30 33.76
N ALA B 616 -20.09 2.37 34.51
CA ALA B 616 -20.89 1.33 35.18
C ALA B 616 -21.83 1.92 36.26
N ARG B 617 -21.36 2.94 36.98
CA ARG B 617 -22.22 3.75 37.88
C ARG B 617 -23.37 4.42 37.11
N ILE B 618 -23.02 5.11 36.02
CA ILE B 618 -24.04 5.70 35.12
C ILE B 618 -25.07 4.66 34.66
N LEU B 619 -24.65 3.45 34.28
CA LEU B 619 -25.62 2.46 33.83
C LEU B 619 -26.49 2.03 35.00
N GLU B 620 -25.88 1.89 36.16
CA GLU B 620 -26.65 1.37 37.30
C GLU B 620 -27.75 2.34 37.73
N GLU B 621 -27.42 3.62 37.70
CA GLU B 621 -28.34 4.69 37.98
C GLU B 621 -29.36 4.92 36.87
N GLY B 622 -29.20 4.31 35.70
CA GLY B 622 -30.11 4.59 34.59
C GLY B 622 -29.85 5.97 33.99
N ILE B 623 -28.71 6.59 34.26
CA ILE B 623 -28.42 7.86 33.57
C ILE B 623 -28.21 7.64 32.05
N ALA B 624 -27.63 6.50 31.69
CA ALA B 624 -27.62 6.04 30.29
C ALA B 624 -28.44 4.78 30.21
N SER B 625 -29.21 4.64 29.16
CA SER B 625 -30.06 3.47 29.07
C SER B 625 -29.35 2.19 28.64
N LYS B 626 -28.15 2.25 28.08
CA LYS B 626 -27.45 1.04 27.60
C LYS B 626 -25.98 1.34 27.36
N ALA B 627 -25.13 0.32 27.53
CA ALA B 627 -23.67 0.54 27.47
C ALA B 627 -23.29 1.13 26.14
N SER B 628 -23.96 0.67 25.09
CA SER B 628 -23.56 1.16 23.76
C SER B 628 -23.66 2.68 23.63
N ASP B 629 -24.62 3.31 24.33
CA ASP B 629 -24.74 4.76 24.32
C ASP B 629 -23.56 5.46 24.94
N ILE B 630 -23.05 4.94 26.04
CA ILE B 630 -21.82 5.42 26.61
C ILE B 630 -20.71 5.35 25.57
N ASP B 631 -20.64 4.24 24.83
CA ASP B 631 -19.53 4.12 23.83
C ASP B 631 -19.67 5.12 22.70
N MET B 632 -20.91 5.41 22.27
CA MET B 632 -21.12 6.39 21.24
C MET B 632 -20.73 7.75 21.67
N VAL B 633 -21.05 8.12 22.92
CA VAL B 633 -20.55 9.36 23.49
C VAL B 633 -19.04 9.46 23.41
N TYR B 634 -18.34 8.40 23.77
CA TYR B 634 -16.84 8.43 23.83
C TYR B 634 -16.24 8.43 22.40
N LEU B 635 -16.85 7.70 21.47
CA LEU B 635 -16.40 7.70 20.05
C LEU B 635 -16.62 9.07 19.39
N THR B 636 -17.79 9.70 19.67
CA THR B 636 -18.19 10.95 18.98
C THR B 636 -17.86 12.25 19.70
N GLY B 637 -17.50 12.17 21.00
CA GLY B 637 -17.22 13.38 21.74
C GLY B 637 -15.81 13.46 22.27
N TYR B 638 -15.13 12.32 22.50
CA TYR B 638 -13.90 12.31 23.31
C TYR B 638 -12.74 11.65 22.57
N GLY B 639 -12.93 11.35 21.28
CA GLY B 639 -11.80 10.86 20.42
C GLY B 639 -11.29 9.51 20.80
N PHE B 640 -12.17 8.70 21.38
CA PHE B 640 -11.86 7.31 21.80
C PHE B 640 -11.75 6.47 20.48
N PRO B 641 -10.78 5.55 20.43
CA PRO B 641 -10.45 4.87 19.15
C PRO B 641 -11.55 4.01 18.61
N LEU B 642 -11.98 4.35 17.42
CA LEU B 642 -12.97 3.54 16.71
C LEU B 642 -12.63 2.07 16.65
N PHE B 643 -11.36 1.72 16.44
CA PHE B 643 -10.99 0.31 16.32
C PHE B 643 -11.11 -0.53 17.60
N ARG B 644 -11.28 0.17 18.74
CA ARG B 644 -11.65 -0.51 20.00
C ARG B 644 -13.10 -0.36 20.47
N GLY B 645 -13.92 0.40 19.76
CA GLY B 645 -15.36 0.32 19.91
C GLY B 645 -15.92 1.25 21.00
N GLY B 646 -15.18 1.47 22.05
CA GLY B 646 -15.62 2.37 23.15
C GLY B 646 -15.12 1.83 24.48
N PRO B 647 -15.19 2.65 25.54
CA PRO B 647 -14.65 2.18 26.82
C PRO B 647 -15.32 0.95 27.32
N MET B 648 -16.63 0.84 27.15
CA MET B 648 -17.34 -0.30 27.64
C MET B 648 -17.13 -1.65 26.84
N LEU B 649 -17.19 -1.61 25.54
CA LEU B 649 -16.81 -2.74 24.74
C LEU B 649 -15.36 -3.12 25.03
N TYR B 650 -14.44 -2.16 25.17
CA TYR B 650 -13.08 -2.48 25.47
C TYR B 650 -12.96 -3.21 26.79
N ALA B 651 -13.70 -2.77 27.82
CA ALA B 651 -13.77 -3.56 29.02
C ALA B 651 -14.25 -4.99 28.80
N ASP B 652 -15.36 -5.17 28.09
CA ASP B 652 -15.82 -6.53 27.78
C ASP B 652 -14.69 -7.34 27.06
N GLN B 653 -13.86 -6.68 26.24
CA GLN B 653 -12.85 -7.35 25.41
C GLN B 653 -11.69 -7.80 26.33
N VAL B 654 -11.30 -6.97 27.28
CA VAL B 654 -10.29 -7.28 28.28
C VAL B 654 -10.75 -8.38 29.23
N GLY B 655 -12.04 -8.35 29.54
CA GLY B 655 -12.68 -9.21 30.47
C GLY B 655 -12.93 -8.50 31.75
N LEU B 656 -14.19 -8.39 32.18
CA LEU B 656 -14.55 -7.64 33.33
C LEU B 656 -13.89 -8.15 34.60
N TYR B 657 -13.78 -9.48 34.72
CA TYR B 657 -12.95 -10.10 35.77
C TYR B 657 -11.60 -9.43 35.86
N ASN B 658 -10.93 -9.26 34.72
CA ASN B 658 -9.59 -8.67 34.71
C ASN B 658 -9.59 -7.14 35.00
N VAL B 659 -10.67 -6.47 34.61
CA VAL B 659 -10.77 -5.05 34.87
C VAL B 659 -10.88 -4.89 36.42
N ALA B 660 -11.81 -5.62 37.01
CA ALA B 660 -11.99 -5.65 38.43
C ALA B 660 -10.75 -6.02 39.21
N LEU B 661 -10.10 -7.12 38.80
CA LEU B 661 -8.79 -7.46 39.34
C LEU B 661 -7.81 -6.27 39.32
N SER B 662 -7.68 -5.53 38.24
CA SER B 662 -6.72 -4.44 38.21
C SER B 662 -7.19 -3.30 39.13
N MET B 663 -8.50 -3.03 39.13
CA MET B 663 -9.04 -2.01 40.00
C MET B 663 -8.74 -2.36 41.49
N LYS B 664 -8.95 -3.61 41.90
CA LYS B 664 -8.60 -3.99 43.28
C LYS B 664 -7.15 -3.75 43.61
N ARG B 665 -6.28 -3.91 42.65
CA ARG B 665 -4.86 -3.64 42.88
C ARG B 665 -4.57 -2.11 43.00
N TYR B 666 -5.15 -1.29 42.13
CA TYR B 666 -4.93 0.14 42.17
C TYR B 666 -5.58 0.73 43.44
N ALA B 667 -6.62 0.07 43.92
CA ALA B 667 -7.25 0.41 45.18
C ALA B 667 -6.29 0.32 46.36
N LYS B 668 -5.24 -0.51 46.24
CA LYS B 668 -4.21 -0.62 47.27
C LYS B 668 -3.17 0.48 47.22
N GLY B 669 -3.17 1.32 46.17
CA GLY B 669 -2.13 2.30 45.98
C GLY B 669 -2.56 3.72 46.38
N TYR B 670 -1.96 4.68 45.70
CA TYR B 670 -2.18 6.11 45.86
C TYR B 670 -3.59 6.39 45.45
N HIS B 671 -4.33 6.93 46.42
CA HIS B 671 -5.67 7.40 46.20
C HIS B 671 -6.60 6.28 45.76
N GLY B 672 -6.63 5.25 46.57
CA GLY B 672 -7.35 4.02 46.26
C GLY B 672 -8.83 4.06 46.49
N GLU B 673 -9.28 5.04 47.26
CA GLU B 673 -10.69 5.42 47.25
C GLU B 673 -11.17 5.68 45.83
N ALA B 674 -10.32 6.09 44.88
CA ALA B 674 -10.79 6.23 43.46
C ALA B 674 -11.06 4.87 42.76
N TRP B 675 -10.86 3.74 43.45
CA TRP B 675 -10.90 2.44 42.81
C TRP B 675 -11.73 1.39 43.46
N GLN B 676 -12.76 1.79 44.17
CA GLN B 676 -13.79 0.90 44.56
C GLN B 676 -14.51 0.49 43.28
N VAL B 677 -14.75 -0.81 43.12
CA VAL B 677 -15.33 -1.33 41.90
C VAL B 677 -16.83 -1.05 41.89
N ALA B 678 -17.31 -0.41 40.81
CA ALA B 678 -18.67 -0.14 40.67
C ALA B 678 -19.46 -1.44 40.77
N PRO B 679 -20.59 -1.46 41.53
CA PRO B 679 -21.27 -2.69 41.82
C PRO B 679 -21.75 -3.44 40.59
N LEU B 680 -22.18 -2.74 39.55
CA LEU B 680 -22.63 -3.40 38.31
C LEU B 680 -21.44 -4.12 37.69
N LEU B 681 -20.29 -3.48 37.68
CA LEU B 681 -19.09 -4.06 37.11
C LEU B 681 -18.66 -5.33 37.88
N GLN B 682 -18.72 -5.29 39.22
CA GLN B 682 -18.41 -6.46 40.07
C GLN B 682 -19.41 -7.55 39.82
N LYS B 683 -20.69 -7.22 39.79
CA LYS B 683 -21.70 -8.23 39.54
C LYS B 683 -21.52 -8.91 38.16
N LEU B 684 -21.37 -8.13 37.09
CA LEU B 684 -21.17 -8.71 35.75
C LEU B 684 -19.93 -9.57 35.70
N ALA B 685 -18.82 -9.06 36.26
CA ALA B 685 -17.58 -9.80 36.42
C ALA B 685 -17.80 -11.14 37.07
N ASP B 686 -18.50 -11.13 38.21
CA ASP B 686 -18.81 -12.37 38.94
C ASP B 686 -19.67 -13.36 38.12
N GLU B 687 -20.58 -12.87 37.30
CA GLU B 687 -21.47 -13.73 36.56
C GLU B 687 -20.92 -14.16 35.19
N GLY B 688 -19.66 -13.81 34.89
CA GLY B 688 -19.10 -14.13 33.57
C GLY B 688 -19.71 -13.35 32.39
N LYS B 689 -20.32 -12.20 32.67
CA LYS B 689 -20.94 -11.42 31.62
C LYS B 689 -20.17 -10.12 31.33
N GLY B 690 -20.55 -9.50 30.23
CA GLY B 690 -20.04 -8.23 29.75
C GLY B 690 -21.12 -7.16 29.88
N PHE B 691 -20.71 -5.92 29.80
CA PHE B 691 -21.66 -4.82 29.68
C PHE B 691 -22.57 -4.89 28.47
N ASN B 692 -22.02 -5.25 27.30
CA ASN B 692 -22.79 -5.27 26.06
C ASN B 692 -23.45 -6.61 25.80
N GLY B 693 -23.20 -7.62 26.62
CA GLY B 693 -24.25 -8.62 26.87
C GLY B 693 -24.91 -9.26 25.67
#